data_3TMO
# 
_entry.id   3TMO 
# 
_audit_conform.dict_name       mmcif_pdbx.dic 
_audit_conform.dict_version    5.399 
_audit_conform.dict_location   http://mmcif.pdb.org/dictionaries/ascii/mmcif_pdbx.dic 
# 
loop_
_database_2.database_id 
_database_2.database_code 
_database_2.pdbx_database_accession 
_database_2.pdbx_DOI 
PDB   3TMO         pdb_00003tmo 10.2210/pdb3tmo/pdb 
RCSB  RCSB067663   ?            ?                   
WWPDB D_1000067663 ?            ?                   
# 
loop_
_pdbx_audit_revision_history.ordinal 
_pdbx_audit_revision_history.data_content_type 
_pdbx_audit_revision_history.major_revision 
_pdbx_audit_revision_history.minor_revision 
_pdbx_audit_revision_history.revision_date 
1 'Structure model' 1 0 2012-01-11 
2 'Structure model' 1 1 2012-02-29 
3 'Structure model' 1 2 2024-11-20 
# 
_pdbx_audit_revision_details.ordinal             1 
_pdbx_audit_revision_details.revision_ordinal    1 
_pdbx_audit_revision_details.data_content_type   'Structure model' 
_pdbx_audit_revision_details.provider            repository 
_pdbx_audit_revision_details.type                'Initial release' 
_pdbx_audit_revision_details.description         ? 
_pdbx_audit_revision_details.details             ? 
# 
loop_
_pdbx_audit_revision_group.ordinal 
_pdbx_audit_revision_group.revision_ordinal 
_pdbx_audit_revision_group.data_content_type 
_pdbx_audit_revision_group.group 
1 2 'Structure model' 'Database references'  
2 3 'Structure model' 'Data collection'      
3 3 'Structure model' 'Database references'  
4 3 'Structure model' 'Derived calculations' 
5 3 'Structure model' 'Structure summary'    
# 
loop_
_pdbx_audit_revision_category.ordinal 
_pdbx_audit_revision_category.revision_ordinal 
_pdbx_audit_revision_category.data_content_type 
_pdbx_audit_revision_category.category 
1 3 'Structure model' chem_comp_atom            
2 3 'Structure model' chem_comp_bond            
3 3 'Structure model' database_2                
4 3 'Structure model' pdbx_entry_details        
5 3 'Structure model' pdbx_modification_feature 
6 3 'Structure model' struct_conn               
7 3 'Structure model' struct_ref_seq_dif        
# 
loop_
_pdbx_audit_revision_item.ordinal 
_pdbx_audit_revision_item.revision_ordinal 
_pdbx_audit_revision_item.data_content_type 
_pdbx_audit_revision_item.item 
1 3 'Structure model' '_database_2.pdbx_DOI'                
2 3 'Structure model' '_database_2.pdbx_database_accession' 
3 3 'Structure model' '_struct_conn.pdbx_leaving_atom_flag' 
4 3 'Structure model' '_struct_ref_seq_dif.details'         
# 
_pdbx_database_status.status_code                     REL 
_pdbx_database_status.entry_id                        3TMO 
_pdbx_database_status.recvd_initial_deposition_date   2011-08-31 
_pdbx_database_status.deposit_site                    RCSB 
_pdbx_database_status.process_site                    RCSB 
_pdbx_database_status.status_code_sf                  REL 
_pdbx_database_status.status_code_mr                  ? 
_pdbx_database_status.SG_entry                        ? 
_pdbx_database_status.status_code_cs                  ? 
_pdbx_database_status.pdb_format_compatible           Y 
_pdbx_database_status.status_code_nmr_data            ? 
_pdbx_database_status.methods_development_category    ? 
# 
_pdbx_database_related.db_name        PDB 
_pdbx_database_related.db_id          3TMP 
_pdbx_database_related.details        . 
_pdbx_database_related.content_type   unspecified 
# 
loop_
_audit_author.name 
_audit_author.pdbx_ordinal 
'Yin, J.'         1 
'Bosanac, I.'     2 
'Ma, X.'          3 
'Hymowitz, S.'    4 
'Starovasnik, M.' 5 
'Cochran, A.'     6 
# 
_citation.id                        primary 
_citation.title                     'Phosphorylation-dependent activity of the deubiquitinase DUBA.' 
_citation.journal_abbrev            Nat.Struct.Mol.Biol. 
_citation.journal_volume            19 
_citation.page_first                171 
_citation.page_last                 175 
_citation.year                      2012 
_citation.journal_id_ASTM           ? 
_citation.country                   US 
_citation.journal_id_ISSN           1545-9993 
_citation.journal_id_CSD            ? 
_citation.book_publisher            ? 
_citation.pdbx_database_id_PubMed   22245969 
_citation.pdbx_database_id_DOI      10.1038/nsmb.2206 
# 
loop_
_citation_author.citation_id 
_citation_author.name 
_citation_author.ordinal 
_citation_author.identifier_ORCID 
primary 'Huang, O.W.'       1  ? 
primary 'Ma, X.'            2  ? 
primary 'Yin, J.'           3  ? 
primary 'Flinders, J.'      4  ? 
primary 'Maurer, T.'        5  ? 
primary 'Kayagaki, N.'      6  ? 
primary 'Phung, Q.'         7  ? 
primary 'Bosanac, I.'       8  ? 
primary 'Arnott, D.'        9  ? 
primary 'Dixit, V.M.'       10 ? 
primary 'Hymowitz, S.G.'    11 ? 
primary 'Starovasnik, M.A.' 12 ? 
primary 'Cochran, A.G.'     13 ? 
# 
loop_
_entity.id 
_entity.type 
_entity.src_method 
_entity.pdbx_description 
_entity.formula_weight 
_entity.pdbx_number_of_molecules 
_entity.pdbx_ec 
_entity.pdbx_mutation 
_entity.pdbx_fragment 
_entity.details 
1 polymer man 'OTU domain-containing protein 5' 21598.607 1  3.4.19.12 3.4.19.12 'catalytic or OTU domain (Residues 172-351)' ? 
2 water   nat water                             18.015    56 ?         ?         ?                                            ? 
# 
_entity_name_com.entity_id   1 
_entity_name_com.name        'Deubiquitinating enzyme A, DUBA' 
# 
_entity_poly.entity_id                      1 
_entity_poly.type                           'polypeptide(L)' 
_entity_poly.nstd_linkage                   no 
_entity_poly.nstd_monomer                   yes 
_entity_poly.pdbx_seq_one_letter_code       
;GSH(MSE)GAGYNSEDEYEAAAARIEA(MSE)DPATVEQQEHWFEKALRDKKGFIIKQ(MSE)KEDGACLFRAVADQVYG
DQD(MSE)HEVVRKHC(MSE)DYL(MSE)KNADYFSNYVTEDFTTYINRKRKNNCHGNHIE(MSE)QA(MSE)AE(MSE)
YNRPVEVYQYSTGTSAVEPINTFHGIHQNEDEPIRVSYHRNIHYNSVVNPNKATIGVGLG
;
_entity_poly.pdbx_seq_one_letter_code_can   
;GSHMGAGYNSEDEYEAAAARIEAMDPATVEQQEHWFEKALRDKKGFIIKQMKEDGACLFRAVADQVYGDQDMHEVVRKHC
MDYLMKNADYFSNYVTEDFTTYINRKRKNNCHGNHIEMQAMAEMYNRPVEVYQYSTGTSAVEPINTFHGIHQNEDEPIRV
SYHRNIHYNSVVNPNKATIGVGLG
;
_entity_poly.pdbx_strand_id                 A 
_entity_poly.pdbx_target_identifier         ? 
# 
_pdbx_entity_nonpoly.entity_id   2 
_pdbx_entity_nonpoly.name        water 
_pdbx_entity_nonpoly.comp_id     HOH 
# 
loop_
_entity_poly_seq.entity_id 
_entity_poly_seq.num 
_entity_poly_seq.mon_id 
_entity_poly_seq.hetero 
1 1   GLY n 
1 2   SER n 
1 3   HIS n 
1 4   MSE n 
1 5   GLY n 
1 6   ALA n 
1 7   GLY n 
1 8   TYR n 
1 9   ASN n 
1 10  SER n 
1 11  GLU n 
1 12  ASP n 
1 13  GLU n 
1 14  TYR n 
1 15  GLU n 
1 16  ALA n 
1 17  ALA n 
1 18  ALA n 
1 19  ALA n 
1 20  ARG n 
1 21  ILE n 
1 22  GLU n 
1 23  ALA n 
1 24  MSE n 
1 25  ASP n 
1 26  PRO n 
1 27  ALA n 
1 28  THR n 
1 29  VAL n 
1 30  GLU n 
1 31  GLN n 
1 32  GLN n 
1 33  GLU n 
1 34  HIS n 
1 35  TRP n 
1 36  PHE n 
1 37  GLU n 
1 38  LYS n 
1 39  ALA n 
1 40  LEU n 
1 41  ARG n 
1 42  ASP n 
1 43  LYS n 
1 44  LYS n 
1 45  GLY n 
1 46  PHE n 
1 47  ILE n 
1 48  ILE n 
1 49  LYS n 
1 50  GLN n 
1 51  MSE n 
1 52  LYS n 
1 53  GLU n 
1 54  ASP n 
1 55  GLY n 
1 56  ALA n 
1 57  CYS n 
1 58  LEU n 
1 59  PHE n 
1 60  ARG n 
1 61  ALA n 
1 62  VAL n 
1 63  ALA n 
1 64  ASP n 
1 65  GLN n 
1 66  VAL n 
1 67  TYR n 
1 68  GLY n 
1 69  ASP n 
1 70  GLN n 
1 71  ASP n 
1 72  MSE n 
1 73  HIS n 
1 74  GLU n 
1 75  VAL n 
1 76  VAL n 
1 77  ARG n 
1 78  LYS n 
1 79  HIS n 
1 80  CYS n 
1 81  MSE n 
1 82  ASP n 
1 83  TYR n 
1 84  LEU n 
1 85  MSE n 
1 86  LYS n 
1 87  ASN n 
1 88  ALA n 
1 89  ASP n 
1 90  TYR n 
1 91  PHE n 
1 92  SER n 
1 93  ASN n 
1 94  TYR n 
1 95  VAL n 
1 96  THR n 
1 97  GLU n 
1 98  ASP n 
1 99  PHE n 
1 100 THR n 
1 101 THR n 
1 102 TYR n 
1 103 ILE n 
1 104 ASN n 
1 105 ARG n 
1 106 LYS n 
1 107 ARG n 
1 108 LYS n 
1 109 ASN n 
1 110 ASN n 
1 111 CYS n 
1 112 HIS n 
1 113 GLY n 
1 114 ASN n 
1 115 HIS n 
1 116 ILE n 
1 117 GLU n 
1 118 MSE n 
1 119 GLN n 
1 120 ALA n 
1 121 MSE n 
1 122 ALA n 
1 123 GLU n 
1 124 MSE n 
1 125 TYR n 
1 126 ASN n 
1 127 ARG n 
1 128 PRO n 
1 129 VAL n 
1 130 GLU n 
1 131 VAL n 
1 132 TYR n 
1 133 GLN n 
1 134 TYR n 
1 135 SER n 
1 136 THR n 
1 137 GLY n 
1 138 THR n 
1 139 SER n 
1 140 ALA n 
1 141 VAL n 
1 142 GLU n 
1 143 PRO n 
1 144 ILE n 
1 145 ASN n 
1 146 THR n 
1 147 PHE n 
1 148 HIS n 
1 149 GLY n 
1 150 ILE n 
1 151 HIS n 
1 152 GLN n 
1 153 ASN n 
1 154 GLU n 
1 155 ASP n 
1 156 GLU n 
1 157 PRO n 
1 158 ILE n 
1 159 ARG n 
1 160 VAL n 
1 161 SER n 
1 162 TYR n 
1 163 HIS n 
1 164 ARG n 
1 165 ASN n 
1 166 ILE n 
1 167 HIS n 
1 168 TYR n 
1 169 ASN n 
1 170 SER n 
1 171 VAL n 
1 172 VAL n 
1 173 ASN n 
1 174 PRO n 
1 175 ASN n 
1 176 LYS n 
1 177 ALA n 
1 178 THR n 
1 179 ILE n 
1 180 GLY n 
1 181 VAL n 
1 182 GLY n 
1 183 LEU n 
1 184 GLY n 
# 
_entity_src_gen.entity_id                          1 
_entity_src_gen.pdbx_src_id                        1 
_entity_src_gen.pdbx_alt_source_flag               sample 
_entity_src_gen.pdbx_seq_type                      ? 
_entity_src_gen.pdbx_beg_seq_num                   ? 
_entity_src_gen.pdbx_end_seq_num                   ? 
_entity_src_gen.gene_src_common_name               human 
_entity_src_gen.gene_src_genus                     ? 
_entity_src_gen.pdbx_gene_src_gene                 'DUBA, OTUD5' 
_entity_src_gen.gene_src_species                   ? 
_entity_src_gen.gene_src_strain                    ? 
_entity_src_gen.gene_src_tissue                    ? 
_entity_src_gen.gene_src_tissue_fraction           ? 
_entity_src_gen.gene_src_details                   ? 
_entity_src_gen.pdbx_gene_src_fragment             ? 
_entity_src_gen.pdbx_gene_src_scientific_name      'Homo sapiens' 
_entity_src_gen.pdbx_gene_src_ncbi_taxonomy_id     9606 
_entity_src_gen.pdbx_gene_src_variant              ? 
_entity_src_gen.pdbx_gene_src_cell_line            ? 
_entity_src_gen.pdbx_gene_src_atcc                 ? 
_entity_src_gen.pdbx_gene_src_organ                ? 
_entity_src_gen.pdbx_gene_src_organelle            ? 
_entity_src_gen.pdbx_gene_src_cell                 ? 
_entity_src_gen.pdbx_gene_src_cellular_location    ? 
_entity_src_gen.host_org_common_name               ? 
_entity_src_gen.pdbx_host_org_scientific_name      'Escherichia coli' 
_entity_src_gen.pdbx_host_org_ncbi_taxonomy_id     469008 
_entity_src_gen.host_org_genus                     ? 
_entity_src_gen.pdbx_host_org_gene                 ? 
_entity_src_gen.pdbx_host_org_organ                ? 
_entity_src_gen.host_org_species                   ? 
_entity_src_gen.pdbx_host_org_tissue               ? 
_entity_src_gen.pdbx_host_org_tissue_fraction      ? 
_entity_src_gen.pdbx_host_org_strain               'BL21-CodonPlus (DE3)-RIL' 
_entity_src_gen.pdbx_host_org_variant              ? 
_entity_src_gen.pdbx_host_org_cell_line            ? 
_entity_src_gen.pdbx_host_org_atcc                 ? 
_entity_src_gen.pdbx_host_org_culture_collection   ? 
_entity_src_gen.pdbx_host_org_cell                 ? 
_entity_src_gen.pdbx_host_org_organelle            ? 
_entity_src_gen.pdbx_host_org_cellular_location    ? 
_entity_src_gen.pdbx_host_org_vector_type          PLASMID 
_entity_src_gen.pdbx_host_org_vector               ? 
_entity_src_gen.host_org_details                   ? 
_entity_src_gen.expression_system_id               ? 
_entity_src_gen.plasmid_name                       pET28B 
_entity_src_gen.plasmid_details                    ? 
_entity_src_gen.pdbx_description                   ? 
# 
loop_
_chem_comp.id 
_chem_comp.type 
_chem_comp.mon_nstd_flag 
_chem_comp.name 
_chem_comp.pdbx_synonyms 
_chem_comp.formula 
_chem_comp.formula_weight 
ALA 'L-peptide linking' y ALANINE          ? 'C3 H7 N O2'     89.093  
ARG 'L-peptide linking' y ARGININE         ? 'C6 H15 N4 O2 1' 175.209 
ASN 'L-peptide linking' y ASPARAGINE       ? 'C4 H8 N2 O3'    132.118 
ASP 'L-peptide linking' y 'ASPARTIC ACID'  ? 'C4 H7 N O4'     133.103 
CYS 'L-peptide linking' y CYSTEINE         ? 'C3 H7 N O2 S'   121.158 
GLN 'L-peptide linking' y GLUTAMINE        ? 'C5 H10 N2 O3'   146.144 
GLU 'L-peptide linking' y 'GLUTAMIC ACID'  ? 'C5 H9 N O4'     147.129 
GLY 'peptide linking'   y GLYCINE          ? 'C2 H5 N O2'     75.067  
HIS 'L-peptide linking' y HISTIDINE        ? 'C6 H10 N3 O2 1' 156.162 
HOH non-polymer         . WATER            ? 'H2 O'           18.015  
ILE 'L-peptide linking' y ISOLEUCINE       ? 'C6 H13 N O2'    131.173 
LEU 'L-peptide linking' y LEUCINE          ? 'C6 H13 N O2'    131.173 
LYS 'L-peptide linking' y LYSINE           ? 'C6 H15 N2 O2 1' 147.195 
MSE 'L-peptide linking' n SELENOMETHIONINE ? 'C5 H11 N O2 Se' 196.106 
PHE 'L-peptide linking' y PHENYLALANINE    ? 'C9 H11 N O2'    165.189 
PRO 'L-peptide linking' y PROLINE          ? 'C5 H9 N O2'     115.130 
SER 'L-peptide linking' y SERINE           ? 'C3 H7 N O3'     105.093 
THR 'L-peptide linking' y THREONINE        ? 'C4 H9 N O3'     119.119 
TRP 'L-peptide linking' y TRYPTOPHAN       ? 'C11 H12 N2 O2'  204.225 
TYR 'L-peptide linking' y TYROSINE         ? 'C9 H11 N O3'    181.189 
VAL 'L-peptide linking' y VALINE           ? 'C5 H11 N O2'    117.146 
# 
loop_
_pdbx_poly_seq_scheme.asym_id 
_pdbx_poly_seq_scheme.entity_id 
_pdbx_poly_seq_scheme.seq_id 
_pdbx_poly_seq_scheme.mon_id 
_pdbx_poly_seq_scheme.ndb_seq_num 
_pdbx_poly_seq_scheme.pdb_seq_num 
_pdbx_poly_seq_scheme.auth_seq_num 
_pdbx_poly_seq_scheme.pdb_mon_id 
_pdbx_poly_seq_scheme.auth_mon_id 
_pdbx_poly_seq_scheme.pdb_strand_id 
_pdbx_poly_seq_scheme.pdb_ins_code 
_pdbx_poly_seq_scheme.hetero 
A 1 1   GLY 1   168 ?   ?   ?   A . n 
A 1 2   SER 2   169 ?   ?   ?   A . n 
A 1 3   HIS 3   170 ?   ?   ?   A . n 
A 1 4   MSE 4   171 ?   ?   ?   A . n 
A 1 5   GLY 5   172 ?   ?   ?   A . n 
A 1 6   ALA 6   173 ?   ?   ?   A . n 
A 1 7   GLY 7   174 ?   ?   ?   A . n 
A 1 8   TYR 8   175 ?   ?   ?   A . n 
A 1 9   ASN 9   176 ?   ?   ?   A . n 
A 1 10  SER 10  177 ?   ?   ?   A . n 
A 1 11  GLU 11  178 ?   ?   ?   A . n 
A 1 12  ASP 12  179 ?   ?   ?   A . n 
A 1 13  GLU 13  180 ?   ?   ?   A . n 
A 1 14  TYR 14  181 ?   ?   ?   A . n 
A 1 15  GLU 15  182 ?   ?   ?   A . n 
A 1 16  ALA 16  183 ?   ?   ?   A . n 
A 1 17  ALA 17  184 ?   ?   ?   A . n 
A 1 18  ALA 18  185 185 ALA ALA A . n 
A 1 19  ALA 19  186 186 ALA ALA A . n 
A 1 20  ARG 20  187 187 ARG ARG A . n 
A 1 21  ILE 21  188 188 ILE ILE A . n 
A 1 22  GLU 22  189 189 GLU GLU A . n 
A 1 23  ALA 23  190 190 ALA ALA A . n 
A 1 24  MSE 24  191 191 MSE MSE A . n 
A 1 25  ASP 25  192 192 ASP ASP A . n 
A 1 26  PRO 26  193 193 PRO PRO A . n 
A 1 27  ALA 27  194 194 ALA ALA A . n 
A 1 28  THR 28  195 195 THR THR A . n 
A 1 29  VAL 29  196 196 VAL VAL A . n 
A 1 30  GLU 30  197 197 GLU GLU A . n 
A 1 31  GLN 31  198 198 GLN GLN A . n 
A 1 32  GLN 32  199 199 GLN GLN A . n 
A 1 33  GLU 33  200 200 GLU GLU A . n 
A 1 34  HIS 34  201 201 HIS HIS A . n 
A 1 35  TRP 35  202 202 TRP TRP A . n 
A 1 36  PHE 36  203 203 PHE PHE A . n 
A 1 37  GLU 37  204 204 GLU GLU A . n 
A 1 38  LYS 38  205 205 LYS LYS A . n 
A 1 39  ALA 39  206 206 ALA ALA A . n 
A 1 40  LEU 40  207 207 LEU LEU A . n 
A 1 41  ARG 41  208 208 ARG ARG A . n 
A 1 42  ASP 42  209 209 ASP ASP A . n 
A 1 43  LYS 43  210 210 LYS LYS A . n 
A 1 44  LYS 44  211 211 LYS LYS A . n 
A 1 45  GLY 45  212 212 GLY GLY A . n 
A 1 46  PHE 46  213 213 PHE PHE A . n 
A 1 47  ILE 47  214 214 ILE ILE A . n 
A 1 48  ILE 48  215 215 ILE ILE A . n 
A 1 49  LYS 49  216 216 LYS LYS A . n 
A 1 50  GLN 50  217 217 GLN GLN A . n 
A 1 51  MSE 51  218 218 MSE MSE A . n 
A 1 52  LYS 52  219 219 LYS LYS A . n 
A 1 53  GLU 53  220 220 GLU GLU A . n 
A 1 54  ASP 54  221 221 ASP ASP A . n 
A 1 55  GLY 55  222 222 GLY GLY A . n 
A 1 56  ALA 56  223 223 ALA ALA A . n 
A 1 57  CYS 57  224 224 CYS CYS A . n 
A 1 58  LEU 58  225 225 LEU LEU A . n 
A 1 59  PHE 59  226 226 PHE PHE A . n 
A 1 60  ARG 60  227 227 ARG ARG A . n 
A 1 61  ALA 61  228 228 ALA ALA A . n 
A 1 62  VAL 62  229 229 VAL VAL A . n 
A 1 63  ALA 63  230 230 ALA ALA A . n 
A 1 64  ASP 64  231 231 ASP ASP A . n 
A 1 65  GLN 65  232 232 GLN GLN A . n 
A 1 66  VAL 66  233 233 VAL VAL A . n 
A 1 67  TYR 67  234 234 TYR TYR A . n 
A 1 68  GLY 68  235 235 GLY GLY A . n 
A 1 69  ASP 69  236 236 ASP ASP A . n 
A 1 70  GLN 70  237 237 GLN GLN A . n 
A 1 71  ASP 71  238 238 ASP ASP A . n 
A 1 72  MSE 72  239 239 MSE MSE A . n 
A 1 73  HIS 73  240 240 HIS HIS A . n 
A 1 74  GLU 74  241 241 GLU GLU A . n 
A 1 75  VAL 75  242 242 VAL VAL A . n 
A 1 76  VAL 76  243 243 VAL VAL A . n 
A 1 77  ARG 77  244 244 ARG ARG A . n 
A 1 78  LYS 78  245 245 LYS LYS A . n 
A 1 79  HIS 79  246 246 HIS HIS A . n 
A 1 80  CYS 80  247 247 CYS CYS A . n 
A 1 81  MSE 81  248 248 MSE MSE A . n 
A 1 82  ASP 82  249 249 ASP ASP A . n 
A 1 83  TYR 83  250 250 TYR TYR A . n 
A 1 84  LEU 84  251 251 LEU LEU A . n 
A 1 85  MSE 85  252 252 MSE MSE A . n 
A 1 86  LYS 86  253 253 LYS LYS A . n 
A 1 87  ASN 87  254 254 ASN ASN A . n 
A 1 88  ALA 88  255 255 ALA ALA A . n 
A 1 89  ASP 89  256 256 ASP ASP A . n 
A 1 90  TYR 90  257 257 TYR TYR A . n 
A 1 91  PHE 91  258 258 PHE PHE A . n 
A 1 92  SER 92  259 259 SER SER A . n 
A 1 93  ASN 93  260 260 ASN ASN A . n 
A 1 94  TYR 94  261 261 TYR TYR A . n 
A 1 95  VAL 95  262 ?   ?   ?   A . n 
A 1 96  THR 96  263 ?   ?   ?   A . n 
A 1 97  GLU 97  264 ?   ?   ?   A . n 
A 1 98  ASP 98  265 ?   ?   ?   A . n 
A 1 99  PHE 99  266 ?   ?   ?   A . n 
A 1 100 THR 100 267 ?   ?   ?   A . n 
A 1 101 THR 101 268 ?   ?   ?   A . n 
A 1 102 TYR 102 269 ?   ?   ?   A . n 
A 1 103 ILE 103 270 ?   ?   ?   A . n 
A 1 104 ASN 104 271 ?   ?   ?   A . n 
A 1 105 ARG 105 272 ?   ?   ?   A . n 
A 1 106 LYS 106 273 ?   ?   ?   A . n 
A 1 107 ARG 107 274 ?   ?   ?   A . n 
A 1 108 LYS 108 275 ?   ?   ?   A . n 
A 1 109 ASN 109 276 ?   ?   ?   A . n 
A 1 110 ASN 110 277 ?   ?   ?   A . n 
A 1 111 CYS 111 278 ?   ?   ?   A . n 
A 1 112 HIS 112 279 279 HIS HIS A . n 
A 1 113 GLY 113 280 280 GLY GLY A . n 
A 1 114 ASN 114 281 281 ASN ASN A . n 
A 1 115 HIS 115 282 282 HIS HIS A . n 
A 1 116 ILE 116 283 283 ILE ILE A . n 
A 1 117 GLU 117 284 284 GLU GLU A . n 
A 1 118 MSE 118 285 285 MSE MSE A . n 
A 1 119 GLN 119 286 286 GLN GLN A . n 
A 1 120 ALA 120 287 287 ALA ALA A . n 
A 1 121 MSE 121 288 288 MSE MSE A . n 
A 1 122 ALA 122 289 289 ALA ALA A . n 
A 1 123 GLU 123 290 290 GLU GLU A . n 
A 1 124 MSE 124 291 291 MSE MSE A . n 
A 1 125 TYR 125 292 292 TYR TYR A . n 
A 1 126 ASN 126 293 293 ASN ASN A . n 
A 1 127 ARG 127 294 294 ARG ARG A . n 
A 1 128 PRO 128 295 295 PRO PRO A . n 
A 1 129 VAL 129 296 296 VAL VAL A . n 
A 1 130 GLU 130 297 297 GLU GLU A . n 
A 1 131 VAL 131 298 298 VAL VAL A . n 
A 1 132 TYR 132 299 299 TYR TYR A . n 
A 1 133 GLN 133 300 300 GLN GLN A . n 
A 1 134 TYR 134 301 301 TYR TYR A . n 
A 1 135 SER 135 302 302 SER SER A . n 
A 1 136 THR 136 303 303 THR THR A . n 
A 1 137 GLY 137 304 304 GLY GLY A . n 
A 1 138 THR 138 305 305 THR THR A . n 
A 1 139 SER 139 306 306 SER SER A . n 
A 1 140 ALA 140 307 307 ALA ALA A . n 
A 1 141 VAL 141 308 308 VAL VAL A . n 
A 1 142 GLU 142 309 309 GLU GLU A . n 
A 1 143 PRO 143 310 310 PRO PRO A . n 
A 1 144 ILE 144 311 311 ILE ILE A . n 
A 1 145 ASN 145 312 312 ASN ASN A . n 
A 1 146 THR 146 313 313 THR THR A . n 
A 1 147 PHE 147 314 314 PHE PHE A . n 
A 1 148 HIS 148 315 315 HIS HIS A . n 
A 1 149 GLY 149 316 316 GLY GLY A . n 
A 1 150 ILE 150 317 317 ILE ILE A . n 
A 1 151 HIS 151 318 318 HIS HIS A . n 
A 1 152 GLN 152 319 319 GLN GLN A . n 
A 1 153 ASN 153 320 320 ASN ASN A . n 
A 1 154 GLU 154 321 321 GLU GLU A . n 
A 1 155 ASP 155 322 322 ASP ASP A . n 
A 1 156 GLU 156 323 323 GLU GLU A . n 
A 1 157 PRO 157 324 324 PRO PRO A . n 
A 1 158 ILE 158 325 325 ILE ILE A . n 
A 1 159 ARG 159 326 326 ARG ARG A . n 
A 1 160 VAL 160 327 327 VAL VAL A . n 
A 1 161 SER 161 328 328 SER SER A . n 
A 1 162 TYR 162 329 329 TYR TYR A . n 
A 1 163 HIS 163 330 330 HIS HIS A . n 
A 1 164 ARG 164 331 331 ARG ARG A . n 
A 1 165 ASN 165 332 332 ASN ASN A . n 
A 1 166 ILE 166 333 333 ILE ILE A . n 
A 1 167 HIS 167 334 334 HIS HIS A . n 
A 1 168 TYR 168 335 335 TYR TYR A . n 
A 1 169 ASN 169 336 336 ASN ASN A . n 
A 1 170 SER 170 337 337 SER SER A . n 
A 1 171 VAL 171 338 338 VAL VAL A . n 
A 1 172 VAL 172 339 339 VAL VAL A . n 
A 1 173 ASN 173 340 340 ASN ASN A . n 
A 1 174 PRO 174 341 341 PRO PRO A . n 
A 1 175 ASN 175 342 342 ASN ASN A . n 
A 1 176 LYS 176 343 ?   ?   ?   A . n 
A 1 177 ALA 177 344 ?   ?   ?   A . n 
A 1 178 THR 178 345 ?   ?   ?   A . n 
A 1 179 ILE 179 346 ?   ?   ?   A . n 
A 1 180 GLY 180 347 ?   ?   ?   A . n 
A 1 181 VAL 181 348 ?   ?   ?   A . n 
A 1 182 GLY 182 349 ?   ?   ?   A . n 
A 1 183 LEU 183 350 ?   ?   ?   A . n 
A 1 184 GLY 184 351 ?   ?   ?   A . n 
# 
loop_
_pdbx_nonpoly_scheme.asym_id 
_pdbx_nonpoly_scheme.entity_id 
_pdbx_nonpoly_scheme.mon_id 
_pdbx_nonpoly_scheme.ndb_seq_num 
_pdbx_nonpoly_scheme.pdb_seq_num 
_pdbx_nonpoly_scheme.auth_seq_num 
_pdbx_nonpoly_scheme.pdb_mon_id 
_pdbx_nonpoly_scheme.auth_mon_id 
_pdbx_nonpoly_scheme.pdb_strand_id 
_pdbx_nonpoly_scheme.pdb_ins_code 
B 2 HOH 1  1  1  HOH HOH A . 
B 2 HOH 2  2  2  HOH HOH A . 
B 2 HOH 3  3  3  HOH HOH A . 
B 2 HOH 4  4  4  HOH HOH A . 
B 2 HOH 5  5  5  HOH HOH A . 
B 2 HOH 6  6  6  HOH HOH A . 
B 2 HOH 7  7  7  HOH HOH A . 
B 2 HOH 8  8  8  HOH HOH A . 
B 2 HOH 9  9  9  HOH HOH A . 
B 2 HOH 10 10 10 HOH HOH A . 
B 2 HOH 11 11 11 HOH HOH A . 
B 2 HOH 12 12 12 HOH HOH A . 
B 2 HOH 13 13 13 HOH HOH A . 
B 2 HOH 14 14 14 HOH HOH A . 
B 2 HOH 15 15 15 HOH HOH A . 
B 2 HOH 16 16 16 HOH HOH A . 
B 2 HOH 17 17 17 HOH HOH A . 
B 2 HOH 18 18 18 HOH HOH A . 
B 2 HOH 19 19 19 HOH HOH A . 
B 2 HOH 20 20 20 HOH HOH A . 
B 2 HOH 21 21 21 HOH HOH A . 
B 2 HOH 22 22 22 HOH HOH A . 
B 2 HOH 23 23 23 HOH HOH A . 
B 2 HOH 24 24 24 HOH HOH A . 
B 2 HOH 25 25 25 HOH HOH A . 
B 2 HOH 26 26 26 HOH HOH A . 
B 2 HOH 27 27 27 HOH HOH A . 
B 2 HOH 28 28 28 HOH HOH A . 
B 2 HOH 29 29 29 HOH HOH A . 
B 2 HOH 30 30 30 HOH HOH A . 
B 2 HOH 31 31 31 HOH HOH A . 
B 2 HOH 32 32 32 HOH HOH A . 
B 2 HOH 33 33 33 HOH HOH A . 
B 2 HOH 34 34 34 HOH HOH A . 
B 2 HOH 35 35 35 HOH HOH A . 
B 2 HOH 36 36 36 HOH HOH A . 
B 2 HOH 37 37 37 HOH HOH A . 
B 2 HOH 38 38 38 HOH HOH A . 
B 2 HOH 39 39 39 HOH HOH A . 
B 2 HOH 40 40 40 HOH HOH A . 
B 2 HOH 41 41 41 HOH HOH A . 
B 2 HOH 42 42 42 HOH HOH A . 
B 2 HOH 43 43 43 HOH HOH A . 
B 2 HOH 44 44 44 HOH HOH A . 
B 2 HOH 45 45 45 HOH HOH A . 
B 2 HOH 46 46 46 HOH HOH A . 
B 2 HOH 47 47 47 HOH HOH A . 
B 2 HOH 48 48 48 HOH HOH A . 
B 2 HOH 49 49 49 HOH HOH A . 
B 2 HOH 50 50 50 HOH HOH A . 
B 2 HOH 51 51 51 HOH HOH A . 
B 2 HOH 52 52 52 HOH HOH A . 
B 2 HOH 53 53 53 HOH HOH A . 
B 2 HOH 54 54 54 HOH HOH A . 
B 2 HOH 55 57 57 HOH HOH A . 
B 2 HOH 56 58 58 HOH HOH A . 
# 
loop_
_software.name 
_software.classification 
_software.version 
_software.citation_id 
_software.pdbx_ordinal 
HKL-2000 'data collection' .        ? 1 
PHENIX   'model building'  .        ? 2 
REFMAC   refinement        5.5.0109 ? 3 
HKL-2000 'data reduction'  .        ? 4 
HKL-2000 'data scaling'    .        ? 5 
PHENIX   phasing           .        ? 6 
# 
_cell.entry_id           3TMO 
_cell.length_a           66.658 
_cell.length_b           66.658 
_cell.length_c           82.218 
_cell.angle_alpha        90.00 
_cell.angle_beta         90.00 
_cell.angle_gamma        120.00 
_cell.Z_PDB              6 
_cell.pdbx_unique_axis   ? 
_cell.length_a_esd       ? 
_cell.length_b_esd       ? 
_cell.length_c_esd       ? 
_cell.angle_alpha_esd    ? 
_cell.angle_beta_esd     ? 
_cell.angle_gamma_esd    ? 
# 
_symmetry.entry_id                         3TMO 
_symmetry.space_group_name_H-M             'P 64' 
_symmetry.pdbx_full_space_group_name_H-M   ? 
_symmetry.cell_setting                     ? 
_symmetry.Int_Tables_number                172 
_symmetry.space_group_name_Hall            ? 
# 
_exptl.entry_id          3TMO 
_exptl.method            'X-RAY DIFFRACTION' 
_exptl.crystals_number   1 
# 
_exptl_crystal.id                    1 
_exptl_crystal.density_meas          ? 
_exptl_crystal.density_Matthews      2.44 
_exptl_crystal.density_percent_sol   49.62 
_exptl_crystal.description           'THE STRUCTURE FACTOR FILE CONTAINS FRIEDEL PAIRS' 
_exptl_crystal.F_000                 ? 
_exptl_crystal.preparation           ? 
# 
_exptl_crystal_grow.crystal_id      1 
_exptl_crystal_grow.method          'VAPOR DIFFUSION, SITTING DROP' 
_exptl_crystal_grow.temp            293 
_exptl_crystal_grow.temp_details    ? 
_exptl_crystal_grow.pH              7.0 
_exptl_crystal_grow.pdbx_details    '0.8 M succinic acid, pH 7.0, VAPOR DIFFUSION, SITTING DROP, temperature 293K' 
_exptl_crystal_grow.pdbx_pH_range   ? 
# 
_diffrn.id                     1 
_diffrn.ambient_temp           100 
_diffrn.ambient_temp_details   ? 
_diffrn.crystal_id             1 
# 
_diffrn_detector.diffrn_id              1 
_diffrn_detector.detector               CCD 
_diffrn_detector.type                   'ADSC QUANTUM 315' 
_diffrn_detector.pdbx_collection_date   2008-10-07 
_diffrn_detector.details                ? 
# 
_diffrn_radiation.diffrn_id                        1 
_diffrn_radiation.wavelength_id                    1 
_diffrn_radiation.pdbx_monochromatic_or_laue_m_l   M 
_diffrn_radiation.monochromator                    'a high resolution Si(311) cut and a lower resolution Si(111)' 
_diffrn_radiation.pdbx_diffrn_protocol             MAD 
_diffrn_radiation.pdbx_scattering_type             x-ray 
# 
_diffrn_radiation_wavelength.id           1 
_diffrn_radiation_wavelength.wavelength   0.9798 
_diffrn_radiation_wavelength.wt           1.0 
# 
_diffrn_source.diffrn_id                   1 
_diffrn_source.source                      SYNCHROTRON 
_diffrn_source.type                        'ESRF BEAMLINE ID29' 
_diffrn_source.pdbx_synchrotron_site       ESRF 
_diffrn_source.pdbx_synchrotron_beamline   ID29 
_diffrn_source.pdbx_wavelength             ? 
_diffrn_source.pdbx_wavelength_list        0.9798 
# 
_reflns.entry_id                     3TMO 
_reflns.observed_criterion_sigma_I   ? 
_reflns.observed_criterion_sigma_F   ? 
_reflns.d_resolution_low             50.00 
_reflns.d_resolution_high            2.15 
_reflns.number_obs                   21875 
_reflns.number_all                   22276 
_reflns.percent_possible_obs         98.2 
_reflns.pdbx_Rsym_value              0.062 
_reflns.pdbx_netI_over_sigmaI        19.9 
_reflns.B_iso_Wilson_estimate        44.7 
_reflns.pdbx_redundancy              4.5 
_reflns.R_free_details               ? 
_reflns.limit_h_max                  ? 
_reflns.limit_h_min                  ? 
_reflns.limit_k_max                  ? 
_reflns.limit_k_min                  ? 
_reflns.limit_l_max                  ? 
_reflns.limit_l_min                  ? 
_reflns.observed_criterion_F_max     ? 
_reflns.observed_criterion_F_min     ? 
_reflns.pdbx_chi_squared             ? 
_reflns.pdbx_scaling_rejects         ? 
_reflns.pdbx_Rmerge_I_obs            ? 
_reflns.pdbx_ordinal                 1 
_reflns.pdbx_diffrn_id               1 
# 
_reflns_shell.d_res_high             2.15 
_reflns_shell.d_res_low              2.23 
_reflns_shell.percent_possible_all   83.8 
_reflns_shell.Rmerge_I_obs           ? 
_reflns_shell.pdbx_Rsym_value        0.425 
_reflns_shell.meanI_over_sigI_obs    3.0 
_reflns_shell.pdbx_redundancy        4.5 
_reflns_shell.percent_possible_obs   ? 
_reflns_shell.number_unique_all      1866 
_reflns_shell.number_measured_all    ? 
_reflns_shell.number_measured_obs    ? 
_reflns_shell.number_unique_obs      ? 
_reflns_shell.pdbx_chi_squared       ? 
_reflns_shell.pdbx_ordinal           1 
_reflns_shell.pdbx_diffrn_id         1 
# 
_refine.entry_id                                 3TMO 
_refine.ls_number_reflns_obs                     10073 
_refine.ls_number_reflns_all                     ? 
_refine.pdbx_ls_sigma_I                          ? 
_refine.pdbx_ls_sigma_F                          ? 
_refine.pdbx_data_cutoff_high_absF               ? 
_refine.pdbx_data_cutoff_low_absF                ? 
_refine.pdbx_data_cutoff_high_rms_absF           ? 
_refine.ls_d_res_low                             28.86 
_refine.ls_d_res_high                            2.20 
_refine.ls_percent_reflns_obs                    99.73 
_refine.ls_R_factor_obs                          0.24459 
_refine.ls_R_factor_R_work                       0.24308 
_refine.ls_R_factor_R_free                       0.27615 
_refine.ls_R_factor_R_free_error                 ? 
_refine.ls_R_factor_R_free_error_details         ? 
_refine.ls_percent_reflns_R_free                 4.8 
_refine.ls_number_reflns_R_free                  503 
_refine.ls_number_parameters                     ? 
_refine.ls_number_restraints                     ? 
_refine.occupancy_min                            ? 
_refine.occupancy_max                            ? 
_refine.correlation_coeff_Fo_to_Fc               0.925 
_refine.correlation_coeff_Fo_to_Fc_free          0.915 
_refine.B_iso_mean                               43.351 
_refine.aniso_B[1][1]                            0.37 
_refine.aniso_B[2][2]                            0.37 
_refine.aniso_B[3][3]                            -0.55 
_refine.aniso_B[1][2]                            0.18 
_refine.aniso_B[1][3]                            -0.00 
_refine.aniso_B[2][3]                            -0.00 
_refine.solvent_model_details                    MASK 
_refine.solvent_model_param_ksol                 ? 
_refine.solvent_model_param_bsol                 ? 
_refine.pdbx_solvent_vdw_probe_radii             1.40 
_refine.pdbx_solvent_ion_probe_radii             0.80 
_refine.pdbx_solvent_shrinkage_radii             0.80 
_refine.pdbx_ls_cross_valid_method               THROUGHOUT 
_refine.details                                  'HYDROGENS HAVE BEEN ADDED IN THE RIDING POSITIONS' 
_refine.pdbx_starting_model                      ? 
_refine.pdbx_method_to_determine_struct          SAD 
_refine.pdbx_isotropic_thermal_model             ? 
_refine.pdbx_stereochemistry_target_values       'MAXIMUM LIKELIHOOD' 
_refine.pdbx_stereochem_target_val_spec_case     ? 
_refine.pdbx_R_Free_selection_details            RANDOM 
_refine.pdbx_overall_ESU_R_Free                  0.214 
_refine.overall_SU_ML                            0.163 
_refine.pdbx_overall_phase_error                 ? 
_refine.overall_SU_B                             6.184 
_refine.overall_SU_R_Cruickshank_DPI             ? 
_refine.ls_redundancy_reflns_obs                 ? 
_refine.B_iso_min                                ? 
_refine.B_iso_max                                ? 
_refine.overall_SU_R_free                        ? 
_refine.ls_wR_factor_R_free                      ? 
_refine.ls_wR_factor_R_work                      ? 
_refine.overall_FOM_free_R_set                   ? 
_refine.overall_FOM_work_R_set                   ? 
_refine.ls_R_factor_all                          ? 
_refine.pdbx_diffrn_id                           1 
_refine.pdbx_refine_id                           'X-RAY DIFFRACTION' 
_refine.pdbx_overall_ESU_R                       ? 
_refine.pdbx_TLS_residual_ADP_flag               ? 
_refine.pdbx_overall_SU_R_free_Cruickshank_DPI   ? 
_refine.pdbx_overall_SU_R_Blow_DPI               ? 
_refine.pdbx_overall_SU_R_free_Blow_DPI          ? 
# 
_refine_hist.pdbx_refine_id                   'X-RAY DIFFRACTION' 
_refine_hist.cycle_id                         LAST 
_refine_hist.pdbx_number_atoms_protein        1157 
_refine_hist.pdbx_number_atoms_nucleic_acid   0 
_refine_hist.pdbx_number_atoms_ligand         0 
_refine_hist.number_atoms_solvent             56 
_refine_hist.number_atoms_total               1213 
_refine_hist.d_res_high                       2.20 
_refine_hist.d_res_low                        28.86 
# 
loop_
_refine_ls_restr.type 
_refine_ls_restr.dev_ideal 
_refine_ls_restr.dev_ideal_target 
_refine_ls_restr.weight 
_refine_ls_restr.number 
_refine_ls_restr.pdbx_restraint_function 
_refine_ls_restr.pdbx_refine_id 
r_bond_refined_d             0.010  0.021  ? 1185 ? 'X-RAY DIFFRACTION' 
r_bond_other_d               ?      ?      ? ?    ? 'X-RAY DIFFRACTION' 
r_angle_refined_deg          1.011  1.909  ? 1599 ? 'X-RAY DIFFRACTION' 
r_angle_other_deg            ?      ?      ? ?    ? 'X-RAY DIFFRACTION' 
r_dihedral_angle_1_deg       5.165  5.000  ? 139  ? 'X-RAY DIFFRACTION' 
r_dihedral_angle_2_deg       33.357 24.571 ? 70   ? 'X-RAY DIFFRACTION' 
r_dihedral_angle_3_deg       15.434 15.000 ? 200  ? 'X-RAY DIFFRACTION' 
r_dihedral_angle_4_deg       10.701 15.000 ? 7    ? 'X-RAY DIFFRACTION' 
r_chiral_restr               0.079  0.200  ? 161  ? 'X-RAY DIFFRACTION' 
r_gen_planes_refined         0.004  0.021  ? 938  ? 'X-RAY DIFFRACTION' 
r_gen_planes_other           ?      ?      ? ?    ? 'X-RAY DIFFRACTION' 
r_nbd_refined                ?      ?      ? ?    ? 'X-RAY DIFFRACTION' 
r_nbd_other                  ?      ?      ? ?    ? 'X-RAY DIFFRACTION' 
r_nbtor_refined              ?      ?      ? ?    ? 'X-RAY DIFFRACTION' 
r_nbtor_other                ?      ?      ? ?    ? 'X-RAY DIFFRACTION' 
r_xyhbond_nbd_refined        ?      ?      ? ?    ? 'X-RAY DIFFRACTION' 
r_xyhbond_nbd_other          ?      ?      ? ?    ? 'X-RAY DIFFRACTION' 
r_metal_ion_refined          ?      ?      ? ?    ? 'X-RAY DIFFRACTION' 
r_metal_ion_other            ?      ?      ? ?    ? 'X-RAY DIFFRACTION' 
r_symmetry_vdw_refined       ?      ?      ? ?    ? 'X-RAY DIFFRACTION' 
r_symmetry_vdw_other         ?      ?      ? ?    ? 'X-RAY DIFFRACTION' 
r_symmetry_hbond_refined     ?      ?      ? ?    ? 'X-RAY DIFFRACTION' 
r_symmetry_hbond_other       ?      ?      ? ?    ? 'X-RAY DIFFRACTION' 
r_symmetry_metal_ion_refined ?      ?      ? ?    ? 'X-RAY DIFFRACTION' 
r_symmetry_metal_ion_other   ?      ?      ? ?    ? 'X-RAY DIFFRACTION' 
r_mcbond_it                  0.797  1.500  ? 702  ? 'X-RAY DIFFRACTION' 
r_mcbond_other               ?      ?      ? ?    ? 'X-RAY DIFFRACTION' 
r_mcangle_it                 1.539  2.000  ? 1130 ? 'X-RAY DIFFRACTION' 
r_scbond_it                  2.105  3.000  ? 483  ? 'X-RAY DIFFRACTION' 
r_scangle_it                 3.472  4.500  ? 469  ? 'X-RAY DIFFRACTION' 
r_rigid_bond_restr           ?      ?      ? ?    ? 'X-RAY DIFFRACTION' 
r_sphericity_free            ?      ?      ? ?    ? 'X-RAY DIFFRACTION' 
r_sphericity_bonded          ?      ?      ? ?    ? 'X-RAY DIFFRACTION' 
# 
_refine_ls_shell.pdbx_total_number_of_bins_used   20 
_refine_ls_shell.d_res_high                       2.200 
_refine_ls_shell.d_res_low                        2.257 
_refine_ls_shell.number_reflns_R_work             756 
_refine_ls_shell.R_factor_R_work                  0.287 
_refine_ls_shell.percent_reflns_obs               99.87 
_refine_ls_shell.R_factor_R_free                  0.387 
_refine_ls_shell.R_factor_R_free_error            ? 
_refine_ls_shell.percent_reflns_R_free            ? 
_refine_ls_shell.number_reflns_R_free             39 
_refine_ls_shell.number_reflns_all                ? 
_refine_ls_shell.R_factor_all                     ? 
_refine_ls_shell.number_reflns_obs                ? 
_refine_ls_shell.redundancy_reflns_obs            ? 
_refine_ls_shell.pdbx_refine_id                   'X-RAY DIFFRACTION' 
# 
_struct.entry_id                  3TMO 
_struct.title                     'The catalytic domain of human deubiquitinase DUBA' 
_struct.pdbx_model_details        ? 
_struct.pdbx_CASP_flag            ? 
_struct.pdbx_model_type_details   ? 
# 
_struct_keywords.entry_id        3TMO 
_struct_keywords.pdbx_keywords   HYDROLASE 
_struct_keywords.text            'OTU fold, Deubiquitinase, phosphorylation, HYDROLASE' 
# 
loop_
_struct_asym.id 
_struct_asym.pdbx_blank_PDB_chainid_flag 
_struct_asym.pdbx_modified 
_struct_asym.entity_id 
_struct_asym.details 
A N N 1 ? 
B N N 2 ? 
# 
_struct_ref.id                         1 
_struct_ref.db_name                    UNP 
_struct_ref.db_code                    OTUD5_HUMAN 
_struct_ref.pdbx_db_accession          Q96G74 
_struct_ref.entity_id                  1 
_struct_ref.pdbx_seq_one_letter_code   
;GAGYNSEDEYEAAAARIEAMDPATVEQQEHWFEKALRDKKGFIIKQMKEDGACLFRAVADQVYGDQDMHEVVRKHCMDYL
MKNADYFSNYVTEDFTTYINRKRKNNCHGNHIEMQAMAEMYNRPVEVYQYSTGTSAVEPINTFHGIHQNEDEPIRVSYHR
NIHYNSVVNPNKATIGVGLG
;
_struct_ref.pdbx_align_begin           172 
_struct_ref.pdbx_db_isoform            ? 
# 
_struct_ref_seq.align_id                      1 
_struct_ref_seq.ref_id                        1 
_struct_ref_seq.pdbx_PDB_id_code              3TMO 
_struct_ref_seq.pdbx_strand_id                A 
_struct_ref_seq.seq_align_beg                 5 
_struct_ref_seq.pdbx_seq_align_beg_ins_code   ? 
_struct_ref_seq.seq_align_end                 184 
_struct_ref_seq.pdbx_seq_align_end_ins_code   ? 
_struct_ref_seq.pdbx_db_accession             Q96G74 
_struct_ref_seq.db_align_beg                  172 
_struct_ref_seq.pdbx_db_align_beg_ins_code    ? 
_struct_ref_seq.db_align_end                  351 
_struct_ref_seq.pdbx_db_align_end_ins_code    ? 
_struct_ref_seq.pdbx_auth_seq_align_beg       172 
_struct_ref_seq.pdbx_auth_seq_align_end       351 
# 
loop_
_struct_ref_seq_dif.align_id 
_struct_ref_seq_dif.pdbx_pdb_id_code 
_struct_ref_seq_dif.mon_id 
_struct_ref_seq_dif.pdbx_pdb_strand_id 
_struct_ref_seq_dif.seq_num 
_struct_ref_seq_dif.pdbx_pdb_ins_code 
_struct_ref_seq_dif.pdbx_seq_db_name 
_struct_ref_seq_dif.pdbx_seq_db_accession_code 
_struct_ref_seq_dif.db_mon_id 
_struct_ref_seq_dif.pdbx_seq_db_seq_num 
_struct_ref_seq_dif.details 
_struct_ref_seq_dif.pdbx_auth_seq_num 
_struct_ref_seq_dif.pdbx_ordinal 
1 3TMO GLY A 1 ? UNP Q96G74 ? ? 'expression tag' 168 1 
1 3TMO SER A 2 ? UNP Q96G74 ? ? 'expression tag' 169 2 
1 3TMO HIS A 3 ? UNP Q96G74 ? ? 'expression tag' 170 3 
1 3TMO MSE A 4 ? UNP Q96G74 ? ? 'expression tag' 171 4 
# 
loop_
_pdbx_struct_assembly.id 
_pdbx_struct_assembly.details 
_pdbx_struct_assembly.method_details 
_pdbx_struct_assembly.oligomeric_details 
_pdbx_struct_assembly.oligomeric_count 
1 author_defined_assembly   ?    monomeric 1 
2 software_defined_assembly PISA dimeric   2 
# 
loop_
_pdbx_struct_assembly_prop.biol_id 
_pdbx_struct_assembly_prop.type 
_pdbx_struct_assembly_prop.value 
_pdbx_struct_assembly_prop.details 
2 'ABSA (A^2)' 5250  ? 
2 MORE         -21   ? 
2 'SSA (A^2)'  15150 ? 
# 
loop_
_pdbx_struct_assembly_gen.assembly_id 
_pdbx_struct_assembly_gen.oper_expression 
_pdbx_struct_assembly_gen.asym_id_list 
1 1   A,B 
2 1,2 A,B 
# 
loop_
_pdbx_struct_oper_list.id 
_pdbx_struct_oper_list.type 
_pdbx_struct_oper_list.name 
_pdbx_struct_oper_list.symmetry_operation 
_pdbx_struct_oper_list.matrix[1][1] 
_pdbx_struct_oper_list.matrix[1][2] 
_pdbx_struct_oper_list.matrix[1][3] 
_pdbx_struct_oper_list.vector[1] 
_pdbx_struct_oper_list.matrix[2][1] 
_pdbx_struct_oper_list.matrix[2][2] 
_pdbx_struct_oper_list.matrix[2][3] 
_pdbx_struct_oper_list.vector[2] 
_pdbx_struct_oper_list.matrix[3][1] 
_pdbx_struct_oper_list.matrix[3][2] 
_pdbx_struct_oper_list.matrix[3][3] 
_pdbx_struct_oper_list.vector[3] 
1 'identity operation'         1_555 x,y,z       1.0000000000  0.0000000000  0.0000000000  0.0000000000   0.0000000000  1.0000000000 0.0000000000 0.0000000000 0.0000000000  0.0000000000 1.0000000000  0.0000000000   
2 'crystal symmetry operation' 4_665 -x+1,-y+1,z -0.6876698503 -0.6523860821 -0.3185946906 -11.9738236015 -0.6523860821 0.3626849682 0.6654712719 4.3331793416 -0.3185946906 0.6654712719 -0.6750151179 -20.6114295226 
# 
_struct_biol.id        1 
_struct_biol.details   ? 
# 
loop_
_struct_conf.conf_type_id 
_struct_conf.id 
_struct_conf.pdbx_PDB_helix_id 
_struct_conf.beg_label_comp_id 
_struct_conf.beg_label_asym_id 
_struct_conf.beg_label_seq_id 
_struct_conf.pdbx_beg_PDB_ins_code 
_struct_conf.end_label_comp_id 
_struct_conf.end_label_asym_id 
_struct_conf.end_label_seq_id 
_struct_conf.pdbx_end_PDB_ins_code 
_struct_conf.beg_auth_comp_id 
_struct_conf.beg_auth_asym_id 
_struct_conf.beg_auth_seq_id 
_struct_conf.end_auth_comp_id 
_struct_conf.end_auth_asym_id 
_struct_conf.end_auth_seq_id 
_struct_conf.pdbx_PDB_helix_class 
_struct_conf.details 
_struct_conf.pdbx_PDB_helix_length 
HELX_P HELX_P1 1 ALA A 18  ? ASP A 25  ? ALA A 185 ASP A 192 1 ? 8  
HELX_P HELX_P2 2 ASP A 25  ? GLY A 45  ? ASP A 192 GLY A 212 1 ? 21 
HELX_P HELX_P3 3 LEU A 58  ? GLY A 68  ? LEU A 225 GLY A 235 1 ? 11 
HELX_P HELX_P4 4 ASP A 69  ? ASP A 71  ? ASP A 236 ASP A 238 5 ? 3  
HELX_P HELX_P5 5 MSE A 72  ? ASN A 87  ? MSE A 239 ASN A 254 1 ? 16 
HELX_P HELX_P6 6 ASN A 87  ? SER A 92  ? ASN A 254 SER A 259 1 ? 6  
HELX_P HELX_P7 7 GLY A 113 ? TYR A 125 ? GLY A 280 TYR A 292 1 ? 13 
# 
_struct_conf_type.id          HELX_P 
_struct_conf_type.criteria    ? 
_struct_conf_type.reference   ? 
# 
loop_
_struct_conn.id 
_struct_conn.conn_type_id 
_struct_conn.pdbx_leaving_atom_flag 
_struct_conn.pdbx_PDB_id 
_struct_conn.ptnr1_label_asym_id 
_struct_conn.ptnr1_label_comp_id 
_struct_conn.ptnr1_label_seq_id 
_struct_conn.ptnr1_label_atom_id 
_struct_conn.pdbx_ptnr1_label_alt_id 
_struct_conn.pdbx_ptnr1_PDB_ins_code 
_struct_conn.pdbx_ptnr1_standard_comp_id 
_struct_conn.ptnr1_symmetry 
_struct_conn.ptnr2_label_asym_id 
_struct_conn.ptnr2_label_comp_id 
_struct_conn.ptnr2_label_seq_id 
_struct_conn.ptnr2_label_atom_id 
_struct_conn.pdbx_ptnr2_label_alt_id 
_struct_conn.pdbx_ptnr2_PDB_ins_code 
_struct_conn.ptnr1_auth_asym_id 
_struct_conn.ptnr1_auth_comp_id 
_struct_conn.ptnr1_auth_seq_id 
_struct_conn.ptnr2_auth_asym_id 
_struct_conn.ptnr2_auth_comp_id 
_struct_conn.ptnr2_auth_seq_id 
_struct_conn.ptnr2_symmetry 
_struct_conn.pdbx_ptnr3_label_atom_id 
_struct_conn.pdbx_ptnr3_label_seq_id 
_struct_conn.pdbx_ptnr3_label_comp_id 
_struct_conn.pdbx_ptnr3_label_asym_id 
_struct_conn.pdbx_ptnr3_label_alt_id 
_struct_conn.pdbx_ptnr3_PDB_ins_code 
_struct_conn.details 
_struct_conn.pdbx_dist_value 
_struct_conn.pdbx_value_order 
_struct_conn.pdbx_role 
covale1  covale both ? A ALA 23  C ? ? ? 1_555 A MSE 24  N ? ? A ALA 190 A MSE 191 1_555 ? ? ? ? ? ? ? 1.337 ? ? 
covale2  covale both ? A MSE 24  C ? ? ? 1_555 A ASP 25  N ? ? A MSE 191 A ASP 192 1_555 ? ? ? ? ? ? ? 1.333 ? ? 
covale3  covale both ? A GLN 50  C ? ? ? 1_555 A MSE 51  N ? ? A GLN 217 A MSE 218 1_555 ? ? ? ? ? ? ? 1.331 ? ? 
covale4  covale both ? A MSE 51  C ? ? ? 1_555 A LYS 52  N ? ? A MSE 218 A LYS 219 1_555 ? ? ? ? ? ? ? 1.328 ? ? 
covale5  covale both ? A ASP 71  C ? ? ? 1_555 A MSE 72  N ? ? A ASP 238 A MSE 239 1_555 ? ? ? ? ? ? ? 1.323 ? ? 
covale6  covale both ? A MSE 72  C ? ? ? 1_555 A HIS 73  N ? ? A MSE 239 A HIS 240 1_555 ? ? ? ? ? ? ? 1.331 ? ? 
covale7  covale both ? A CYS 80  C ? ? ? 1_555 A MSE 81  N ? ? A CYS 247 A MSE 248 1_555 ? ? ? ? ? ? ? 1.329 ? ? 
covale8  covale both ? A MSE 81  C ? ? ? 1_555 A ASP 82  N ? ? A MSE 248 A ASP 249 1_555 ? ? ? ? ? ? ? 1.329 ? ? 
covale9  covale both ? A LEU 84  C ? ? ? 1_555 A MSE 85  N ? ? A LEU 251 A MSE 252 1_555 ? ? ? ? ? ? ? 1.331 ? ? 
covale10 covale both ? A MSE 85  C ? ? ? 1_555 A LYS 86  N ? ? A MSE 252 A LYS 253 1_555 ? ? ? ? ? ? ? 1.330 ? ? 
covale11 covale both ? A GLU 117 C ? ? ? 1_555 A MSE 118 N ? ? A GLU 284 A MSE 285 1_555 ? ? ? ? ? ? ? 1.330 ? ? 
covale12 covale both ? A MSE 118 C ? ? ? 1_555 A GLN 119 N ? ? A MSE 285 A GLN 286 1_555 ? ? ? ? ? ? ? 1.327 ? ? 
covale13 covale both ? A ALA 120 C ? ? ? 1_555 A MSE 121 N ? ? A ALA 287 A MSE 288 1_555 ? ? ? ? ? ? ? 1.329 ? ? 
covale14 covale both ? A MSE 121 C ? ? ? 1_555 A ALA 122 N ? ? A MSE 288 A ALA 289 1_555 ? ? ? ? ? ? ? 1.325 ? ? 
covale15 covale both ? A GLU 123 C ? ? ? 1_555 A MSE 124 N ? ? A GLU 290 A MSE 291 1_555 ? ? ? ? ? ? ? 1.334 ? ? 
covale16 covale both ? A MSE 124 C ? ? ? 1_555 A TYR 125 N ? ? A MSE 291 A TYR 292 1_555 ? ? ? ? ? ? ? 1.329 ? ? 
# 
_struct_conn_type.id          covale 
_struct_conn_type.criteria    ? 
_struct_conn_type.reference   ? 
# 
loop_
_pdbx_modification_feature.ordinal 
_pdbx_modification_feature.label_comp_id 
_pdbx_modification_feature.label_asym_id 
_pdbx_modification_feature.label_seq_id 
_pdbx_modification_feature.label_alt_id 
_pdbx_modification_feature.modified_residue_label_comp_id 
_pdbx_modification_feature.modified_residue_label_asym_id 
_pdbx_modification_feature.modified_residue_label_seq_id 
_pdbx_modification_feature.modified_residue_label_alt_id 
_pdbx_modification_feature.auth_comp_id 
_pdbx_modification_feature.auth_asym_id 
_pdbx_modification_feature.auth_seq_id 
_pdbx_modification_feature.PDB_ins_code 
_pdbx_modification_feature.symmetry 
_pdbx_modification_feature.modified_residue_auth_comp_id 
_pdbx_modification_feature.modified_residue_auth_asym_id 
_pdbx_modification_feature.modified_residue_auth_seq_id 
_pdbx_modification_feature.modified_residue_PDB_ins_code 
_pdbx_modification_feature.modified_residue_symmetry 
_pdbx_modification_feature.comp_id_linking_atom 
_pdbx_modification_feature.modified_residue_id_linking_atom 
_pdbx_modification_feature.modified_residue_id 
_pdbx_modification_feature.ref_pcm_id 
_pdbx_modification_feature.ref_comp_id 
_pdbx_modification_feature.type 
_pdbx_modification_feature.category 
1 MSE A 24  ? . . . . MSE A 191 ? 1_555 . . . . . . . MET 1 MSE Selenomethionine 'Named protein modification' 
2 MSE A 51  ? . . . . MSE A 218 ? 1_555 . . . . . . . MET 1 MSE Selenomethionine 'Named protein modification' 
3 MSE A 72  ? . . . . MSE A 239 ? 1_555 . . . . . . . MET 1 MSE Selenomethionine 'Named protein modification' 
4 MSE A 81  ? . . . . MSE A 248 ? 1_555 . . . . . . . MET 1 MSE Selenomethionine 'Named protein modification' 
5 MSE A 85  ? . . . . MSE A 252 ? 1_555 . . . . . . . MET 1 MSE Selenomethionine 'Named protein modification' 
6 MSE A 118 ? . . . . MSE A 285 ? 1_555 . . . . . . . MET 1 MSE Selenomethionine 'Named protein modification' 
7 MSE A 121 ? . . . . MSE A 288 ? 1_555 . . . . . . . MET 1 MSE Selenomethionine 'Named protein modification' 
8 MSE A 124 ? . . . . MSE A 291 ? 1_555 . . . . . . . MET 1 MSE Selenomethionine 'Named protein modification' 
# 
_struct_sheet.id               A 
_struct_sheet.type             ? 
_struct_sheet.number_strands   3 
_struct_sheet.details          ? 
# 
loop_
_struct_sheet_order.sheet_id 
_struct_sheet_order.range_id_1 
_struct_sheet_order.range_id_2 
_struct_sheet_order.offset 
_struct_sheet_order.sense 
A 1 2 ? anti-parallel 
A 2 3 ? parallel      
# 
loop_
_struct_sheet_range.sheet_id 
_struct_sheet_range.id 
_struct_sheet_range.beg_label_comp_id 
_struct_sheet_range.beg_label_asym_id 
_struct_sheet_range.beg_label_seq_id 
_struct_sheet_range.pdbx_beg_PDB_ins_code 
_struct_sheet_range.end_label_comp_id 
_struct_sheet_range.end_label_asym_id 
_struct_sheet_range.end_label_seq_id 
_struct_sheet_range.pdbx_end_PDB_ins_code 
_struct_sheet_range.beg_auth_comp_id 
_struct_sheet_range.beg_auth_asym_id 
_struct_sheet_range.beg_auth_seq_id 
_struct_sheet_range.end_auth_comp_id 
_struct_sheet_range.end_auth_asym_id 
_struct_sheet_range.end_auth_seq_id 
A 1 ASN A 145 ? PHE A 147 ? ASN A 312 PHE A 314 
A 2 VAL A 129 ? GLN A 133 ? VAL A 296 GLN A 300 
A 3 ILE A 158 ? TYR A 162 ? ILE A 325 TYR A 329 
# 
loop_
_pdbx_struct_sheet_hbond.sheet_id 
_pdbx_struct_sheet_hbond.range_id_1 
_pdbx_struct_sheet_hbond.range_id_2 
_pdbx_struct_sheet_hbond.range_1_label_atom_id 
_pdbx_struct_sheet_hbond.range_1_label_comp_id 
_pdbx_struct_sheet_hbond.range_1_label_asym_id 
_pdbx_struct_sheet_hbond.range_1_label_seq_id 
_pdbx_struct_sheet_hbond.range_1_PDB_ins_code 
_pdbx_struct_sheet_hbond.range_1_auth_atom_id 
_pdbx_struct_sheet_hbond.range_1_auth_comp_id 
_pdbx_struct_sheet_hbond.range_1_auth_asym_id 
_pdbx_struct_sheet_hbond.range_1_auth_seq_id 
_pdbx_struct_sheet_hbond.range_2_label_atom_id 
_pdbx_struct_sheet_hbond.range_2_label_comp_id 
_pdbx_struct_sheet_hbond.range_2_label_asym_id 
_pdbx_struct_sheet_hbond.range_2_label_seq_id 
_pdbx_struct_sheet_hbond.range_2_PDB_ins_code 
_pdbx_struct_sheet_hbond.range_2_auth_atom_id 
_pdbx_struct_sheet_hbond.range_2_auth_comp_id 
_pdbx_struct_sheet_hbond.range_2_auth_asym_id 
_pdbx_struct_sheet_hbond.range_2_auth_seq_id 
A 1 2 O PHE A 147 ? O PHE A 314 N VAL A 129 ? N VAL A 296 
A 2 3 N GLU A 130 ? N GLU A 297 O ILE A 158 ? O ILE A 325 
# 
_pdbx_entry_details.entry_id                   3TMO 
_pdbx_entry_details.compound_details           ? 
_pdbx_entry_details.source_details             ? 
_pdbx_entry_details.nonpolymer_details         ? 
_pdbx_entry_details.sequence_details           ? 
_pdbx_entry_details.has_ligand_of_interest     ? 
_pdbx_entry_details.has_protein_modification   Y 
# 
loop_
_pdbx_validate_close_contact.id 
_pdbx_validate_close_contact.PDB_model_num 
_pdbx_validate_close_contact.auth_atom_id_1 
_pdbx_validate_close_contact.auth_asym_id_1 
_pdbx_validate_close_contact.auth_comp_id_1 
_pdbx_validate_close_contact.auth_seq_id_1 
_pdbx_validate_close_contact.PDB_ins_code_1 
_pdbx_validate_close_contact.label_alt_id_1 
_pdbx_validate_close_contact.auth_atom_id_2 
_pdbx_validate_close_contact.auth_asym_id_2 
_pdbx_validate_close_contact.auth_comp_id_2 
_pdbx_validate_close_contact.auth_seq_id_2 
_pdbx_validate_close_contact.PDB_ins_code_2 
_pdbx_validate_close_contact.label_alt_id_2 
_pdbx_validate_close_contact.dist 
1 1 SG A CYS 224 ? ? O A HOH 58 ? ? 1.88 
2 1 O  A TYR 261 ? ? O A HOH 32 ? ? 1.94 
3 1 O  A HOH 24  ? ? O A HOH 42 ? ? 2.10 
# 
_pdbx_validate_torsion.id              1 
_pdbx_validate_torsion.PDB_model_num   1 
_pdbx_validate_torsion.auth_comp_id    SER 
_pdbx_validate_torsion.auth_asym_id    A 
_pdbx_validate_torsion.auth_seq_id     306 
_pdbx_validate_torsion.PDB_ins_code    ? 
_pdbx_validate_torsion.label_alt_id    ? 
_pdbx_validate_torsion.phi             40.89 
_pdbx_validate_torsion.psi             81.26 
# 
loop_
_pdbx_struct_mod_residue.id 
_pdbx_struct_mod_residue.label_asym_id 
_pdbx_struct_mod_residue.label_comp_id 
_pdbx_struct_mod_residue.label_seq_id 
_pdbx_struct_mod_residue.auth_asym_id 
_pdbx_struct_mod_residue.auth_comp_id 
_pdbx_struct_mod_residue.auth_seq_id 
_pdbx_struct_mod_residue.PDB_ins_code 
_pdbx_struct_mod_residue.parent_comp_id 
_pdbx_struct_mod_residue.details 
1 A MSE 24  A MSE 191 ? MET SELENOMETHIONINE 
2 A MSE 51  A MSE 218 ? MET SELENOMETHIONINE 
3 A MSE 72  A MSE 239 ? MET SELENOMETHIONINE 
4 A MSE 81  A MSE 248 ? MET SELENOMETHIONINE 
5 A MSE 85  A MSE 252 ? MET SELENOMETHIONINE 
6 A MSE 118 A MSE 285 ? MET SELENOMETHIONINE 
7 A MSE 121 A MSE 288 ? MET SELENOMETHIONINE 
8 A MSE 124 A MSE 291 ? MET SELENOMETHIONINE 
# 
loop_
_pdbx_unobs_or_zero_occ_residues.id 
_pdbx_unobs_or_zero_occ_residues.PDB_model_num 
_pdbx_unobs_or_zero_occ_residues.polymer_flag 
_pdbx_unobs_or_zero_occ_residues.occupancy_flag 
_pdbx_unobs_or_zero_occ_residues.auth_asym_id 
_pdbx_unobs_or_zero_occ_residues.auth_comp_id 
_pdbx_unobs_or_zero_occ_residues.auth_seq_id 
_pdbx_unobs_or_zero_occ_residues.PDB_ins_code 
_pdbx_unobs_or_zero_occ_residues.label_asym_id 
_pdbx_unobs_or_zero_occ_residues.label_comp_id 
_pdbx_unobs_or_zero_occ_residues.label_seq_id 
1  1 Y 1 A GLY 168 ? A GLY 1   
2  1 Y 1 A SER 169 ? A SER 2   
3  1 Y 1 A HIS 170 ? A HIS 3   
4  1 Y 1 A MSE 171 ? A MSE 4   
5  1 Y 1 A GLY 172 ? A GLY 5   
6  1 Y 1 A ALA 173 ? A ALA 6   
7  1 Y 1 A GLY 174 ? A GLY 7   
8  1 Y 1 A TYR 175 ? A TYR 8   
9  1 Y 1 A ASN 176 ? A ASN 9   
10 1 Y 1 A SER 177 ? A SER 10  
11 1 Y 1 A GLU 178 ? A GLU 11  
12 1 Y 1 A ASP 179 ? A ASP 12  
13 1 Y 1 A GLU 180 ? A GLU 13  
14 1 Y 1 A TYR 181 ? A TYR 14  
15 1 Y 1 A GLU 182 ? A GLU 15  
16 1 Y 1 A ALA 183 ? A ALA 16  
17 1 Y 1 A ALA 184 ? A ALA 17  
18 1 Y 1 A VAL 262 ? A VAL 95  
19 1 Y 1 A THR 263 ? A THR 96  
20 1 Y 1 A GLU 264 ? A GLU 97  
21 1 Y 1 A ASP 265 ? A ASP 98  
22 1 Y 1 A PHE 266 ? A PHE 99  
23 1 Y 1 A THR 267 ? A THR 100 
24 1 Y 1 A THR 268 ? A THR 101 
25 1 Y 1 A TYR 269 ? A TYR 102 
26 1 Y 1 A ILE 270 ? A ILE 103 
27 1 Y 1 A ASN 271 ? A ASN 104 
28 1 Y 1 A ARG 272 ? A ARG 105 
29 1 Y 1 A LYS 273 ? A LYS 106 
30 1 Y 1 A ARG 274 ? A ARG 107 
31 1 Y 1 A LYS 275 ? A LYS 108 
32 1 Y 1 A ASN 276 ? A ASN 109 
33 1 Y 1 A ASN 277 ? A ASN 110 
34 1 Y 1 A CYS 278 ? A CYS 111 
35 1 Y 1 A LYS 343 ? A LYS 176 
36 1 Y 1 A ALA 344 ? A ALA 177 
37 1 Y 1 A THR 345 ? A THR 178 
38 1 Y 1 A ILE 346 ? A ILE 179 
39 1 Y 1 A GLY 347 ? A GLY 180 
40 1 Y 1 A VAL 348 ? A VAL 181 
41 1 Y 1 A GLY 349 ? A GLY 182 
42 1 Y 1 A LEU 350 ? A LEU 183 
43 1 Y 1 A GLY 351 ? A GLY 184 
# 
loop_
_chem_comp_atom.comp_id 
_chem_comp_atom.atom_id 
_chem_comp_atom.type_symbol 
_chem_comp_atom.pdbx_aromatic_flag 
_chem_comp_atom.pdbx_stereo_config 
_chem_comp_atom.pdbx_ordinal 
ALA N    N  N N 1   
ALA CA   C  N S 2   
ALA C    C  N N 3   
ALA O    O  N N 4   
ALA CB   C  N N 5   
ALA OXT  O  N N 6   
ALA H    H  N N 7   
ALA H2   H  N N 8   
ALA HA   H  N N 9   
ALA HB1  H  N N 10  
ALA HB2  H  N N 11  
ALA HB3  H  N N 12  
ALA HXT  H  N N 13  
ARG N    N  N N 14  
ARG CA   C  N S 15  
ARG C    C  N N 16  
ARG O    O  N N 17  
ARG CB   C  N N 18  
ARG CG   C  N N 19  
ARG CD   C  N N 20  
ARG NE   N  N N 21  
ARG CZ   C  N N 22  
ARG NH1  N  N N 23  
ARG NH2  N  N N 24  
ARG OXT  O  N N 25  
ARG H    H  N N 26  
ARG H2   H  N N 27  
ARG HA   H  N N 28  
ARG HB2  H  N N 29  
ARG HB3  H  N N 30  
ARG HG2  H  N N 31  
ARG HG3  H  N N 32  
ARG HD2  H  N N 33  
ARG HD3  H  N N 34  
ARG HE   H  N N 35  
ARG HH11 H  N N 36  
ARG HH12 H  N N 37  
ARG HH21 H  N N 38  
ARG HH22 H  N N 39  
ARG HXT  H  N N 40  
ASN N    N  N N 41  
ASN CA   C  N S 42  
ASN C    C  N N 43  
ASN O    O  N N 44  
ASN CB   C  N N 45  
ASN CG   C  N N 46  
ASN OD1  O  N N 47  
ASN ND2  N  N N 48  
ASN OXT  O  N N 49  
ASN H    H  N N 50  
ASN H2   H  N N 51  
ASN HA   H  N N 52  
ASN HB2  H  N N 53  
ASN HB3  H  N N 54  
ASN HD21 H  N N 55  
ASN HD22 H  N N 56  
ASN HXT  H  N N 57  
ASP N    N  N N 58  
ASP CA   C  N S 59  
ASP C    C  N N 60  
ASP O    O  N N 61  
ASP CB   C  N N 62  
ASP CG   C  N N 63  
ASP OD1  O  N N 64  
ASP OD2  O  N N 65  
ASP OXT  O  N N 66  
ASP H    H  N N 67  
ASP H2   H  N N 68  
ASP HA   H  N N 69  
ASP HB2  H  N N 70  
ASP HB3  H  N N 71  
ASP HD2  H  N N 72  
ASP HXT  H  N N 73  
CYS N    N  N N 74  
CYS CA   C  N R 75  
CYS C    C  N N 76  
CYS O    O  N N 77  
CYS CB   C  N N 78  
CYS SG   S  N N 79  
CYS OXT  O  N N 80  
CYS H    H  N N 81  
CYS H2   H  N N 82  
CYS HA   H  N N 83  
CYS HB2  H  N N 84  
CYS HB3  H  N N 85  
CYS HG   H  N N 86  
CYS HXT  H  N N 87  
GLN N    N  N N 88  
GLN CA   C  N S 89  
GLN C    C  N N 90  
GLN O    O  N N 91  
GLN CB   C  N N 92  
GLN CG   C  N N 93  
GLN CD   C  N N 94  
GLN OE1  O  N N 95  
GLN NE2  N  N N 96  
GLN OXT  O  N N 97  
GLN H    H  N N 98  
GLN H2   H  N N 99  
GLN HA   H  N N 100 
GLN HB2  H  N N 101 
GLN HB3  H  N N 102 
GLN HG2  H  N N 103 
GLN HG3  H  N N 104 
GLN HE21 H  N N 105 
GLN HE22 H  N N 106 
GLN HXT  H  N N 107 
GLU N    N  N N 108 
GLU CA   C  N S 109 
GLU C    C  N N 110 
GLU O    O  N N 111 
GLU CB   C  N N 112 
GLU CG   C  N N 113 
GLU CD   C  N N 114 
GLU OE1  O  N N 115 
GLU OE2  O  N N 116 
GLU OXT  O  N N 117 
GLU H    H  N N 118 
GLU H2   H  N N 119 
GLU HA   H  N N 120 
GLU HB2  H  N N 121 
GLU HB3  H  N N 122 
GLU HG2  H  N N 123 
GLU HG3  H  N N 124 
GLU HE2  H  N N 125 
GLU HXT  H  N N 126 
GLY N    N  N N 127 
GLY CA   C  N N 128 
GLY C    C  N N 129 
GLY O    O  N N 130 
GLY OXT  O  N N 131 
GLY H    H  N N 132 
GLY H2   H  N N 133 
GLY HA2  H  N N 134 
GLY HA3  H  N N 135 
GLY HXT  H  N N 136 
HIS N    N  N N 137 
HIS CA   C  N S 138 
HIS C    C  N N 139 
HIS O    O  N N 140 
HIS CB   C  N N 141 
HIS CG   C  Y N 142 
HIS ND1  N  Y N 143 
HIS CD2  C  Y N 144 
HIS CE1  C  Y N 145 
HIS NE2  N  Y N 146 
HIS OXT  O  N N 147 
HIS H    H  N N 148 
HIS H2   H  N N 149 
HIS HA   H  N N 150 
HIS HB2  H  N N 151 
HIS HB3  H  N N 152 
HIS HD1  H  N N 153 
HIS HD2  H  N N 154 
HIS HE1  H  N N 155 
HIS HE2  H  N N 156 
HIS HXT  H  N N 157 
HOH O    O  N N 158 
HOH H1   H  N N 159 
HOH H2   H  N N 160 
ILE N    N  N N 161 
ILE CA   C  N S 162 
ILE C    C  N N 163 
ILE O    O  N N 164 
ILE CB   C  N S 165 
ILE CG1  C  N N 166 
ILE CG2  C  N N 167 
ILE CD1  C  N N 168 
ILE OXT  O  N N 169 
ILE H    H  N N 170 
ILE H2   H  N N 171 
ILE HA   H  N N 172 
ILE HB   H  N N 173 
ILE HG12 H  N N 174 
ILE HG13 H  N N 175 
ILE HG21 H  N N 176 
ILE HG22 H  N N 177 
ILE HG23 H  N N 178 
ILE HD11 H  N N 179 
ILE HD12 H  N N 180 
ILE HD13 H  N N 181 
ILE HXT  H  N N 182 
LEU N    N  N N 183 
LEU CA   C  N S 184 
LEU C    C  N N 185 
LEU O    O  N N 186 
LEU CB   C  N N 187 
LEU CG   C  N N 188 
LEU CD1  C  N N 189 
LEU CD2  C  N N 190 
LEU OXT  O  N N 191 
LEU H    H  N N 192 
LEU H2   H  N N 193 
LEU HA   H  N N 194 
LEU HB2  H  N N 195 
LEU HB3  H  N N 196 
LEU HG   H  N N 197 
LEU HD11 H  N N 198 
LEU HD12 H  N N 199 
LEU HD13 H  N N 200 
LEU HD21 H  N N 201 
LEU HD22 H  N N 202 
LEU HD23 H  N N 203 
LEU HXT  H  N N 204 
LYS N    N  N N 205 
LYS CA   C  N S 206 
LYS C    C  N N 207 
LYS O    O  N N 208 
LYS CB   C  N N 209 
LYS CG   C  N N 210 
LYS CD   C  N N 211 
LYS CE   C  N N 212 
LYS NZ   N  N N 213 
LYS OXT  O  N N 214 
LYS H    H  N N 215 
LYS H2   H  N N 216 
LYS HA   H  N N 217 
LYS HB2  H  N N 218 
LYS HB3  H  N N 219 
LYS HG2  H  N N 220 
LYS HG3  H  N N 221 
LYS HD2  H  N N 222 
LYS HD3  H  N N 223 
LYS HE2  H  N N 224 
LYS HE3  H  N N 225 
LYS HZ1  H  N N 226 
LYS HZ2  H  N N 227 
LYS HZ3  H  N N 228 
LYS HXT  H  N N 229 
MSE N    N  N N 230 
MSE CA   C  N S 231 
MSE C    C  N N 232 
MSE O    O  N N 233 
MSE OXT  O  N N 234 
MSE CB   C  N N 235 
MSE CG   C  N N 236 
MSE SE   SE N N 237 
MSE CE   C  N N 238 
MSE H    H  N N 239 
MSE H2   H  N N 240 
MSE HA   H  N N 241 
MSE HXT  H  N N 242 
MSE HB2  H  N N 243 
MSE HB3  H  N N 244 
MSE HG2  H  N N 245 
MSE HG3  H  N N 246 
MSE HE1  H  N N 247 
MSE HE2  H  N N 248 
MSE HE3  H  N N 249 
PHE N    N  N N 250 
PHE CA   C  N S 251 
PHE C    C  N N 252 
PHE O    O  N N 253 
PHE CB   C  N N 254 
PHE CG   C  Y N 255 
PHE CD1  C  Y N 256 
PHE CD2  C  Y N 257 
PHE CE1  C  Y N 258 
PHE CE2  C  Y N 259 
PHE CZ   C  Y N 260 
PHE OXT  O  N N 261 
PHE H    H  N N 262 
PHE H2   H  N N 263 
PHE HA   H  N N 264 
PHE HB2  H  N N 265 
PHE HB3  H  N N 266 
PHE HD1  H  N N 267 
PHE HD2  H  N N 268 
PHE HE1  H  N N 269 
PHE HE2  H  N N 270 
PHE HZ   H  N N 271 
PHE HXT  H  N N 272 
PRO N    N  N N 273 
PRO CA   C  N S 274 
PRO C    C  N N 275 
PRO O    O  N N 276 
PRO CB   C  N N 277 
PRO CG   C  N N 278 
PRO CD   C  N N 279 
PRO OXT  O  N N 280 
PRO H    H  N N 281 
PRO HA   H  N N 282 
PRO HB2  H  N N 283 
PRO HB3  H  N N 284 
PRO HG2  H  N N 285 
PRO HG3  H  N N 286 
PRO HD2  H  N N 287 
PRO HD3  H  N N 288 
PRO HXT  H  N N 289 
SER N    N  N N 290 
SER CA   C  N S 291 
SER C    C  N N 292 
SER O    O  N N 293 
SER CB   C  N N 294 
SER OG   O  N N 295 
SER OXT  O  N N 296 
SER H    H  N N 297 
SER H2   H  N N 298 
SER HA   H  N N 299 
SER HB2  H  N N 300 
SER HB3  H  N N 301 
SER HG   H  N N 302 
SER HXT  H  N N 303 
THR N    N  N N 304 
THR CA   C  N S 305 
THR C    C  N N 306 
THR O    O  N N 307 
THR CB   C  N R 308 
THR OG1  O  N N 309 
THR CG2  C  N N 310 
THR OXT  O  N N 311 
THR H    H  N N 312 
THR H2   H  N N 313 
THR HA   H  N N 314 
THR HB   H  N N 315 
THR HG1  H  N N 316 
THR HG21 H  N N 317 
THR HG22 H  N N 318 
THR HG23 H  N N 319 
THR HXT  H  N N 320 
TRP N    N  N N 321 
TRP CA   C  N S 322 
TRP C    C  N N 323 
TRP O    O  N N 324 
TRP CB   C  N N 325 
TRP CG   C  Y N 326 
TRP CD1  C  Y N 327 
TRP CD2  C  Y N 328 
TRP NE1  N  Y N 329 
TRP CE2  C  Y N 330 
TRP CE3  C  Y N 331 
TRP CZ2  C  Y N 332 
TRP CZ3  C  Y N 333 
TRP CH2  C  Y N 334 
TRP OXT  O  N N 335 
TRP H    H  N N 336 
TRP H2   H  N N 337 
TRP HA   H  N N 338 
TRP HB2  H  N N 339 
TRP HB3  H  N N 340 
TRP HD1  H  N N 341 
TRP HE1  H  N N 342 
TRP HE3  H  N N 343 
TRP HZ2  H  N N 344 
TRP HZ3  H  N N 345 
TRP HH2  H  N N 346 
TRP HXT  H  N N 347 
TYR N    N  N N 348 
TYR CA   C  N S 349 
TYR C    C  N N 350 
TYR O    O  N N 351 
TYR CB   C  N N 352 
TYR CG   C  Y N 353 
TYR CD1  C  Y N 354 
TYR CD2  C  Y N 355 
TYR CE1  C  Y N 356 
TYR CE2  C  Y N 357 
TYR CZ   C  Y N 358 
TYR OH   O  N N 359 
TYR OXT  O  N N 360 
TYR H    H  N N 361 
TYR H2   H  N N 362 
TYR HA   H  N N 363 
TYR HB2  H  N N 364 
TYR HB3  H  N N 365 
TYR HD1  H  N N 366 
TYR HD2  H  N N 367 
TYR HE1  H  N N 368 
TYR HE2  H  N N 369 
TYR HH   H  N N 370 
TYR HXT  H  N N 371 
VAL N    N  N N 372 
VAL CA   C  N S 373 
VAL C    C  N N 374 
VAL O    O  N N 375 
VAL CB   C  N N 376 
VAL CG1  C  N N 377 
VAL CG2  C  N N 378 
VAL OXT  O  N N 379 
VAL H    H  N N 380 
VAL H2   H  N N 381 
VAL HA   H  N N 382 
VAL HB   H  N N 383 
VAL HG11 H  N N 384 
VAL HG12 H  N N 385 
VAL HG13 H  N N 386 
VAL HG21 H  N N 387 
VAL HG22 H  N N 388 
VAL HG23 H  N N 389 
VAL HXT  H  N N 390 
# 
loop_
_chem_comp_bond.comp_id 
_chem_comp_bond.atom_id_1 
_chem_comp_bond.atom_id_2 
_chem_comp_bond.value_order 
_chem_comp_bond.pdbx_aromatic_flag 
_chem_comp_bond.pdbx_stereo_config 
_chem_comp_bond.pdbx_ordinal 
ALA N   CA   sing N N 1   
ALA N   H    sing N N 2   
ALA N   H2   sing N N 3   
ALA CA  C    sing N N 4   
ALA CA  CB   sing N N 5   
ALA CA  HA   sing N N 6   
ALA C   O    doub N N 7   
ALA C   OXT  sing N N 8   
ALA CB  HB1  sing N N 9   
ALA CB  HB2  sing N N 10  
ALA CB  HB3  sing N N 11  
ALA OXT HXT  sing N N 12  
ARG N   CA   sing N N 13  
ARG N   H    sing N N 14  
ARG N   H2   sing N N 15  
ARG CA  C    sing N N 16  
ARG CA  CB   sing N N 17  
ARG CA  HA   sing N N 18  
ARG C   O    doub N N 19  
ARG C   OXT  sing N N 20  
ARG CB  CG   sing N N 21  
ARG CB  HB2  sing N N 22  
ARG CB  HB3  sing N N 23  
ARG CG  CD   sing N N 24  
ARG CG  HG2  sing N N 25  
ARG CG  HG3  sing N N 26  
ARG CD  NE   sing N N 27  
ARG CD  HD2  sing N N 28  
ARG CD  HD3  sing N N 29  
ARG NE  CZ   sing N N 30  
ARG NE  HE   sing N N 31  
ARG CZ  NH1  sing N N 32  
ARG CZ  NH2  doub N N 33  
ARG NH1 HH11 sing N N 34  
ARG NH1 HH12 sing N N 35  
ARG NH2 HH21 sing N N 36  
ARG NH2 HH22 sing N N 37  
ARG OXT HXT  sing N N 38  
ASN N   CA   sing N N 39  
ASN N   H    sing N N 40  
ASN N   H2   sing N N 41  
ASN CA  C    sing N N 42  
ASN CA  CB   sing N N 43  
ASN CA  HA   sing N N 44  
ASN C   O    doub N N 45  
ASN C   OXT  sing N N 46  
ASN CB  CG   sing N N 47  
ASN CB  HB2  sing N N 48  
ASN CB  HB3  sing N N 49  
ASN CG  OD1  doub N N 50  
ASN CG  ND2  sing N N 51  
ASN ND2 HD21 sing N N 52  
ASN ND2 HD22 sing N N 53  
ASN OXT HXT  sing N N 54  
ASP N   CA   sing N N 55  
ASP N   H    sing N N 56  
ASP N   H2   sing N N 57  
ASP CA  C    sing N N 58  
ASP CA  CB   sing N N 59  
ASP CA  HA   sing N N 60  
ASP C   O    doub N N 61  
ASP C   OXT  sing N N 62  
ASP CB  CG   sing N N 63  
ASP CB  HB2  sing N N 64  
ASP CB  HB3  sing N N 65  
ASP CG  OD1  doub N N 66  
ASP CG  OD2  sing N N 67  
ASP OD2 HD2  sing N N 68  
ASP OXT HXT  sing N N 69  
CYS N   CA   sing N N 70  
CYS N   H    sing N N 71  
CYS N   H2   sing N N 72  
CYS CA  C    sing N N 73  
CYS CA  CB   sing N N 74  
CYS CA  HA   sing N N 75  
CYS C   O    doub N N 76  
CYS C   OXT  sing N N 77  
CYS CB  SG   sing N N 78  
CYS CB  HB2  sing N N 79  
CYS CB  HB3  sing N N 80  
CYS SG  HG   sing N N 81  
CYS OXT HXT  sing N N 82  
GLN N   CA   sing N N 83  
GLN N   H    sing N N 84  
GLN N   H2   sing N N 85  
GLN CA  C    sing N N 86  
GLN CA  CB   sing N N 87  
GLN CA  HA   sing N N 88  
GLN C   O    doub N N 89  
GLN C   OXT  sing N N 90  
GLN CB  CG   sing N N 91  
GLN CB  HB2  sing N N 92  
GLN CB  HB3  sing N N 93  
GLN CG  CD   sing N N 94  
GLN CG  HG2  sing N N 95  
GLN CG  HG3  sing N N 96  
GLN CD  OE1  doub N N 97  
GLN CD  NE2  sing N N 98  
GLN NE2 HE21 sing N N 99  
GLN NE2 HE22 sing N N 100 
GLN OXT HXT  sing N N 101 
GLU N   CA   sing N N 102 
GLU N   H    sing N N 103 
GLU N   H2   sing N N 104 
GLU CA  C    sing N N 105 
GLU CA  CB   sing N N 106 
GLU CA  HA   sing N N 107 
GLU C   O    doub N N 108 
GLU C   OXT  sing N N 109 
GLU CB  CG   sing N N 110 
GLU CB  HB2  sing N N 111 
GLU CB  HB3  sing N N 112 
GLU CG  CD   sing N N 113 
GLU CG  HG2  sing N N 114 
GLU CG  HG3  sing N N 115 
GLU CD  OE1  doub N N 116 
GLU CD  OE2  sing N N 117 
GLU OE2 HE2  sing N N 118 
GLU OXT HXT  sing N N 119 
GLY N   CA   sing N N 120 
GLY N   H    sing N N 121 
GLY N   H2   sing N N 122 
GLY CA  C    sing N N 123 
GLY CA  HA2  sing N N 124 
GLY CA  HA3  sing N N 125 
GLY C   O    doub N N 126 
GLY C   OXT  sing N N 127 
GLY OXT HXT  sing N N 128 
HIS N   CA   sing N N 129 
HIS N   H    sing N N 130 
HIS N   H2   sing N N 131 
HIS CA  C    sing N N 132 
HIS CA  CB   sing N N 133 
HIS CA  HA   sing N N 134 
HIS C   O    doub N N 135 
HIS C   OXT  sing N N 136 
HIS CB  CG   sing N N 137 
HIS CB  HB2  sing N N 138 
HIS CB  HB3  sing N N 139 
HIS CG  ND1  sing Y N 140 
HIS CG  CD2  doub Y N 141 
HIS ND1 CE1  doub Y N 142 
HIS ND1 HD1  sing N N 143 
HIS CD2 NE2  sing Y N 144 
HIS CD2 HD2  sing N N 145 
HIS CE1 NE2  sing Y N 146 
HIS CE1 HE1  sing N N 147 
HIS NE2 HE2  sing N N 148 
HIS OXT HXT  sing N N 149 
HOH O   H1   sing N N 150 
HOH O   H2   sing N N 151 
ILE N   CA   sing N N 152 
ILE N   H    sing N N 153 
ILE N   H2   sing N N 154 
ILE CA  C    sing N N 155 
ILE CA  CB   sing N N 156 
ILE CA  HA   sing N N 157 
ILE C   O    doub N N 158 
ILE C   OXT  sing N N 159 
ILE CB  CG1  sing N N 160 
ILE CB  CG2  sing N N 161 
ILE CB  HB   sing N N 162 
ILE CG1 CD1  sing N N 163 
ILE CG1 HG12 sing N N 164 
ILE CG1 HG13 sing N N 165 
ILE CG2 HG21 sing N N 166 
ILE CG2 HG22 sing N N 167 
ILE CG2 HG23 sing N N 168 
ILE CD1 HD11 sing N N 169 
ILE CD1 HD12 sing N N 170 
ILE CD1 HD13 sing N N 171 
ILE OXT HXT  sing N N 172 
LEU N   CA   sing N N 173 
LEU N   H    sing N N 174 
LEU N   H2   sing N N 175 
LEU CA  C    sing N N 176 
LEU CA  CB   sing N N 177 
LEU CA  HA   sing N N 178 
LEU C   O    doub N N 179 
LEU C   OXT  sing N N 180 
LEU CB  CG   sing N N 181 
LEU CB  HB2  sing N N 182 
LEU CB  HB3  sing N N 183 
LEU CG  CD1  sing N N 184 
LEU CG  CD2  sing N N 185 
LEU CG  HG   sing N N 186 
LEU CD1 HD11 sing N N 187 
LEU CD1 HD12 sing N N 188 
LEU CD1 HD13 sing N N 189 
LEU CD2 HD21 sing N N 190 
LEU CD2 HD22 sing N N 191 
LEU CD2 HD23 sing N N 192 
LEU OXT HXT  sing N N 193 
LYS N   CA   sing N N 194 
LYS N   H    sing N N 195 
LYS N   H2   sing N N 196 
LYS CA  C    sing N N 197 
LYS CA  CB   sing N N 198 
LYS CA  HA   sing N N 199 
LYS C   O    doub N N 200 
LYS C   OXT  sing N N 201 
LYS CB  CG   sing N N 202 
LYS CB  HB2  sing N N 203 
LYS CB  HB3  sing N N 204 
LYS CG  CD   sing N N 205 
LYS CG  HG2  sing N N 206 
LYS CG  HG3  sing N N 207 
LYS CD  CE   sing N N 208 
LYS CD  HD2  sing N N 209 
LYS CD  HD3  sing N N 210 
LYS CE  NZ   sing N N 211 
LYS CE  HE2  sing N N 212 
LYS CE  HE3  sing N N 213 
LYS NZ  HZ1  sing N N 214 
LYS NZ  HZ2  sing N N 215 
LYS NZ  HZ3  sing N N 216 
LYS OXT HXT  sing N N 217 
MSE N   CA   sing N N 218 
MSE N   H    sing N N 219 
MSE N   H2   sing N N 220 
MSE CA  C    sing N N 221 
MSE CA  CB   sing N N 222 
MSE CA  HA   sing N N 223 
MSE C   O    doub N N 224 
MSE C   OXT  sing N N 225 
MSE OXT HXT  sing N N 226 
MSE CB  CG   sing N N 227 
MSE CB  HB2  sing N N 228 
MSE CB  HB3  sing N N 229 
MSE CG  SE   sing N N 230 
MSE CG  HG2  sing N N 231 
MSE CG  HG3  sing N N 232 
MSE SE  CE   sing N N 233 
MSE CE  HE1  sing N N 234 
MSE CE  HE2  sing N N 235 
MSE CE  HE3  sing N N 236 
PHE N   CA   sing N N 237 
PHE N   H    sing N N 238 
PHE N   H2   sing N N 239 
PHE CA  C    sing N N 240 
PHE CA  CB   sing N N 241 
PHE CA  HA   sing N N 242 
PHE C   O    doub N N 243 
PHE C   OXT  sing N N 244 
PHE CB  CG   sing N N 245 
PHE CB  HB2  sing N N 246 
PHE CB  HB3  sing N N 247 
PHE CG  CD1  doub Y N 248 
PHE CG  CD2  sing Y N 249 
PHE CD1 CE1  sing Y N 250 
PHE CD1 HD1  sing N N 251 
PHE CD2 CE2  doub Y N 252 
PHE CD2 HD2  sing N N 253 
PHE CE1 CZ   doub Y N 254 
PHE CE1 HE1  sing N N 255 
PHE CE2 CZ   sing Y N 256 
PHE CE2 HE2  sing N N 257 
PHE CZ  HZ   sing N N 258 
PHE OXT HXT  sing N N 259 
PRO N   CA   sing N N 260 
PRO N   CD   sing N N 261 
PRO N   H    sing N N 262 
PRO CA  C    sing N N 263 
PRO CA  CB   sing N N 264 
PRO CA  HA   sing N N 265 
PRO C   O    doub N N 266 
PRO C   OXT  sing N N 267 
PRO CB  CG   sing N N 268 
PRO CB  HB2  sing N N 269 
PRO CB  HB3  sing N N 270 
PRO CG  CD   sing N N 271 
PRO CG  HG2  sing N N 272 
PRO CG  HG3  sing N N 273 
PRO CD  HD2  sing N N 274 
PRO CD  HD3  sing N N 275 
PRO OXT HXT  sing N N 276 
SER N   CA   sing N N 277 
SER N   H    sing N N 278 
SER N   H2   sing N N 279 
SER CA  C    sing N N 280 
SER CA  CB   sing N N 281 
SER CA  HA   sing N N 282 
SER C   O    doub N N 283 
SER C   OXT  sing N N 284 
SER CB  OG   sing N N 285 
SER CB  HB2  sing N N 286 
SER CB  HB3  sing N N 287 
SER OG  HG   sing N N 288 
SER OXT HXT  sing N N 289 
THR N   CA   sing N N 290 
THR N   H    sing N N 291 
THR N   H2   sing N N 292 
THR CA  C    sing N N 293 
THR CA  CB   sing N N 294 
THR CA  HA   sing N N 295 
THR C   O    doub N N 296 
THR C   OXT  sing N N 297 
THR CB  OG1  sing N N 298 
THR CB  CG2  sing N N 299 
THR CB  HB   sing N N 300 
THR OG1 HG1  sing N N 301 
THR CG2 HG21 sing N N 302 
THR CG2 HG22 sing N N 303 
THR CG2 HG23 sing N N 304 
THR OXT HXT  sing N N 305 
TRP N   CA   sing N N 306 
TRP N   H    sing N N 307 
TRP N   H2   sing N N 308 
TRP CA  C    sing N N 309 
TRP CA  CB   sing N N 310 
TRP CA  HA   sing N N 311 
TRP C   O    doub N N 312 
TRP C   OXT  sing N N 313 
TRP CB  CG   sing N N 314 
TRP CB  HB2  sing N N 315 
TRP CB  HB3  sing N N 316 
TRP CG  CD1  doub Y N 317 
TRP CG  CD2  sing Y N 318 
TRP CD1 NE1  sing Y N 319 
TRP CD1 HD1  sing N N 320 
TRP CD2 CE2  doub Y N 321 
TRP CD2 CE3  sing Y N 322 
TRP NE1 CE2  sing Y N 323 
TRP NE1 HE1  sing N N 324 
TRP CE2 CZ2  sing Y N 325 
TRP CE3 CZ3  doub Y N 326 
TRP CE3 HE3  sing N N 327 
TRP CZ2 CH2  doub Y N 328 
TRP CZ2 HZ2  sing N N 329 
TRP CZ3 CH2  sing Y N 330 
TRP CZ3 HZ3  sing N N 331 
TRP CH2 HH2  sing N N 332 
TRP OXT HXT  sing N N 333 
TYR N   CA   sing N N 334 
TYR N   H    sing N N 335 
TYR N   H2   sing N N 336 
TYR CA  C    sing N N 337 
TYR CA  CB   sing N N 338 
TYR CA  HA   sing N N 339 
TYR C   O    doub N N 340 
TYR C   OXT  sing N N 341 
TYR CB  CG   sing N N 342 
TYR CB  HB2  sing N N 343 
TYR CB  HB3  sing N N 344 
TYR CG  CD1  doub Y N 345 
TYR CG  CD2  sing Y N 346 
TYR CD1 CE1  sing Y N 347 
TYR CD1 HD1  sing N N 348 
TYR CD2 CE2  doub Y N 349 
TYR CD2 HD2  sing N N 350 
TYR CE1 CZ   doub Y N 351 
TYR CE1 HE1  sing N N 352 
TYR CE2 CZ   sing Y N 353 
TYR CE2 HE2  sing N N 354 
TYR CZ  OH   sing N N 355 
TYR OH  HH   sing N N 356 
TYR OXT HXT  sing N N 357 
VAL N   CA   sing N N 358 
VAL N   H    sing N N 359 
VAL N   H2   sing N N 360 
VAL CA  C    sing N N 361 
VAL CA  CB   sing N N 362 
VAL CA  HA   sing N N 363 
VAL C   O    doub N N 364 
VAL C   OXT  sing N N 365 
VAL CB  CG1  sing N N 366 
VAL CB  CG2  sing N N 367 
VAL CB  HB   sing N N 368 
VAL CG1 HG11 sing N N 369 
VAL CG1 HG12 sing N N 370 
VAL CG1 HG13 sing N N 371 
VAL CG2 HG21 sing N N 372 
VAL CG2 HG22 sing N N 373 
VAL CG2 HG23 sing N N 374 
VAL OXT HXT  sing N N 375 
# 
_atom_sites.entry_id                    3TMO 
_atom_sites.fract_transf_matrix[1][1]   -0.01545174 
_atom_sites.fract_transf_matrix[1][2]   -0.00778929 
_atom_sites.fract_transf_matrix[1][3]   0.00080221 
_atom_sites.fract_transf_matrix[2][1]   -0.01101857 
_atom_sites.fract_transf_matrix[2][2]   0.00122521 
_atom_sites.fract_transf_matrix[2][3]   -0.01331076 
_atom_sites.fract_transf_matrix[3][1]   0.00480654 
_atom_sites.fract_transf_matrix[3][2]   -0.01003976 
_atom_sites.fract_transf_matrix[3][3]   -0.00490295 
_atom_sites.fract_transf_vector[1]      0.432625 
_atom_sites.fract_transf_vector[2]      0.294208 
_atom_sites.fract_transf_vector[3]      -0.121986 
# 
loop_
_atom_type.symbol 
C  
N  
O  
S  
SE 
# 
loop_
_atom_site.group_PDB 
_atom_site.id 
_atom_site.type_symbol 
_atom_site.label_atom_id 
_atom_site.label_alt_id 
_atom_site.label_comp_id 
_atom_site.label_asym_id 
_atom_site.label_entity_id 
_atom_site.label_seq_id 
_atom_site.pdbx_PDB_ins_code 
_atom_site.Cartn_x 
_atom_site.Cartn_y 
_atom_site.Cartn_z 
_atom_site.occupancy 
_atom_site.B_iso_or_equiv 
_atom_site.pdbx_formal_charge 
_atom_site.auth_seq_id 
_atom_site.auth_comp_id 
_atom_site.auth_asym_id 
_atom_site.auth_atom_id 
_atom_site.pdbx_PDB_model_num 
ATOM   1    N  N   . ALA A 1 18  ? -15.036 19.582  -20.588 1.00 50.13 ? 185 ALA A N   1 
ATOM   2    C  CA  . ALA A 1 18  ? -13.644 19.242  -21.007 1.00 50.57 ? 185 ALA A CA  1 
ATOM   3    C  C   . ALA A 1 18  ? -12.620 19.543  -19.903 1.00 50.74 ? 185 ALA A C   1 
ATOM   4    O  O   . ALA A 1 18  ? -11.475 19.060  -19.942 1.00 50.50 ? 185 ALA A O   1 
ATOM   5    C  CB  . ALA A 1 18  ? -13.280 19.964  -22.307 1.00 50.44 ? 185 ALA A CB  1 
ATOM   6    N  N   . ALA A 1 19  ? -13.032 20.342  -18.918 1.00 50.83 ? 186 ALA A N   1 
ATOM   7    C  CA  . ALA A 1 19  ? -12.192 20.574  -17.743 1.00 51.00 ? 186 ALA A CA  1 
ATOM   8    C  C   . ALA A 1 19  ? -12.096 19.272  -16.937 1.00 50.93 ? 186 ALA A C   1 
ATOM   9    O  O   . ALA A 1 19  ? -11.006 18.886  -16.498 1.00 50.93 ? 186 ALA A O   1 
ATOM   10   C  CB  . ALA A 1 19  ? -12.741 21.734  -16.885 1.00 50.73 ? 186 ALA A CB  1 
ATOM   11   N  N   . ARG A 1 20  ? -13.235 18.591  -16.770 1.00 51.03 ? 187 ARG A N   1 
ATOM   12   C  CA  . ARG A 1 20  ? -13.282 17.272  -16.121 1.00 51.27 ? 187 ARG A CA  1 
ATOM   13   C  C   . ARG A 1 20  ? -12.222 16.364  -16.714 1.00 50.65 ? 187 ARG A C   1 
ATOM   14   O  O   . ARG A 1 20  ? -11.494 15.673  -15.994 1.00 49.96 ? 187 ARG A O   1 
ATOM   15   C  CB  . ARG A 1 20  ? -14.630 16.578  -16.359 1.00 51.94 ? 187 ARG A CB  1 
ATOM   16   C  CG  . ARG A 1 20  ? -15.872 17.266  -15.826 1.00 55.10 ? 187 ARG A CG  1 
ATOM   17   C  CD  . ARG A 1 20  ? -17.114 16.566  -16.398 1.00 61.20 ? 187 ARG A CD  1 
ATOM   18   N  NE  . ARG A 1 20  ? -18.364 17.219  -16.014 1.00 64.24 ? 187 ARG A NE  1 
ATOM   19   C  CZ  . ARG A 1 20  ? -19.573 16.822  -16.408 1.00 67.05 ? 187 ARG A CZ  1 
ATOM   20   N  NH1 . ARG A 1 20  ? -19.710 15.773  -17.218 1.00 67.25 ? 187 ARG A NH1 1 
ATOM   21   N  NH2 . ARG A 1 20  ? -20.654 17.484  -15.996 1.00 67.31 ? 187 ARG A NH2 1 
ATOM   22   N  N   . ILE A 1 21  ? -12.164 16.366  -18.047 1.00 50.33 ? 188 ILE A N   1 
ATOM   23   C  CA  . ILE A 1 21  ? -11.356 15.419  -18.809 1.00 50.13 ? 188 ILE A CA  1 
ATOM   24   C  C   . ILE A 1 21  ? -9.863  15.688  -18.696 1.00 49.88 ? 188 ILE A C   1 
ATOM   25   O  O   . ILE A 1 21  ? -9.074  14.768  -18.494 1.00 49.35 ? 188 ILE A O   1 
ATOM   26   C  CB  . ILE A 1 21  ? -11.750 15.436  -20.288 1.00 50.33 ? 188 ILE A CB  1 
ATOM   27   C  CG1 . ILE A 1 21  ? -13.176 14.894  -20.445 1.00 51.01 ? 188 ILE A CG1 1 
ATOM   28   C  CG2 . ILE A 1 21  ? -10.742 14.635  -21.118 1.00 49.90 ? 188 ILE A CG2 1 
ATOM   29   C  CD1 . ILE A 1 21  ? -14.005 15.644  -21.464 1.00 52.41 ? 188 ILE A CD1 1 
ATOM   30   N  N   . GLU A 1 22  ? -9.479  16.948  -18.849 1.00 49.71 ? 189 GLU A N   1 
ATOM   31   C  CA  . GLU A 1 22  ? -8.076  17.315  -18.693 1.00 49.70 ? 189 GLU A CA  1 
ATOM   32   C  C   . GLU A 1 22  ? -7.596  17.001  -17.265 1.00 48.64 ? 189 GLU A C   1 
ATOM   33   O  O   . GLU A 1 22  ? -6.470  16.543  -17.079 1.00 48.02 ? 189 GLU A O   1 
ATOM   34   C  CB  . GLU A 1 22  ? -7.828  18.789  -19.076 1.00 49.95 ? 189 GLU A CB  1 
ATOM   35   C  CG  . GLU A 1 22  ? -7.743  19.016  -20.590 1.00 53.08 ? 189 GLU A CG  1 
ATOM   36   C  CD  . GLU A 1 22  ? -7.121  20.367  -20.982 1.00 57.45 ? 189 GLU A CD  1 
ATOM   37   O  OE1 . GLU A 1 22  ? -6.430  21.003  -20.145 1.00 58.60 ? 189 GLU A OE1 1 
ATOM   38   O  OE2 . GLU A 1 22  ? -7.323  20.783  -22.149 1.00 58.63 ? 189 GLU A OE2 1 
ATOM   39   N  N   . ALA A 1 23  ? -8.465  17.223  -16.274 1.00 47.49 ? 190 ALA A N   1 
ATOM   40   C  CA  . ALA A 1 23  ? -8.138  16.930  -14.872 1.00 46.95 ? 190 ALA A CA  1 
ATOM   41   C  C   . ALA A 1 23  ? -7.944  15.430  -14.562 1.00 46.85 ? 190 ALA A C   1 
ATOM   42   O  O   . ALA A 1 23  ? -7.060  15.074  -13.773 1.00 46.70 ? 190 ALA A O   1 
ATOM   43   C  CB  . ALA A 1 23  ? -9.175  17.539  -13.935 1.00 46.83 ? 190 ALA A CB  1 
HETATM 44   N  N   . MSE A 1 24  ? -8.761  14.563  -15.169 1.00 46.41 ? 191 MSE A N   1 
HETATM 45   C  CA  . MSE A 1 24  ? -8.614  13.103  -15.005 1.00 46.28 ? 191 MSE A CA  1 
HETATM 46   C  C   . MSE A 1 24  ? -7.605  12.435  -15.971 1.00 46.34 ? 191 MSE A C   1 
HETATM 47   O  O   . MSE A 1 24  ? -7.356  11.222  -15.883 1.00 45.87 ? 191 MSE A O   1 
HETATM 48   C  CB  . MSE A 1 24  ? -9.974  12.412  -15.111 1.00 46.23 ? 191 MSE A CB  1 
HETATM 49   C  CG  . MSE A 1 24  ? -10.705 12.661  -16.421 1.00 46.86 ? 191 MSE A CG  1 
HETATM 50   SE SE  . MSE A 1 24  ? -12.627 12.245  -16.293 1.00 48.15 ? 191 MSE A SE  1 
HETATM 51   C  CE  . MSE A 1 24  ? -12.984 12.964  -14.505 1.00 49.89 ? 191 MSE A CE  1 
ATOM   52   N  N   . ASP A 1 25  ? -7.031  13.217  -16.886 1.00 45.93 ? 192 ASP A N   1 
ATOM   53   C  CA  . ASP A 1 25  ? -6.037  12.702  -17.841 1.00 46.17 ? 192 ASP A CA  1 
ATOM   54   C  C   . ASP A 1 25  ? -4.862  12.010  -17.117 1.00 46.18 ? 192 ASP A C   1 
ATOM   55   O  O   . ASP A 1 25  ? -4.265  12.587  -16.197 1.00 45.44 ? 192 ASP A O   1 
ATOM   56   C  CB  . ASP A 1 25  ? -5.523  13.848  -18.729 1.00 46.07 ? 192 ASP A CB  1 
ATOM   57   C  CG  . ASP A 1 25  ? -4.586  13.375  -19.837 1.00 48.64 ? 192 ASP A CG  1 
ATOM   58   O  OD1 . ASP A 1 25  ? -3.861  14.220  -20.416 1.00 52.17 ? 192 ASP A OD1 1 
ATOM   59   O  OD2 . ASP A 1 25  ? -4.566  12.165  -20.141 1.00 50.78 ? 192 ASP A OD2 1 
ATOM   60   N  N   . PRO A 1 26  ? -4.528  10.769  -17.524 1.00 46.46 ? 193 PRO A N   1 
ATOM   61   C  CA  . PRO A 1 26  ? -3.335  10.096  -16.990 1.00 46.87 ? 193 PRO A CA  1 
ATOM   62   C  C   . PRO A 1 26  ? -2.120  11.018  -16.953 1.00 47.43 ? 193 PRO A C   1 
ATOM   63   O  O   . PRO A 1 26  ? -1.181  10.761  -16.199 1.00 47.87 ? 193 PRO A O   1 
ATOM   64   C  CB  . PRO A 1 26  ? -3.092  8.939   -17.981 1.00 47.14 ? 193 PRO A CB  1 
ATOM   65   C  CG  . PRO A 1 26  ? -4.290  8.928   -18.932 1.00 46.72 ? 193 PRO A CG  1 
ATOM   66   C  CD  . PRO A 1 26  ? -5.333  9.866   -18.363 1.00 46.92 ? 193 PRO A CD  1 
ATOM   67   N  N   . ALA A 1 27  ? -2.147  12.079  -17.765 1.00 47.54 ? 194 ALA A N   1 
ATOM   68   C  CA  . ALA A 1 27  ? -1.088  13.092  -17.789 1.00 47.38 ? 194 ALA A CA  1 
ATOM   69   C  C   . ALA A 1 27  ? -0.942  13.809  -16.451 1.00 46.65 ? 194 ALA A C   1 
ATOM   70   O  O   . ALA A 1 27  ? 0.145   13.827  -15.874 1.00 45.91 ? 194 ALA A O   1 
ATOM   71   C  CB  . ALA A 1 27  ? -1.340  14.114  -18.901 1.00 47.67 ? 194 ALA A CB  1 
ATOM   72   N  N   . THR A 1 28  ? -2.029  14.416  -15.978 1.00 46.28 ? 195 THR A N   1 
ATOM   73   C  CA  . THR A 1 28  ? -2.019  15.127  -14.698 1.00 46.02 ? 195 THR A CA  1 
ATOM   74   C  C   . THR A 1 28  ? -1.838  14.191  -13.519 1.00 44.35 ? 195 THR A C   1 
ATOM   75   O  O   . THR A 1 28  ? -1.139  14.526  -12.571 1.00 44.18 ? 195 THR A O   1 
ATOM   76   C  CB  . THR A 1 28  ? -3.299  15.926  -14.458 1.00 46.16 ? 195 THR A CB  1 
ATOM   77   O  OG1 . THR A 1 28  ? -4.426  15.051  -14.547 1.00 48.49 ? 195 THR A OG1 1 
ATOM   78   C  CG2 . THR A 1 28  ? -3.438  16.990  -15.490 1.00 48.60 ? 195 THR A CG2 1 
ATOM   79   N  N   . VAL A 1 29  ? -2.482  13.030  -13.579 1.00 43.26 ? 196 VAL A N   1 
ATOM   80   C  CA  . VAL A 1 29  ? -2.332  11.993  -12.554 1.00 41.86 ? 196 VAL A CA  1 
ATOM   81   C  C   . VAL A 1 29  ? -0.887  11.514  -12.458 1.00 41.17 ? 196 VAL A C   1 
ATOM   82   O  O   . VAL A 1 29  ? -0.352  11.350  -11.355 1.00 39.94 ? 196 VAL A O   1 
ATOM   83   C  CB  . VAL A 1 29  ? -3.247  10.774  -12.845 1.00 42.05 ? 196 VAL A CB  1 
ATOM   84   C  CG1 . VAL A 1 29  ? -2.968  9.651   -11.856 1.00 42.32 ? 196 VAL A CG1 1 
ATOM   85   C  CG2 . VAL A 1 29  ? -4.708  11.175  -12.801 1.00 42.07 ? 196 VAL A CG2 1 
ATOM   86   N  N   . GLU A 1 30  ? -0.263  11.272  -13.616 1.00 40.81 ? 197 GLU A N   1 
ATOM   87   C  CA  . GLU A 1 30  ? 1.164   10.899  -13.678 1.00 40.90 ? 197 GLU A CA  1 
ATOM   88   C  C   . GLU A 1 30  ? 2.072   11.967  -13.077 1.00 39.26 ? 197 GLU A C   1 
ATOM   89   O  O   . GLU A 1 30  ? 3.016   11.658  -12.354 1.00 38.63 ? 197 GLU A O   1 
ATOM   90   C  CB  . GLU A 1 30  ? 1.612   10.640  -15.121 1.00 41.95 ? 197 GLU A CB  1 
ATOM   91   C  CG  . GLU A 1 30  ? 1.437   9.183   -15.616 1.00 47.65 ? 197 GLU A CG  1 
ATOM   92   C  CD  . GLU A 1 30  ? 1.661   9.037   -17.131 1.00 54.90 ? 197 GLU A CD  1 
ATOM   93   O  OE1 . GLU A 1 30  ? 2.276   9.950   -17.743 1.00 57.16 ? 197 GLU A OE1 1 
ATOM   94   O  OE2 . GLU A 1 30  ? 1.200   8.017   -17.714 1.00 57.27 ? 197 GLU A OE2 1 
ATOM   95   N  N   . GLN A 1 31  ? 1.787   13.228  -13.394 1.00 38.25 ? 198 GLN A N   1 
ATOM   96   C  CA  . GLN A 1 31  ? 2.584   14.354  -12.911 1.00 37.33 ? 198 GLN A CA  1 
ATOM   97   C  C   . GLN A 1 31  ? 2.509   14.429  -11.380 1.00 35.95 ? 198 GLN A C   1 
ATOM   98   O  O   . GLN A 1 31  ? 3.499   14.706  -10.713 1.00 35.50 ? 198 GLN A O   1 
ATOM   99   C  CB  . GLN A 1 31  ? 2.096   15.663  -13.552 1.00 37.58 ? 198 GLN A CB  1 
ATOM   100  C  CG  . GLN A 1 31  ? 3.124   16.803  -13.537 1.00 40.99 ? 198 GLN A CG  1 
ATOM   101  C  CD  . GLN A 1 31  ? 2.639   18.080  -14.274 1.00 44.70 ? 198 GLN A CD  1 
ATOM   102  O  OE1 . GLN A 1 31  ? 1.826   18.013  -15.200 1.00 45.55 ? 198 GLN A OE1 1 
ATOM   103  N  NE2 . GLN A 1 31  ? 3.144   19.240  -13.848 1.00 45.56 ? 198 GLN A NE2 1 
ATOM   104  N  N   . GLN A 1 32  ? 1.338   14.145  -10.834 1.00 34.64 ? 199 GLN A N   1 
ATOM   105  C  CA  . GLN A 1 32  ? 1.144   14.142  -9.387  1.00 34.57 ? 199 GLN A CA  1 
ATOM   106  C  C   . GLN A 1 32  ? 1.892   12.994  -8.714  1.00 33.86 ? 199 GLN A C   1 
ATOM   107  O  O   . GLN A 1 32  ? 2.640   13.207  -7.753  1.00 33.43 ? 199 GLN A O   1 
ATOM   108  C  CB  . GLN A 1 32  ? -0.349  14.050  -9.070  1.00 34.25 ? 199 GLN A CB  1 
ATOM   109  C  CG  . GLN A 1 32  ? -1.083  15.329  -9.370  1.00 34.53 ? 199 GLN A CG  1 
ATOM   110  C  CD  . GLN A 1 32  ? -2.578  15.164  -9.282  1.00 36.62 ? 199 GLN A CD  1 
ATOM   111  O  OE1 . GLN A 1 32  ? -3.193  15.473  -8.259  1.00 38.95 ? 199 GLN A OE1 1 
ATOM   112  N  NE2 . GLN A 1 32  ? -3.178  14.690  -10.359 1.00 35.73 ? 199 GLN A NE2 1 
ATOM   113  N  N   . GLU A 1 33  ? 1.687   11.787  -9.231  1.00 33.94 ? 200 GLU A N   1 
ATOM   114  C  CA  . GLU A 1 33  ? 2.380   10.597  -8.738  1.00 34.45 ? 200 GLU A CA  1 
ATOM   115  C  C   . GLU A 1 33  ? 3.899   10.761  -8.858  1.00 34.55 ? 200 GLU A C   1 
ATOM   116  O  O   . GLU A 1 33  ? 4.624   10.500  -7.905  1.00 34.66 ? 200 GLU A O   1 
ATOM   117  C  CB  . GLU A 1 33  ? 1.900   9.345   -9.477  1.00 34.74 ? 200 GLU A CB  1 
ATOM   118  C  CG  . GLU A 1 33  ? 0.485   8.899   -9.086  1.00 35.60 ? 200 GLU A CG  1 
ATOM   119  C  CD  . GLU A 1 33  ? 0.371   8.524   -7.616  1.00 37.58 ? 200 GLU A CD  1 
ATOM   120  O  OE1 . GLU A 1 33  ? 1.417   8.260   -6.989  1.00 38.51 ? 200 GLU A OE1 1 
ATOM   121  O  OE2 . GLU A 1 33  ? -0.763  8.482   -7.079  1.00 36.83 ? 200 GLU A OE2 1 
ATOM   122  N  N   . HIS A 1 34  ? 4.370   11.235  -10.008 1.00 34.58 ? 201 HIS A N   1 
ATOM   123  C  CA  . HIS A 1 34  ? 5.799   11.574  -10.192 1.00 35.63 ? 201 HIS A CA  1 
ATOM   124  C  C   . HIS A 1 34  ? 6.305   12.640  -9.184  1.00 34.89 ? 201 HIS A C   1 
ATOM   125  O  O   . HIS A 1 34  ? 7.364   12.475  -8.571  1.00 34.34 ? 201 HIS A O   1 
ATOM   126  C  CB  . HIS A 1 34  ? 6.027   12.046  -11.637 1.00 36.77 ? 201 HIS A CB  1 
ATOM   127  C  CG  . HIS A 1 34  ? 7.466   12.207  -12.014 1.00 41.76 ? 201 HIS A CG  1 
ATOM   128  N  ND1 . HIS A 1 34  ? 8.194   11.198  -12.610 1.00 46.15 ? 201 HIS A ND1 1 
ATOM   129  C  CD2 . HIS A 1 34  ? 8.307   13.267  -11.906 1.00 44.51 ? 201 HIS A CD2 1 
ATOM   130  C  CE1 . HIS A 1 34  ? 9.424   11.625  -12.847 1.00 46.17 ? 201 HIS A CE1 1 
ATOM   131  N  NE2 . HIS A 1 34  ? 9.517   12.878  -12.434 1.00 47.00 ? 201 HIS A NE2 1 
ATOM   132  N  N   . TRP A 1 35  ? 5.555   13.725  -9.000  1.00 33.92 ? 202 TRP A N   1 
ATOM   133  C  CA  . TRP A 1 35  ? 5.947   14.712  -7.990  1.00 34.12 ? 202 TRP A CA  1 
ATOM   134  C  C   . TRP A 1 35  ? 6.042   14.039  -6.617  1.00 34.55 ? 202 TRP A C   1 
ATOM   135  O  O   . TRP A 1 35  ? 6.955   14.286  -5.855  1.00 34.20 ? 202 TRP A O   1 
ATOM   136  C  CB  . TRP A 1 35  ? 4.949   15.872  -7.900  1.00 33.48 ? 202 TRP A CB  1 
ATOM   137  C  CG  . TRP A 1 35  ? 5.150   16.710  -6.636  1.00 32.18 ? 202 TRP A CG  1 
ATOM   138  C  CD1 . TRP A 1 35  ? 6.018   17.755  -6.485  1.00 30.43 ? 202 TRP A CD1 1 
ATOM   139  C  CD2 . TRP A 1 35  ? 4.477   16.562  -5.369  1.00 31.13 ? 202 TRP A CD2 1 
ATOM   140  N  NE1 . TRP A 1 35  ? 5.913   18.278  -5.212  1.00 31.99 ? 202 TRP A NE1 1 
ATOM   141  C  CE2 . TRP A 1 35  ? 4.989   17.554  -4.504  1.00 31.16 ? 202 TRP A CE2 1 
ATOM   142  C  CE3 . TRP A 1 35  ? 3.496   15.691  -4.886  1.00 32.05 ? 202 TRP A CE3 1 
ATOM   143  C  CZ2 . TRP A 1 35  ? 4.558   17.695  -3.188  1.00 30.12 ? 202 TRP A CZ2 1 
ATOM   144  C  CZ3 . TRP A 1 35  ? 3.061   15.835  -3.584  1.00 32.29 ? 202 TRP A CZ3 1 
ATOM   145  C  CH2 . TRP A 1 35  ? 3.596   16.827  -2.743  1.00 33.13 ? 202 TRP A CH2 1 
ATOM   146  N  N   . PHE A 1 36  ? 5.066   13.196  -6.306  1.00 36.06 ? 203 PHE A N   1 
ATOM   147  C  CA  . PHE A 1 36  ? 5.043   12.509  -5.023  1.00 37.03 ? 203 PHE A CA  1 
ATOM   148  C  C   . PHE A 1 36  ? 6.277   11.626  -4.838  1.00 37.85 ? 203 PHE A C   1 
ATOM   149  O  O   . PHE A 1 36  ? 6.851   11.585  -3.757  1.00 37.35 ? 203 PHE A O   1 
ATOM   150  C  CB  . PHE A 1 36  ? 3.764   11.696  -4.880  1.00 37.39 ? 203 PHE A CB  1 
ATOM   151  C  CG  . PHE A 1 36  ? 3.726   10.859  -3.651  1.00 39.14 ? 203 PHE A CG  1 
ATOM   152  C  CD1 . PHE A 1 36  ? 3.904   11.438  -2.405  1.00 40.23 ? 203 PHE A CD1 1 
ATOM   153  C  CD2 . PHE A 1 36  ? 3.538   9.489   -3.738  1.00 41.10 ? 203 PHE A CD2 1 
ATOM   154  C  CE1 . PHE A 1 36  ? 3.889   10.672  -1.269  1.00 41.42 ? 203 PHE A CE1 1 
ATOM   155  C  CE2 . PHE A 1 36  ? 3.512   8.720   -2.596  1.00 42.68 ? 203 PHE A CE2 1 
ATOM   156  C  CZ  . PHE A 1 36  ? 3.693   9.316   -1.364  1.00 41.34 ? 203 PHE A CZ  1 
ATOM   157  N  N   . GLU A 1 37  ? 6.689   10.936  -5.901  1.00 39.05 ? 204 GLU A N   1 
ATOM   158  C  CA  . GLU A 1 37  ? 7.932   10.162  -5.885  1.00 40.67 ? 204 GLU A CA  1 
ATOM   159  C  C   . GLU A 1 37  ? 9.141   11.061  -5.576  1.00 41.06 ? 204 GLU A C   1 
ATOM   160  O  O   . GLU A 1 37  ? 9.953   10.754  -4.695  1.00 40.52 ? 204 GLU A O   1 
ATOM   161  C  CB  . GLU A 1 37  ? 8.152   9.446   -7.221  1.00 40.97 ? 204 GLU A CB  1 
ATOM   162  C  CG  . GLU A 1 37  ? 7.543   8.049   -7.352  1.00 44.01 ? 204 GLU A CG  1 
ATOM   163  C  CD  . GLU A 1 37  ? 8.134   7.265   -8.528  1.00 47.03 ? 204 GLU A CD  1 
ATOM   164  O  OE1 . GLU A 1 37  ? 8.574   7.893   -9.512  1.00 48.67 ? 204 GLU A OE1 1 
ATOM   165  O  OE2 . GLU A 1 37  ? 8.174   6.018   -8.476  1.00 50.90 ? 204 GLU A OE2 1 
ATOM   166  N  N   . LYS A 1 38  ? 9.253   12.169  -6.311  1.00 42.13 ? 205 LYS A N   1 
ATOM   167  C  CA  . LYS A 1 38  ? 10.348  13.132  -6.119  1.00 43.12 ? 205 LYS A CA  1 
ATOM   168  C  C   . LYS A 1 38  ? 10.390  13.657  -4.698  1.00 42.93 ? 205 LYS A C   1 
ATOM   169  O  O   . LYS A 1 38  ? 11.457  13.786  -4.118  1.00 43.09 ? 205 LYS A O   1 
ATOM   170  C  CB  . LYS A 1 38  ? 10.196  14.322  -7.063  1.00 43.75 ? 205 LYS A CB  1 
ATOM   171  C  CG  . LYS A 1 38  ? 10.396  14.000  -8.529  1.00 47.83 ? 205 LYS A CG  1 
ATOM   172  C  CD  . LYS A 1 38  ? 11.840  14.216  -8.947  1.00 52.73 ? 205 LYS A CD  1 
ATOM   173  C  CE  . LYS A 1 38  ? 11.978  14.151  -10.459 1.00 56.12 ? 205 LYS A CE  1 
ATOM   174  N  NZ  . LYS A 1 38  ? 11.106  15.167  -11.119 1.00 58.34 ? 205 LYS A NZ  1 
ATOM   175  N  N   . ALA A 1 39  ? 9.223   13.979  -4.146  1.00 42.97 ? 206 ALA A N   1 
ATOM   176  C  CA  . ALA A 1 39  ? 9.146   14.502  -2.789  1.00 43.21 ? 206 ALA A CA  1 
ATOM   177  C  C   . ALA A 1 39  ? 9.651   13.495  -1.750  1.00 43.60 ? 206 ALA A C   1 
ATOM   178  O  O   . ALA A 1 39  ? 10.523  13.809  -0.937  1.00 43.25 ? 206 ALA A O   1 
ATOM   179  C  CB  . ALA A 1 39  ? 7.731   14.921  -2.464  1.00 43.27 ? 206 ALA A CB  1 
ATOM   180  N  N   . LEU A 1 40  ? 9.086   12.290  -1.777  1.00 43.83 ? 207 LEU A N   1 
ATOM   181  C  CA  . LEU A 1 40  ? 9.473   11.221  -0.859  1.00 44.38 ? 207 LEU A CA  1 
ATOM   182  C  C   . LEU A 1 40  ? 10.983  11.044  -0.863  1.00 45.30 ? 207 LEU A C   1 
ATOM   183  O  O   . LEU A 1 40  ? 11.615  10.991  0.193   1.00 45.27 ? 207 LEU A O   1 
ATOM   184  C  CB  . LEU A 1 40  ? 8.803   9.919   -1.276  1.00 43.73 ? 207 LEU A CB  1 
ATOM   185  C  CG  . LEU A 1 40  ? 8.180   9.065   -0.184  1.00 43.74 ? 207 LEU A CG  1 
ATOM   186  C  CD1 . LEU A 1 40  ? 7.377   9.889   0.821   1.00 42.38 ? 207 LEU A CD1 1 
ATOM   187  C  CD2 . LEU A 1 40  ? 7.305   7.994   -0.838  1.00 43.19 ? 207 LEU A CD2 1 
ATOM   188  N  N   . ARG A 1 41  ? 11.555  10.954  -2.062  1.00 46.38 ? 208 ARG A N   1 
ATOM   189  C  CA  . ARG A 1 41  ? 12.988  10.863  -2.213  1.00 48.11 ? 208 ARG A CA  1 
ATOM   190  C  C   . ARG A 1 41  ? 13.709  12.072  -1.643  1.00 48.95 ? 208 ARG A C   1 
ATOM   191  O  O   . ARG A 1 41  ? 14.627  11.922  -0.840  1.00 49.08 ? 208 ARG A O   1 
ATOM   192  C  CB  . ARG A 1 41  ? 13.371  10.686  -3.668  1.00 48.45 ? 208 ARG A CB  1 
ATOM   193  C  CG  . ARG A 1 41  ? 14.859  10.469  -3.854  1.00 51.10 ? 208 ARG A CG  1 
ATOM   194  C  CD  . ARG A 1 41  ? 15.182  10.334  -5.318  1.00 56.28 ? 208 ARG A CD  1 
ATOM   195  N  NE  . ARG A 1 41  ? 14.500  11.373  -6.086  1.00 60.76 ? 208 ARG A NE  1 
ATOM   196  C  CZ  . ARG A 1 41  ? 15.065  12.501  -6.510  1.00 62.46 ? 208 ARG A CZ  1 
ATOM   197  N  NH1 . ARG A 1 41  ? 16.349  12.747  -6.262  1.00 63.45 ? 208 ARG A NH1 1 
ATOM   198  N  NH2 . ARG A 1 41  ? 14.343  13.380  -7.200  1.00 63.19 ? 208 ARG A NH2 1 
ATOM   199  N  N   . ASP A 1 42  ? 13.292  13.272  -2.036  1.00 49.72 ? 209 ASP A N   1 
ATOM   200  C  CA  . ASP A 1 42  ? 13.955  14.482  -1.545  1.00 50.66 ? 209 ASP A CA  1 
ATOM   201  C  C   . ASP A 1 42  ? 13.834  14.734  -0.047  1.00 50.30 ? 209 ASP A C   1 
ATOM   202  O  O   . ASP A 1 42  ? 14.770  15.228  0.559   1.00 50.62 ? 209 ASP A O   1 
ATOM   203  C  CB  . ASP A 1 42  ? 13.482  15.717  -2.314  1.00 51.11 ? 209 ASP A CB  1 
ATOM   204  C  CG  . ASP A 1 42  ? 13.940  15.700  -3.749  1.00 53.60 ? 209 ASP A CG  1 
ATOM   205  O  OD1 . ASP A 1 42  ? 14.968  15.034  -4.027  1.00 57.09 ? 209 ASP A OD1 1 
ATOM   206  O  OD2 . ASP A 1 42  ? 13.275  16.334  -4.599  1.00 56.11 ? 209 ASP A OD2 1 
ATOM   207  N  N   . LYS A 1 43  ? 12.687  14.417  0.543   1.00 50.29 ? 210 LYS A N   1 
ATOM   208  C  CA  . LYS A 1 43  ? 12.428  14.748  1.948   1.00 50.18 ? 210 LYS A CA  1 
ATOM   209  C  C   . LYS A 1 43  ? 12.736  13.615  2.931   1.00 49.98 ? 210 LYS A C   1 
ATOM   210  O  O   . LYS A 1 43  ? 12.973  13.860  4.119   1.00 49.95 ? 210 LYS A O   1 
ATOM   211  C  CB  . LYS A 1 43  ? 10.970  15.172  2.138   1.00 50.87 ? 210 LYS A CB  1 
ATOM   212  C  CG  . LYS A 1 43  ? 10.473  16.232  1.151   1.00 52.70 ? 210 LYS A CG  1 
ATOM   213  C  CD  . LYS A 1 43  ? 10.964  17.636  1.529   1.00 55.98 ? 210 LYS A CD  1 
ATOM   214  C  CE  . LYS A 1 43  ? 10.285  18.706  0.674   1.00 56.76 ? 210 LYS A CE  1 
ATOM   215  N  NZ  . LYS A 1 43  ? 10.928  20.036  0.871   1.00 57.39 ? 210 LYS A NZ  1 
ATOM   216  N  N   . LYS A 1 44  ? 12.710  12.377  2.444   1.00 49.07 ? 211 LYS A N   1 
ATOM   217  C  CA  . LYS A 1 44  ? 12.920  11.225  3.313   1.00 48.58 ? 211 LYS A CA  1 
ATOM   218  C  C   . LYS A 1 44  ? 13.931  10.253  2.725   1.00 47.81 ? 211 LYS A C   1 
ATOM   219  O  O   . LYS A 1 44  ? 14.367  9.323   3.393   1.00 47.90 ? 211 LYS A O   1 
ATOM   220  C  CB  . LYS A 1 44  ? 11.592  10.528  3.615   1.00 48.65 ? 211 LYS A CB  1 
ATOM   221  C  CG  . LYS A 1 44  ? 10.673  11.368  4.491   1.00 49.93 ? 211 LYS A CG  1 
ATOM   222  C  CD  . LYS A 1 44  ? 9.824   10.502  5.409   1.00 51.57 ? 211 LYS A CD  1 
ATOM   223  C  CE  . LYS A 1 44  ? 9.436   11.260  6.654   1.00 52.21 ? 211 LYS A CE  1 
ATOM   224  N  NZ  . LYS A 1 44  ? 9.006   12.635  6.312   1.00 55.24 ? 211 LYS A NZ  1 
ATOM   225  N  N   . GLY A 1 45  ? 14.301  10.475  1.470   1.00 47.00 ? 212 GLY A N   1 
ATOM   226  C  CA  . GLY A 1 45  ? 15.275  9.619   0.800   1.00 45.83 ? 212 GLY A CA  1 
ATOM   227  C  C   . GLY A 1 45  ? 14.726  8.262   0.392   1.00 45.34 ? 212 GLY A C   1 
ATOM   228  O  O   . GLY A 1 45  ? 15.475  7.399   -0.074  1.00 44.82 ? 212 GLY A O   1 
ATOM   229  N  N   . PHE A 1 46  ? 13.417  8.065   0.561   1.00 44.32 ? 213 PHE A N   1 
ATOM   230  C  CA  . PHE A 1 46  ? 12.796  6.805   0.160   1.00 43.55 ? 213 PHE A CA  1 
ATOM   231  C  C   . PHE A 1 46  ? 12.603  6.712   -1.363  1.00 43.45 ? 213 PHE A C   1 
ATOM   232  O  O   . PHE A 1 46  ? 12.455  7.718   -2.053  1.00 43.44 ? 213 PHE A O   1 
ATOM   233  C  CB  . PHE A 1 46  ? 11.467  6.576   0.886   1.00 43.32 ? 213 PHE A CB  1 
ATOM   234  C  CG  . PHE A 1 46  ? 11.552  6.680   2.394   1.00 42.62 ? 213 PHE A CG  1 
ATOM   235  C  CD1 . PHE A 1 46  ? 12.755  6.471   3.064   1.00 42.85 ? 213 PHE A CD1 1 
ATOM   236  C  CD2 . PHE A 1 46  ? 10.417  6.948   3.137   1.00 41.86 ? 213 PHE A CD2 1 
ATOM   237  C  CE1 . PHE A 1 46  ? 12.823  6.571   4.446   1.00 43.63 ? 213 PHE A CE1 1 
ATOM   238  C  CE2 . PHE A 1 46  ? 10.466  7.033   4.524   1.00 42.67 ? 213 PHE A CE2 1 
ATOM   239  C  CZ  . PHE A 1 46  ? 11.678  6.844   5.183   1.00 43.37 ? 213 PHE A CZ  1 
ATOM   240  N  N   . ILE A 1 47  ? 12.611  5.488   -1.870  1.00 43.55 ? 214 ILE A N   1 
ATOM   241  C  CA  . ILE A 1 47  ? 12.439  5.206   -3.287  1.00 43.41 ? 214 ILE A CA  1 
ATOM   242  C  C   . ILE A 1 47  ? 11.227  4.316   -3.470  1.00 43.13 ? 214 ILE A C   1 
ATOM   243  O  O   . ILE A 1 47  ? 11.162  3.221   -2.905  1.00 43.11 ? 214 ILE A O   1 
ATOM   244  C  CB  . ILE A 1 47  ? 13.660  4.441   -3.835  1.00 43.63 ? 214 ILE A CB  1 
ATOM   245  C  CG1 . ILE A 1 47  ? 14.902  5.338   -3.827  1.00 44.70 ? 214 ILE A CG1 1 
ATOM   246  C  CG2 . ILE A 1 47  ? 13.382  3.929   -5.247  1.00 44.06 ? 214 ILE A CG2 1 
ATOM   247  C  CD1 . ILE A 1 47  ? 14.921  6.341   -4.958  1.00 47.25 ? 214 ILE A CD1 1 
ATOM   248  N  N   . ILE A 1 48  ? 10.265  4.761   -4.268  1.00 42.66 ? 215 ILE A N   1 
ATOM   249  C  CA  . ILE A 1 48  ? 9.119   3.914   -4.560  1.00 41.79 ? 215 ILE A CA  1 
ATOM   250  C  C   . ILE A 1 48  ? 9.516   2.896   -5.607  1.00 41.46 ? 215 ILE A C   1 
ATOM   251  O  O   . ILE A 1 48  ? 9.995   3.257   -6.673  1.00 41.30 ? 215 ILE A O   1 
ATOM   252  C  CB  . ILE A 1 48  ? 7.920   4.721   -5.050  1.00 42.24 ? 215 ILE A CB  1 
ATOM   253  C  CG1 . ILE A 1 48  ? 7.507   5.733   -3.982  1.00 41.51 ? 215 ILE A CG1 1 
ATOM   254  C  CG2 . ILE A 1 48  ? 6.764   3.804   -5.372  1.00 41.00 ? 215 ILE A CG2 1 
ATOM   255  C  CD1 . ILE A 1 48  ? 6.170   6.388   -4.260  1.00 41.10 ? 215 ILE A CD1 1 
ATOM   256  N  N   . LYS A 1 49  ? 9.329   1.616   -5.290  1.00 40.63 ? 216 LYS A N   1 
ATOM   257  C  CA  . LYS A 1 49  ? 9.697   0.550   -6.204  1.00 40.27 ? 216 LYS A CA  1 
ATOM   258  C  C   . LYS A 1 49  ? 8.430   -0.083  -6.791  1.00 39.81 ? 216 LYS A C   1 
ATOM   259  O  O   . LYS A 1 49  ? 7.539   -0.490  -6.049  1.00 39.07 ? 216 LYS A O   1 
ATOM   260  C  CB  . LYS A 1 49  ? 10.545  -0.489  -5.462  1.00 40.53 ? 216 LYS A CB  1 
ATOM   261  C  CG  . LYS A 1 49  ? 11.090  -1.613  -6.323  1.00 41.02 ? 216 LYS A CG  1 
ATOM   262  C  CD  . LYS A 1 49  ? 12.072  -2.502  -5.527  1.00 41.36 ? 216 LYS A CD  1 
ATOM   263  C  CE  . LYS A 1 49  ? 12.432  -3.774  -6.301  1.00 42.05 ? 216 LYS A CE  1 
ATOM   264  N  NZ  . LYS A 1 49  ? 13.174  -4.753  -5.438  1.00 44.27 ? 216 LYS A NZ  1 
ATOM   265  N  N   . GLN A 1 50  ? 8.353   -0.159  -8.114  1.00 39.47 ? 217 GLN A N   1 
ATOM   266  C  CA  . GLN A 1 50  ? 7.147   -0.655  -8.795  1.00 40.14 ? 217 GLN A CA  1 
ATOM   267  C  C   . GLN A 1 50  ? 6.929   -2.158  -8.637  1.00 40.07 ? 217 GLN A C   1 
ATOM   268  O  O   . GLN A 1 50  ? 7.799   -2.963  -8.974  1.00 39.72 ? 217 GLN A O   1 
ATOM   269  C  CB  . GLN A 1 50  ? 7.147   -0.288  -10.284 1.00 40.08 ? 217 GLN A CB  1 
ATOM   270  C  CG  . GLN A 1 50  ? 7.226   1.219   -10.550 1.00 42.31 ? 217 GLN A CG  1 
ATOM   271  C  CD  . GLN A 1 50  ? 5.938   1.954   -10.214 1.00 45.16 ? 217 GLN A CD  1 
ATOM   272  O  OE1 . GLN A 1 50  ? 4.832   1.460   -10.477 1.00 46.25 ? 217 GLN A OE1 1 
ATOM   273  N  NE2 . GLN A 1 50  ? 6.074   3.152   -9.636  1.00 46.85 ? 217 GLN A NE2 1 
HETATM 274  N  N   . MSE A 1 51  ? 5.752   -2.507  -8.124  1.00 39.93 ? 218 MSE A N   1 
HETATM 275  C  CA  . MSE A 1 51  ? 5.331   -3.883  -7.965  1.00 40.45 ? 218 MSE A CA  1 
HETATM 276  C  C   . MSE A 1 51  ? 4.477   -4.279  -9.157  1.00 42.22 ? 218 MSE A C   1 
HETATM 277  O  O   . MSE A 1 51  ? 3.875   -3.418  -9.817  1.00 42.27 ? 218 MSE A O   1 
HETATM 278  C  CB  . MSE A 1 51  ? 4.513   -4.030  -6.675  1.00 39.58 ? 218 MSE A CB  1 
HETATM 279  C  CG  . MSE A 1 51  ? 5.252   -3.580  -5.431  1.00 36.19 ? 218 MSE A CG  1 
HETATM 280  SE SE  . MSE A 1 51  ? 6.638   -4.881  -4.970  1.00 33.33 ? 218 MSE A SE  1 
HETATM 281  C  CE  . MSE A 1 51  ? 8.159   -4.029  -5.756  1.00 31.30 ? 218 MSE A CE  1 
ATOM   282  N  N   . LYS A 1 52  ? 4.408   -5.576  -9.428  1.00 43.67 ? 219 LYS A N   1 
ATOM   283  C  CA  . LYS A 1 52  ? 3.543   -6.071  -10.479 1.00 45.93 ? 219 LYS A CA  1 
ATOM   284  C  C   . LYS A 1 52  ? 2.081   -5.826  -10.134 1.00 47.32 ? 219 LYS A C   1 
ATOM   285  O  O   . LYS A 1 52  ? 1.668   -5.879  -8.967  1.00 46.36 ? 219 LYS A O   1 
ATOM   286  C  CB  . LYS A 1 52  ? 3.809   -7.546  -10.768 1.00 46.23 ? 219 LYS A CB  1 
ATOM   287  C  CG  . LYS A 1 52  ? 5.102   -7.775  -11.565 1.00 48.11 ? 219 LYS A CG  1 
ATOM   288  C  CD  . LYS A 1 52  ? 5.787   -9.100  -11.211 1.00 50.44 ? 219 LYS A CD  1 
ATOM   289  C  CE  . LYS A 1 52  ? 7.281   -9.079  -11.573 1.00 52.83 ? 219 LYS A CE  1 
ATOM   290  N  NZ  . LYS A 1 52  ? 8.095   -10.128 -10.846 1.00 54.33 ? 219 LYS A NZ  1 
ATOM   291  N  N   . GLU A 1 53  ? 1.307   -5.554  -11.177 1.00 49.54 ? 220 GLU A N   1 
ATOM   292  C  CA  . GLU A 1 53  ? -0.050  -5.075  -11.035 1.00 51.69 ? 220 GLU A CA  1 
ATOM   293  C  C   . GLU A 1 53  ? -1.077  -6.195  -11.028 1.00 52.36 ? 220 GLU A C   1 
ATOM   294  O  O   . GLU A 1 53  ? -1.514  -6.645  -12.084 1.00 52.71 ? 220 GLU A O   1 
ATOM   295  C  CB  . GLU A 1 53  ? -0.369  -4.071  -12.157 1.00 52.47 ? 220 GLU A CB  1 
ATOM   296  C  CG  . GLU A 1 53  ? -0.005  -4.574  -13.561 1.00 55.25 ? 220 GLU A CG  1 
ATOM   297  C  CD  . GLU A 1 53  ? -0.783  -3.868  -14.659 1.00 59.42 ? 220 GLU A CD  1 
ATOM   298  O  OE1 . GLU A 1 53  ? -0.148  -3.415  -15.652 1.00 60.35 ? 220 GLU A OE1 1 
ATOM   299  O  OE2 . GLU A 1 53  ? -2.031  -3.762  -14.526 1.00 60.41 ? 220 GLU A OE2 1 
ATOM   300  N  N   . ASP A 1 54  ? -1.476  -6.622  -9.829  1.00 53.32 ? 221 ASP A N   1 
ATOM   301  C  CA  . ASP A 1 54  ? -2.587  -7.562  -9.672  1.00 53.83 ? 221 ASP A CA  1 
ATOM   302  C  C   . ASP A 1 54  ? -3.403  -7.295  -8.394  1.00 53.58 ? 221 ASP A C   1 
ATOM   303  O  O   . ASP A 1 54  ? -2.953  -7.580  -7.290  1.00 53.62 ? 221 ASP A O   1 
ATOM   304  C  CB  . ASP A 1 54  ? -2.072  -9.003  -9.697  1.00 54.51 ? 221 ASP A CB  1 
ATOM   305  C  CG  . ASP A 1 54  ? -3.178  -10.027 -9.455  1.00 56.32 ? 221 ASP A CG  1 
ATOM   306  O  OD1 . ASP A 1 54  ? -3.134  -11.109 -10.100 1.00 57.94 ? 221 ASP A OD1 1 
ATOM   307  O  OD2 . ASP A 1 54  ? -4.082  -9.758  -8.622  1.00 57.11 ? 221 ASP A OD2 1 
ATOM   308  N  N   . GLY A 1 55  ? -4.601  -6.737  -8.560  1.00 53.07 ? 222 GLY A N   1 
ATOM   309  C  CA  . GLY A 1 55  ? -5.562  -6.602  -7.466  1.00 52.13 ? 222 GLY A CA  1 
ATOM   310  C  C   . GLY A 1 55  ? -5.327  -5.433  -6.523  1.00 51.51 ? 222 GLY A C   1 
ATOM   311  O  O   . GLY A 1 55  ? -4.431  -4.607  -6.731  1.00 51.76 ? 222 GLY A O   1 
ATOM   312  N  N   . ALA A 1 56  ? -6.132  -5.366  -5.474  1.00 50.49 ? 223 ALA A N   1 
ATOM   313  C  CA  . ALA A 1 56  ? -5.940  -4.349  -4.454  1.00 50.15 ? 223 ALA A CA  1 
ATOM   314  C  C   . ALA A 1 56  ? -4.919  -4.847  -3.423  1.00 49.73 ? 223 ALA A C   1 
ATOM   315  O  O   . ALA A 1 56  ? -4.638  -4.165  -2.454  1.00 50.70 ? 223 ALA A O   1 
ATOM   316  C  CB  . ALA A 1 56  ? -7.267  -4.006  -3.791  1.00 49.76 ? 223 ALA A CB  1 
ATOM   317  N  N   . CYS A 1 57  ? -4.360  -6.031  -3.668  1.00 49.00 ? 224 CYS A N   1 
ATOM   318  C  CA  . CYS A 1 57  ? -3.426  -6.723  -2.765  1.00 48.36 ? 224 CYS A CA  1 
ATOM   319  C  C   . CYS A 1 57  ? -2.141  -5.967  -2.429  1.00 46.13 ? 224 CYS A C   1 
ATOM   320  O  O   . CYS A 1 57  ? -1.410  -5.522  -3.319  1.00 46.03 ? 224 CYS A O   1 
ATOM   321  C  CB  . CYS A 1 57  ? -3.018  -8.061  -3.394  1.00 49.01 ? 224 CYS A CB  1 
ATOM   322  S  SG  . CYS A 1 57  ? -1.977  -7.868  -4.918  1.00 55.74 ? 224 CYS A SG  1 
ATOM   323  N  N   . LEU A 1 58  ? -1.824  -5.872  -1.143  1.00 43.43 ? 225 LEU A N   1 
ATOM   324  C  CA  . LEU A 1 58  ? -0.538  -5.334  -0.780  1.00 41.20 ? 225 LEU A CA  1 
ATOM   325  C  C   . LEU A 1 58  ? 0.527   -6.433  -0.538  1.00 39.18 ? 225 LEU A C   1 
ATOM   326  O  O   . LEU A 1 58  ? 1.611   -6.153  -0.041  1.00 37.90 ? 225 LEU A O   1 
ATOM   327  C  CB  . LEU A 1 58  ? -0.684  -4.373  0.404   1.00 42.06 ? 225 LEU A CB  1 
ATOM   328  C  CG  . LEU A 1 58  ? -1.344  -4.894  1.675   1.00 42.80 ? 225 LEU A CG  1 
ATOM   329  C  CD1 . LEU A 1 58  ? -0.362  -4.693  2.798   1.00 46.08 ? 225 LEU A CD1 1 
ATOM   330  C  CD2 . LEU A 1 58  ? -2.611  -4.140  1.996   1.00 44.08 ? 225 LEU A CD2 1 
ATOM   331  N  N   . PHE A 1 59  ? 0.223   -7.672  -0.919  1.00 36.76 ? 226 PHE A N   1 
ATOM   332  C  CA  . PHE A 1 59  ? 1.140   -8.795  -0.638  1.00 35.39 ? 226 PHE A CA  1 
ATOM   333  C  C   . PHE A 1 59  ? 2.447   -8.733  -1.414  1.00 34.07 ? 226 PHE A C   1 
ATOM   334  O  O   . PHE A 1 59  ? 3.498   -9.072  -0.878  1.00 33.39 ? 226 PHE A O   1 
ATOM   335  C  CB  . PHE A 1 59  ? 0.437   -10.150 -0.795  1.00 34.63 ? 226 PHE A CB  1 
ATOM   336  C  CG  . PHE A 1 59  ? -0.765  -10.280 0.099   1.00 33.99 ? 226 PHE A CG  1 
ATOM   337  C  CD1 . PHE A 1 59  ? -0.634  -10.097 1.460   1.00 31.32 ? 226 PHE A CD1 1 
ATOM   338  C  CD2 . PHE A 1 59  ? -2.027  -10.534 -0.424  1.00 34.77 ? 226 PHE A CD2 1 
ATOM   339  C  CE1 . PHE A 1 59  ? -1.719  -10.180 2.303   1.00 33.83 ? 226 PHE A CE1 1 
ATOM   340  C  CE2 . PHE A 1 59  ? -3.135  -10.621 0.416   1.00 33.70 ? 226 PHE A CE2 1 
ATOM   341  C  CZ  . PHE A 1 59  ? -2.977  -10.454 1.788   1.00 33.16 ? 226 PHE A CZ  1 
ATOM   342  N  N   . ARG A 1 60  ? 2.387   -8.272  -2.654  1.00 32.73 ? 227 ARG A N   1 
ATOM   343  C  CA  . ARG A 1 60  ? 3.599   -8.078  -3.424  1.00 32.64 ? 227 ARG A CA  1 
ATOM   344  C  C   . ARG A 1 60  ? 4.508   -7.002  -2.809  1.00 32.19 ? 227 ARG A C   1 
ATOM   345  O  O   . ARG A 1 60  ? 5.727   -7.210  -2.694  1.00 31.33 ? 227 ARG A O   1 
ATOM   346  C  CB  . ARG A 1 60  ? 3.290   -7.817  -4.897  1.00 33.28 ? 227 ARG A CB  1 
ATOM   347  C  CG  . ARG A 1 60  ? 2.590   -8.972  -5.592  1.00 35.18 ? 227 ARG A CG  1 
ATOM   348  C  CD  . ARG A 1 60  ? 2.494   -8.756  -7.103  1.00 39.82 ? 227 ARG A CD  1 
ATOM   349  N  NE  . ARG A 1 60  ? 3.771   -9.125  -7.687  1.00 47.15 ? 227 ARG A NE  1 
ATOM   350  C  CZ  . ARG A 1 60  ? 3.999   -10.252 -8.350  1.00 47.38 ? 227 ARG A CZ  1 
ATOM   351  N  NH1 . ARG A 1 60  ? 3.009   -11.108 -8.579  1.00 49.27 ? 227 ARG A NH1 1 
ATOM   352  N  NH2 . ARG A 1 60  ? 5.214   -10.499 -8.808  1.00 48.49 ? 227 ARG A NH2 1 
ATOM   353  N  N   . ALA A 1 61  ? 3.913   -5.892  -2.363  1.00 30.93 ? 228 ALA A N   1 
ATOM   354  C  CA  . ALA A 1 61  ? 4.675   -4.777  -1.763  1.00 30.52 ? 228 ALA A CA  1 
ATOM   355  C  C   . ALA A 1 61  ? 5.296   -5.203  -0.448  1.00 30.04 ? 228 ALA A C   1 
ATOM   356  O  O   . ALA A 1 61  ? 6.438   -4.848  -0.137  1.00 28.96 ? 228 ALA A O   1 
ATOM   357  C  CB  . ALA A 1 61  ? 3.765   -3.546  -1.526  1.00 29.41 ? 228 ALA A CB  1 
ATOM   358  N  N   . VAL A 1 62  ? 4.528   -5.951  0.338   1.00 30.39 ? 229 VAL A N   1 
ATOM   359  C  CA  . VAL A 1 62  ? 5.028   -6.399  1.629   1.00 30.85 ? 229 VAL A CA  1 
ATOM   360  C  C   . VAL A 1 62  ? 6.148   -7.400  1.431   1.00 30.69 ? 229 VAL A C   1 
ATOM   361  O  O   . VAL A 1 62  ? 7.178   -7.298  2.060   1.00 31.94 ? 229 VAL A O   1 
ATOM   362  C  CB  . VAL A 1 62  ? 3.917   -6.952  2.537   1.00 30.83 ? 229 VAL A CB  1 
ATOM   363  C  CG1 . VAL A 1 62  ? 4.492   -7.380  3.896   1.00 30.80 ? 229 VAL A CG1 1 
ATOM   364  C  CG2 . VAL A 1 62  ? 2.839   -5.892  2.756   1.00 30.51 ? 229 VAL A CG2 1 
ATOM   365  N  N   . ALA A 1 63  ? 5.955   -8.349  0.529   1.00 31.42 ? 230 ALA A N   1 
ATOM   366  C  CA  . ALA A 1 63  ? 6.991   -9.327  0.196   1.00 31.14 ? 230 ALA A CA  1 
ATOM   367  C  C   . ALA A 1 63  ? 8.315   -8.665  -0.205  1.00 31.37 ? 230 ALA A C   1 
ATOM   368  O  O   . ALA A 1 63  ? 9.403   -9.138  0.145   1.00 30.97 ? 230 ALA A O   1 
ATOM   369  C  CB  . ALA A 1 63  ? 6.498   -10.245 -0.902  1.00 30.88 ? 230 ALA A CB  1 
ATOM   370  N  N   . ASP A 1 64  ? 8.227   -7.550  -0.923  1.00 31.56 ? 231 ASP A N   1 
ATOM   371  C  CA  . ASP A 1 64  ? 9.422   -6.821  -1.288  1.00 31.89 ? 231 ASP A CA  1 
ATOM   372  C  C   . ASP A 1 64  ? 10.038  -6.135  -0.073  1.00 32.03 ? 231 ASP A C   1 
ATOM   373  O  O   . ASP A 1 64  ? 11.259  -6.040  0.047   1.00 31.70 ? 231 ASP A O   1 
ATOM   374  C  CB  . ASP A 1 64  ? 9.117   -5.814  -2.383  1.00 32.14 ? 231 ASP A CB  1 
ATOM   375  C  CG  . ASP A 1 64  ? 10.356  -5.115  -2.869  1.00 33.37 ? 231 ASP A CG  1 
ATOM   376  O  OD1 . ASP A 1 64  ? 10.701  -4.062  -2.290  1.00 33.20 ? 231 ASP A OD1 1 
ATOM   377  O  OD2 . ASP A 1 64  ? 10.977  -5.621  -3.830  1.00 35.64 ? 231 ASP A OD2 1 
ATOM   378  N  N   . GLN A 1 65  ? 9.180   -5.674  0.832   1.00 32.54 ? 232 GLN A N   1 
ATOM   379  C  CA  . GLN A 1 65  ? 9.618   -5.068  2.074   1.00 33.25 ? 232 GLN A CA  1 
ATOM   380  C  C   . GLN A 1 65  ? 10.263  -6.107  3.001   1.00 34.12 ? 232 GLN A C   1 
ATOM   381  O  O   . GLN A 1 65  ? 11.271  -5.833  3.628   1.00 34.91 ? 232 GLN A O   1 
ATOM   382  C  CB  . GLN A 1 65  ? 8.451   -4.368  2.768   1.00 32.58 ? 232 GLN A CB  1 
ATOM   383  C  CG  . GLN A 1 65  ? 8.077   -2.998  2.137   1.00 32.10 ? 232 GLN A CG  1 
ATOM   384  C  CD  . GLN A 1 65  ? 9.120   -1.928  2.396   1.00 31.98 ? 232 GLN A CD  1 
ATOM   385  O  OE1 . GLN A 1 65  ? 9.326   -1.504  3.536   1.00 31.17 ? 232 GLN A OE1 1 
ATOM   386  N  NE2 . GLN A 1 65  ? 9.783   -1.476  1.332   1.00 32.69 ? 232 GLN A NE2 1 
ATOM   387  N  N   . VAL A 1 66  ? 9.690   -7.303  3.074   1.00 34.34 ? 233 VAL A N   1 
ATOM   388  C  CA  . VAL A 1 66  ? 10.177  -8.300  4.019   1.00 34.41 ? 233 VAL A CA  1 
ATOM   389  C  C   . VAL A 1 66  ? 11.305  -9.160  3.445   1.00 34.47 ? 233 VAL A C   1 
ATOM   390  O  O   . VAL A 1 66  ? 12.311  -9.372  4.115   1.00 34.70 ? 233 VAL A O   1 
ATOM   391  C  CB  . VAL A 1 66  ? 9.021   -9.178  4.543   1.00 34.22 ? 233 VAL A CB  1 
ATOM   392  C  CG1 . VAL A 1 66  ? 9.548   -10.342 5.364   1.00 34.62 ? 233 VAL A CG1 1 
ATOM   393  C  CG2 . VAL A 1 66  ? 8.068   -8.313  5.383   1.00 34.92 ? 233 VAL A CG2 1 
ATOM   394  N  N   . TYR A 1 67  ? 11.139  -9.624  2.207   1.00 33.93 ? 234 TYR A N   1 
ATOM   395  C  CA  . TYR A 1 67  ? 12.059  -10.569 1.591   1.00 34.02 ? 234 TYR A CA  1 
ATOM   396  C  C   . TYR A 1 67  ? 12.952  -9.957  0.515   1.00 34.79 ? 234 TYR A C   1 
ATOM   397  O  O   . TYR A 1 67  ? 13.865  -10.617 0.006   1.00 34.76 ? 234 TYR A O   1 
ATOM   398  C  CB  . TYR A 1 67  ? 11.277  -11.738 0.969   1.00 33.53 ? 234 TYR A CB  1 
ATOM   399  C  CG  . TYR A 1 67  ? 10.541  -12.597 1.972   1.00 34.14 ? 234 TYR A CG  1 
ATOM   400  C  CD1 . TYR A 1 67  ? 11.234  -13.480 2.805   1.00 33.68 ? 234 TYR A CD1 1 
ATOM   401  C  CD2 . TYR A 1 67  ? 9.149   -12.519 2.096   1.00 33.70 ? 234 TYR A CD2 1 
ATOM   402  C  CE1 . TYR A 1 67  ? 10.558  -14.260 3.745   1.00 34.13 ? 234 TYR A CE1 1 
ATOM   403  C  CE2 . TYR A 1 67  ? 8.465   -13.304 3.009   1.00 32.32 ? 234 TYR A CE2 1 
ATOM   404  C  CZ  . TYR A 1 67  ? 9.170   -14.178 3.823   1.00 33.57 ? 234 TYR A CZ  1 
ATOM   405  O  OH  . TYR A 1 67  ? 8.488   -14.933 4.737   1.00 32.32 ? 234 TYR A OH  1 
ATOM   406  N  N   . GLY A 1 68  ? 12.680  -8.709  0.149   1.00 35.13 ? 235 GLY A N   1 
ATOM   407  C  CA  . GLY A 1 68  ? 13.361  -8.103  -0.972  1.00 36.17 ? 235 GLY A CA  1 
ATOM   408  C  C   . GLY A 1 68  ? 12.941  -8.738  -2.282  1.00 37.05 ? 235 GLY A C   1 
ATOM   409  O  O   . GLY A 1 68  ? 13.634  -8.602  -3.273  1.00 37.29 ? 235 GLY A O   1 
ATOM   410  N  N   . ASP A 1 69  ? 11.790  -9.419  -2.288  1.00 37.93 ? 236 ASP A N   1 
ATOM   411  C  CA  . ASP A 1 69  ? 11.314  -10.164 -3.469  1.00 38.34 ? 236 ASP A CA  1 
ATOM   412  C  C   . ASP A 1 69  ? 9.784   -10.295 -3.548  1.00 37.81 ? 236 ASP A C   1 
ATOM   413  O  O   . ASP A 1 69  ? 9.192   -11.073 -2.805  1.00 38.02 ? 236 ASP A O   1 
ATOM   414  C  CB  . ASP A 1 69  ? 11.895  -11.578 -3.471  1.00 39.25 ? 236 ASP A CB  1 
ATOM   415  C  CG  . ASP A 1 69  ? 11.444  -12.380 -4.673  1.00 41.45 ? 236 ASP A CG  1 
ATOM   416  O  OD1 . ASP A 1 69  ? 11.073  -11.763 -5.698  1.00 42.24 ? 236 ASP A OD1 1 
ATOM   417  O  OD2 . ASP A 1 69  ? 11.467  -13.630 -4.603  1.00 45.40 ? 236 ASP A OD2 1 
ATOM   418  N  N   . GLN A 1 70  ? 9.153   -9.561  -4.459  1.00 36.78 ? 237 GLN A N   1 
ATOM   419  C  CA  . GLN A 1 70  ? 7.693   -9.573  -4.570  1.00 36.23 ? 237 GLN A CA  1 
ATOM   420  C  C   . GLN A 1 70  ? 7.091   -10.941 -4.930  1.00 36.38 ? 237 GLN A C   1 
ATOM   421  O  O   . GLN A 1 70  ? 5.937   -11.224 -4.592  1.00 36.33 ? 237 GLN A O   1 
ATOM   422  C  CB  . GLN A 1 70  ? 7.206   -8.494  -5.548  1.00 35.99 ? 237 GLN A CB  1 
ATOM   423  C  CG  . GLN A 1 70  ? 7.756   -8.607  -6.963  1.00 34.61 ? 237 GLN A CG  1 
ATOM   424  C  CD  . GLN A 1 70  ? 7.021   -7.697  -7.917  1.00 34.15 ? 237 GLN A CD  1 
ATOM   425  O  OE1 . GLN A 1 70  ? 5.783   -7.663  -7.936  1.00 31.27 ? 237 GLN A OE1 1 
ATOM   426  N  NE2 . GLN A 1 70  ? 7.768   -6.936  -8.696  1.00 33.66 ? 237 GLN A NE2 1 
ATOM   427  N  N   . ASP A 1 71  ? 7.863   -11.790 -5.599  1.00 36.34 ? 238 ASP A N   1 
ATOM   428  C  CA  . ASP A 1 71  ? 7.387   -13.135 -5.953  1.00 36.70 ? 238 ASP A CA  1 
ATOM   429  C  C   . ASP A 1 71  ? 7.216   -14.020 -4.721  1.00 35.69 ? 238 ASP A C   1 
ATOM   430  O  O   . ASP A 1 71  ? 6.809   -15.167 -4.827  1.00 36.32 ? 238 ASP A O   1 
ATOM   431  C  CB  . ASP A 1 71  ? 8.330   -13.813 -6.952  1.00 37.46 ? 238 ASP A CB  1 
ATOM   432  C  CG  . ASP A 1 71  ? 8.208   -13.242 -8.356  1.00 40.17 ? 238 ASP A CG  1 
ATOM   433  O  OD1 . ASP A 1 71  ? 7.207   -12.536 -8.661  1.00 42.89 ? 238 ASP A OD1 1 
ATOM   434  O  OD2 . ASP A 1 71  ? 9.119   -13.513 -9.162  1.00 43.53 ? 238 ASP A OD2 1 
HETATM 435  N  N   . MSE A 1 72  ? 7.515   -13.475 -3.554  1.00 34.82 ? 239 MSE A N   1 
HETATM 436  C  CA  . MSE A 1 72  ? 7.192   -14.146 -2.291  1.00 33.86 ? 239 MSE A CA  1 
HETATM 437  C  C   . MSE A 1 72  ? 5.791   -13.771 -1.788  1.00 33.05 ? 239 MSE A C   1 
HETATM 438  O  O   . MSE A 1 72  ? 5.437   -14.074 -0.647  1.00 32.08 ? 239 MSE A O   1 
HETATM 439  C  CB  . MSE A 1 72  ? 8.235   -13.794 -1.230  1.00 33.70 ? 239 MSE A CB  1 
HETATM 440  C  CG  . MSE A 1 72  ? 9.607   -14.382 -1.526  1.00 33.70 ? 239 MSE A CG  1 
HETATM 441  SE SE  . MSE A 1 72  ? 9.541   -16.332 -1.213  1.00 34.94 ? 239 MSE A SE  1 
HETATM 442  C  CE  . MSE A 1 72  ? 9.545   -16.256 0.682   1.00 25.17 ? 239 MSE A CE  1 
ATOM   443  N  N   . HIS A 1 73  ? 4.989   -13.144 -2.646  1.00 32.19 ? 240 HIS A N   1 
ATOM   444  C  CA  . HIS A 1 73  ? 3.661   -12.647 -2.217  1.00 32.20 ? 240 HIS A CA  1 
ATOM   445  C  C   . HIS A 1 73  ? 2.761   -13.735 -1.657  1.00 31.63 ? 240 HIS A C   1 
ATOM   446  O  O   . HIS A 1 73  ? 2.023   -13.510 -0.709  1.00 31.46 ? 240 HIS A O   1 
ATOM   447  C  CB  . HIS A 1 73  ? 2.944   -11.860 -3.334  1.00 31.39 ? 240 HIS A CB  1 
ATOM   448  C  CG  . HIS A 1 73  ? 2.467   -12.706 -4.473  1.00 32.61 ? 240 HIS A CG  1 
ATOM   449  N  ND1 . HIS A 1 73  ? 3.236   -12.952 -5.596  1.00 35.06 ? 240 HIS A ND1 1 
ATOM   450  C  CD2 . HIS A 1 73  ? 1.293   -13.347 -4.677  1.00 32.86 ? 240 HIS A CD2 1 
ATOM   451  C  CE1 . HIS A 1 73  ? 2.559   -13.716 -6.432  1.00 35.56 ? 240 HIS A CE1 1 
ATOM   452  N  NE2 . HIS A 1 73  ? 1.375   -13.966 -5.901  1.00 35.60 ? 240 HIS A NE2 1 
ATOM   453  N  N   . GLU A 1 74  ? 2.809   -14.922 -2.232  1.00 32.04 ? 241 GLU A N   1 
ATOM   454  C  CA  . GLU A 1 74  ? 1.958   -15.996 -1.715  1.00 33.30 ? 241 GLU A CA  1 
ATOM   455  C  C   . GLU A 1 74  ? 2.320   -16.443 -0.288  1.00 32.04 ? 241 GLU A C   1 
ATOM   456  O  O   . GLU A 1 74  ? 1.455   -16.822 0.494   1.00 31.84 ? 241 GLU A O   1 
ATOM   457  C  CB  . GLU A 1 74  ? 2.006   -17.202 -2.646  1.00 34.41 ? 241 GLU A CB  1 
ATOM   458  C  CG  . GLU A 1 74  ? 1.811   -16.862 -4.084  1.00 40.19 ? 241 GLU A CG  1 
ATOM   459  C  CD  . GLU A 1 74  ? 1.871   -18.090 -4.958  1.00 47.49 ? 241 GLU A CD  1 
ATOM   460  O  OE1 . GLU A 1 74  ? 2.561   -18.034 -6.002  1.00 52.37 ? 241 GLU A OE1 1 
ATOM   461  O  OE2 . GLU A 1 74  ? 1.243   -19.117 -4.593  1.00 51.06 ? 241 GLU A OE2 1 
ATOM   462  N  N   . VAL A 1 75  ? 3.604   -16.418 0.044   1.00 31.31 ? 242 VAL A N   1 
ATOM   463  C  CA  . VAL A 1 75  ? 4.033   -16.723 1.415   1.00 30.63 ? 242 VAL A CA  1 
ATOM   464  C  C   . VAL A 1 75  ? 3.430   -15.716 2.377   1.00 30.05 ? 242 VAL A C   1 
ATOM   465  O  O   . VAL A 1 75  ? 2.819   -16.077 3.387   1.00 30.10 ? 242 VAL A O   1 
ATOM   466  C  CB  . VAL A 1 75  ? 5.569   -16.666 1.533   1.00 30.72 ? 242 VAL A CB  1 
ATOM   467  C  CG1 . VAL A 1 75  ? 6.016   -16.804 3.007   1.00 29.95 ? 242 VAL A CG1 1 
ATOM   468  C  CG2 . VAL A 1 75  ? 6.158   -17.735 0.666   1.00 29.10 ? 242 VAL A CG2 1 
ATOM   469  N  N   . VAL A 1 76  ? 3.594   -14.442 2.048   1.00 30.08 ? 243 VAL A N   1 
ATOM   470  C  CA  . VAL A 1 76  ? 3.068   -13.373 2.883   1.00 29.96 ? 243 VAL A CA  1 
ATOM   471  C  C   . VAL A 1 76  ? 1.548   -13.497 3.012   1.00 30.03 ? 243 VAL A C   1 
ATOM   472  O  O   . VAL A 1 76  ? 1.014   -13.408 4.096   1.00 29.56 ? 243 VAL A O   1 
ATOM   473  C  CB  . VAL A 1 76  ? 3.432   -11.996 2.290   1.00 30.26 ? 243 VAL A CB  1 
ATOM   474  C  CG1 . VAL A 1 76  ? 2.842   -10.889 3.151   1.00 29.42 ? 243 VAL A CG1 1 
ATOM   475  C  CG2 . VAL A 1 76  ? 4.942   -11.852 2.181   1.00 30.88 ? 243 VAL A CG2 1 
ATOM   476  N  N   . ARG A 1 77  ? 0.855   -13.709 1.895   1.00 30.99 ? 244 ARG A N   1 
ATOM   477  C  CA  . ARG A 1 77  ? -0.604  -13.846 1.938   1.00 32.74 ? 244 ARG A CA  1 
ATOM   478  C  C   . ARG A 1 77  ? -1.024  -14.998 2.847   1.00 32.98 ? 244 ARG A C   1 
ATOM   479  O  O   . ARG A 1 77  ? -1.879  -14.841 3.728   1.00 33.07 ? 244 ARG A O   1 
ATOM   480  C  CB  . ARG A 1 77  ? -1.199  -14.074 0.540   1.00 32.93 ? 244 ARG A CB  1 
ATOM   481  C  CG  . ARG A 1 77  ? -2.725  -14.320 0.592   1.00 34.84 ? 244 ARG A CG  1 
ATOM   482  C  CD  . ARG A 1 77  ? -3.329  -14.556 -0.787  1.00 39.47 ? 244 ARG A CD  1 
ATOM   483  N  NE  . ARG A 1 77  ? -2.827  -15.778 -1.421  1.00 44.09 ? 244 ARG A NE  1 
ATOM   484  C  CZ  . ARG A 1 77  ? -3.174  -17.015 -1.058  1.00 47.94 ? 244 ARG A CZ  1 
ATOM   485  N  NH1 . ARG A 1 77  ? -4.022  -17.210 -0.046  1.00 48.99 ? 244 ARG A NH1 1 
ATOM   486  N  NH2 . ARG A 1 77  ? -2.666  -18.064 -1.699  1.00 49.00 ? 244 ARG A NH2 1 
ATOM   487  N  N   . LYS A 1 78  ? -0.409  -16.153 2.638   1.00 33.08 ? 245 LYS A N   1 
ATOM   488  C  CA  . LYS A 1 78  ? -0.736  -17.317 3.458   1.00 33.41 ? 245 LYS A CA  1 
ATOM   489  C  C   . LYS A 1 78  ? -0.539  -17.108 4.962   1.00 33.19 ? 245 LYS A C   1 
ATOM   490  O  O   . LYS A 1 78  ? -1.411  -17.454 5.749   1.00 33.17 ? 245 LYS A O   1 
ATOM   491  C  CB  . LYS A 1 78  ? 0.020   -18.543 2.951   1.00 33.52 ? 245 LYS A CB  1 
ATOM   492  C  CG  . LYS A 1 78  ? -0.724  -19.217 1.801   1.00 35.26 ? 245 LYS A CG  1 
ATOM   493  C  CD  . LYS A 1 78  ? 0.207   -19.954 0.858   1.00 36.70 ? 245 LYS A CD  1 
ATOM   494  C  CE  . LYS A 1 78  ? -0.596  -20.722 -0.167  1.00 39.74 ? 245 LYS A CE  1 
ATOM   495  N  NZ  . LYS A 1 78  ? 0.182   -20.980 -1.411  1.00 43.58 ? 245 LYS A NZ  1 
ATOM   496  N  N   . HIS A 1 79  ? 0.591   -16.531 5.370   1.00 33.32 ? 246 HIS A N   1 
ATOM   497  C  CA  . HIS A 1 79  ? 0.794   -16.225 6.791   1.00 33.10 ? 246 HIS A CA  1 
ATOM   498  C  C   . HIS A 1 79  ? -0.201  -15.209 7.294   1.00 33.25 ? 246 HIS A C   1 
ATOM   499  O  O   . HIS A 1 79  ? -0.639  -15.258 8.440   1.00 32.35 ? 246 HIS A O   1 
ATOM   500  C  CB  . HIS A 1 79  ? 2.213   -15.698 7.044   1.00 33.12 ? 246 HIS A CB  1 
ATOM   501  C  CG  . HIS A 1 79  ? 3.267   -16.726 6.827   1.00 34.88 ? 246 HIS A CG  1 
ATOM   502  N  ND1 . HIS A 1 79  ? 4.504   -16.429 6.299   1.00 36.41 ? 246 HIS A ND1 1 
ATOM   503  C  CD2 . HIS A 1 79  ? 3.249   -18.065 7.023   1.00 35.56 ? 246 HIS A CD2 1 
ATOM   504  C  CE1 . HIS A 1 79  ? 5.216   -17.539 6.210   1.00 38.11 ? 246 HIS A CE1 1 
ATOM   505  N  NE2 . HIS A 1 79  ? 4.472   -18.548 6.626   1.00 37.86 ? 246 HIS A NE2 1 
ATOM   506  N  N   . CYS A 1 80  ? -0.534  -14.248 6.445   1.00 34.09 ? 247 CYS A N   1 
ATOM   507  C  CA  . CYS A 1 80  ? -1.493  -13.243 6.856   1.00 34.80 ? 247 CYS A CA  1 
ATOM   508  C  C   . CYS A 1 80  ? -2.834  -13.925 7.159   1.00 35.02 ? 247 CYS A C   1 
ATOM   509  O  O   . CYS A 1 80  ? -3.401  -13.742 8.235   1.00 34.82 ? 247 CYS A O   1 
ATOM   510  C  CB  . CYS A 1 80  ? -1.619  -12.156 5.776   1.00 34.97 ? 247 CYS A CB  1 
ATOM   511  S  SG  . CYS A 1 80  ? -2.787  -10.848 6.161   1.00 36.58 ? 247 CYS A SG  1 
HETATM 512  N  N   . MSE A 1 81  ? -3.333  -14.713 6.212   1.00 36.22 ? 248 MSE A N   1 
HETATM 513  C  CA  . MSE A 1 81  ? -4.607  -15.430 6.380   1.00 37.40 ? 248 MSE A CA  1 
HETATM 514  C  C   . MSE A 1 81  ? -4.559  -16.312 7.620   1.00 37.47 ? 248 MSE A C   1 
HETATM 515  O  O   . MSE A 1 81  ? -5.472  -16.304 8.428   1.00 37.43 ? 248 MSE A O   1 
HETATM 516  C  CB  . MSE A 1 81  ? -4.899  -16.312 5.168   1.00 38.46 ? 248 MSE A CB  1 
HETATM 517  C  CG  . MSE A 1 81  ? -4.981  -15.583 3.852   1.00 42.25 ? 248 MSE A CG  1 
HETATM 518  SE SE  . MSE A 1 81  ? -6.277  -14.122 3.944   1.00 52.92 ? 248 MSE A SE  1 
HETATM 519  C  CE  . MSE A 1 81  ? -5.104  -12.684 3.320   1.00 50.37 ? 248 MSE A CE  1 
ATOM   520  N  N   . ASP A 1 82  ? -3.477  -17.066 7.781   1.00 38.25 ? 249 ASP A N   1 
ATOM   521  C  CA  . ASP A 1 82  ? -3.294  -17.877 9.004   1.00 38.85 ? 249 ASP A CA  1 
ATOM   522  C  C   . ASP A 1 82  ? -3.355  -17.012 10.270  1.00 38.44 ? 249 ASP A C   1 
ATOM   523  O  O   . ASP A 1 82  ? -4.052  -17.354 11.237  1.00 38.59 ? 249 ASP A O   1 
ATOM   524  C  CB  . ASP A 1 82  ? -1.978  -18.674 8.930   1.00 39.57 ? 249 ASP A CB  1 
ATOM   525  C  CG  . ASP A 1 82  ? -1.811  -19.655 10.092  1.00 42.76 ? 249 ASP A CG  1 
ATOM   526  O  OD1 . ASP A 1 82  ? -2.828  -20.125 10.656  1.00 46.30 ? 249 ASP A OD1 1 
ATOM   527  O  OD2 . ASP A 1 82  ? -0.652  -19.965 10.447  1.00 46.49 ? 249 ASP A OD2 1 
ATOM   528  N  N   . TYR A 1 83  ? -2.658  -15.877 10.270  1.00 37.32 ? 250 TYR A N   1 
ATOM   529  C  CA  . TYR A 1 83  ? -2.663  -15.025 11.454  1.00 37.10 ? 250 TYR A CA  1 
ATOM   530  C  C   . TYR A 1 83  ? -4.033  -14.382 11.755  1.00 37.80 ? 250 TYR A C   1 
ATOM   531  O  O   . TYR A 1 83  ? -4.419  -14.227 12.920  1.00 37.29 ? 250 TYR A O   1 
ATOM   532  C  CB  . TYR A 1 83  ? -1.586  -13.947 11.359  1.00 36.79 ? 250 TYR A CB  1 
ATOM   533  C  CG  . TYR A 1 83  ? -1.433  -13.127 12.622  1.00 35.67 ? 250 TYR A CG  1 
ATOM   534  C  CD1 . TYR A 1 83  ? -0.511  -13.492 13.614  1.00 36.73 ? 250 TYR A CD1 1 
ATOM   535  C  CD2 . TYR A 1 83  ? -2.199  -11.986 12.827  1.00 34.28 ? 250 TYR A CD2 1 
ATOM   536  C  CE1 . TYR A 1 83  ? -0.370  -12.729 14.789  1.00 36.77 ? 250 TYR A CE1 1 
ATOM   537  C  CE2 . TYR A 1 83  ? -2.069  -11.224 13.991  1.00 34.82 ? 250 TYR A CE2 1 
ATOM   538  C  CZ  . TYR A 1 83  ? -1.153  -11.603 14.965  1.00 35.82 ? 250 TYR A CZ  1 
ATOM   539  O  OH  . TYR A 1 83  ? -1.003  -10.831 16.102  1.00 37.18 ? 250 TYR A OH  1 
ATOM   540  N  N   . LEU A 1 84  ? -4.757  -13.996 10.715  1.00 38.31 ? 251 LEU A N   1 
ATOM   541  C  CA  . LEU A 1 84  ? -6.103  -13.455 10.899  1.00 39.53 ? 251 LEU A CA  1 
ATOM   542  C  C   . LEU A 1 84  ? -7.025  -14.502 11.516  1.00 40.51 ? 251 LEU A C   1 
ATOM   543  O  O   . LEU A 1 84  ? -7.743  -14.221 12.475  1.00 39.76 ? 251 LEU A O   1 
ATOM   544  C  CB  . LEU A 1 84  ? -6.692  -12.996 9.555   1.00 39.25 ? 251 LEU A CB  1 
ATOM   545  C  CG  . LEU A 1 84  ? -6.100  -11.706 8.990   1.00 39.05 ? 251 LEU A CG  1 
ATOM   546  C  CD1 . LEU A 1 84  ? -6.618  -11.430 7.594   1.00 40.19 ? 251 LEU A CD1 1 
ATOM   547  C  CD2 . LEU A 1 84  ? -6.402  -10.541 9.917   1.00 40.06 ? 251 LEU A CD2 1 
HETATM 548  N  N   . MSE A 1 85  ? -6.985  -15.705 10.948  1.00 41.81 ? 252 MSE A N   1 
HETATM 549  C  CA  . MSE A 1 85  ? -7.867  -16.796 11.344  1.00 44.12 ? 252 MSE A CA  1 
HETATM 550  C  C   . MSE A 1 85  ? -7.577  -17.255 12.777  1.00 44.84 ? 252 MSE A C   1 
HETATM 551  O  O   . MSE A 1 85  ? -8.501  -17.504 13.557  1.00 45.10 ? 252 MSE A O   1 
HETATM 552  C  CB  . MSE A 1 85  ? -7.739  -17.963 10.353  1.00 44.57 ? 252 MSE A CB  1 
HETATM 553  C  CG  . MSE A 1 85  ? -9.043  -18.662 10.014  1.00 48.63 ? 252 MSE A CG  1 
HETATM 554  SE SE  . MSE A 1 85  ? -10.511 -17.382 9.645   1.00 56.00 ? 252 MSE A SE  1 
HETATM 555  C  CE  . MSE A 1 85  ? -9.756  -16.328 8.174   1.00 53.90 ? 252 MSE A CE  1 
ATOM   556  N  N   . LYS A 1 86  ? -6.298  -17.346 13.131  1.00 45.61 ? 253 LYS A N   1 
ATOM   557  C  CA  . LYS A 1 86  ? -5.931  -17.636 14.515  1.00 46.59 ? 253 LYS A CA  1 
ATOM   558  C  C   . LYS A 1 86  ? -6.351  -16.536 15.476  1.00 46.61 ? 253 LYS A C   1 
ATOM   559  O  O   . LYS A 1 86  ? -6.421  -16.778 16.675  1.00 46.65 ? 253 LYS A O   1 
ATOM   560  C  CB  . LYS A 1 86  ? -4.431  -17.904 14.670  1.00 46.68 ? 253 LYS A CB  1 
ATOM   561  C  CG  . LYS A 1 86  ? -4.013  -19.295 14.216  1.00 48.74 ? 253 LYS A CG  1 
ATOM   562  C  CD  . LYS A 1 86  ? -2.600  -19.634 14.693  1.00 51.67 ? 253 LYS A CD  1 
ATOM   563  C  CE  . LYS A 1 86  ? -1.590  -18.585 14.232  1.00 53.70 ? 253 LYS A CE  1 
ATOM   564  N  NZ  . LYS A 1 86  ? -0.214  -18.840 14.776  1.00 55.82 ? 253 LYS A NZ  1 
ATOM   565  N  N   . ASN A 1 87  ? -6.617  -15.336 14.957  1.00 46.70 ? 254 ASN A N   1 
ATOM   566  C  CA  . ASN A 1 87  ? -7.026  -14.202 15.796  1.00 46.75 ? 254 ASN A CA  1 
ATOM   567  C  C   . ASN A 1 87  ? -8.441  -13.675 15.460  1.00 47.47 ? 254 ASN A C   1 
ATOM   568  O  O   . ASN A 1 87  ? -8.713  -12.466 15.539  1.00 46.85 ? 254 ASN A O   1 
ATOM   569  C  CB  . ASN A 1 87  ? -5.984  -13.074 15.704  1.00 46.50 ? 254 ASN A CB  1 
ATOM   570  C  CG  . ASN A 1 87  ? -4.689  -13.390 16.466  1.00 45.75 ? 254 ASN A CG  1 
ATOM   571  O  OD1 . ASN A 1 87  ? -4.625  -13.263 17.694  1.00 45.26 ? 254 ASN A OD1 1 
ATOM   572  N  ND2 . ASN A 1 87  ? -3.650  -13.772 15.734  1.00 41.71 ? 254 ASN A ND2 1 
ATOM   573  N  N   . ALA A 1 88  ? -9.335  -14.592 15.098  1.00 48.44 ? 255 ALA A N   1 
ATOM   574  C  CA  . ALA A 1 88  ? -10.646 -14.233 14.537  1.00 50.03 ? 255 ALA A CA  1 
ATOM   575  C  C   . ALA A 1 88  ? -11.480 -13.347 15.441  1.00 51.21 ? 255 ALA A C   1 
ATOM   576  O  O   . ALA A 1 88  ? -12.005 -12.321 15.004  1.00 51.25 ? 255 ALA A O   1 
ATOM   577  C  CB  . ALA A 1 88  ? -11.438 -15.483 14.174  1.00 49.80 ? 255 ALA A CB  1 
ATOM   578  N  N   . ASP A 1 89  ? -11.612 -13.751 16.700  1.00 52.65 ? 256 ASP A N   1 
ATOM   579  C  CA  . ASP A 1 89  ? -12.511 -13.060 17.613  1.00 54.23 ? 256 ASP A CA  1 
ATOM   580  C  C   . ASP A 1 89  ? -12.212 -11.572 17.686  1.00 54.72 ? 256 ASP A C   1 
ATOM   581  O  O   . ASP A 1 89  ? -13.126 -10.746 17.608  1.00 55.28 ? 256 ASP A O   1 
ATOM   582  C  CB  . ASP A 1 89  ? -12.512 -13.720 18.996  1.00 54.78 ? 256 ASP A CB  1 
ATOM   583  C  CG  . ASP A 1 89  ? -13.232 -15.056 18.994  1.00 56.12 ? 256 ASP A CG  1 
ATOM   584  O  OD1 . ASP A 1 89  ? -14.106 -15.243 18.123  1.00 58.03 ? 256 ASP A OD1 1 
ATOM   585  O  OD2 . ASP A 1 89  ? -12.925 -15.918 19.848  1.00 59.49 ? 256 ASP A OD2 1 
ATOM   586  N  N   . TYR A 1 90  ? -10.937 -11.229 17.814  1.00 54.76 ? 257 TYR A N   1 
ATOM   587  C  CA  . TYR A 1 90  ? -10.548 -9.836  17.847  1.00 55.20 ? 257 TYR A CA  1 
ATOM   588  C  C   . TYR A 1 90  ? -10.792 -9.132  16.514  1.00 55.62 ? 257 TYR A C   1 
ATOM   589  O  O   . TYR A 1 90  ? -11.403 -8.060  16.466  1.00 55.60 ? 257 TYR A O   1 
ATOM   590  C  CB  . TYR A 1 90  ? -9.079  -9.690  18.230  1.00 55.23 ? 257 TYR A CB  1 
ATOM   591  C  CG  . TYR A 1 90  ? -8.566  -8.297  17.993  1.00 55.71 ? 257 TYR A CG  1 
ATOM   592  C  CD1 . TYR A 1 90  ? -8.856  -7.275  18.887  1.00 56.65 ? 257 TYR A CD1 1 
ATOM   593  C  CD2 . TYR A 1 90  ? -7.809  -7.993  16.865  1.00 57.06 ? 257 TYR A CD2 1 
ATOM   594  C  CE1 . TYR A 1 90  ? -8.399  -5.987  18.676  1.00 57.18 ? 257 TYR A CE1 1 
ATOM   595  C  CE2 . TYR A 1 90  ? -7.340  -6.697  16.643  1.00 57.41 ? 257 TYR A CE2 1 
ATOM   596  C  CZ  . TYR A 1 90  ? -7.645  -5.698  17.558  1.00 57.75 ? 257 TYR A CZ  1 
ATOM   597  O  OH  . TYR A 1 90  ? -7.195  -4.403  17.362  1.00 58.39 ? 257 TYR A OH  1 
ATOM   598  N  N   . PHE A 1 91  ? -10.298 -9.726  15.433  1.00 55.83 ? 258 PHE A N   1 
ATOM   599  C  CA  . PHE A 1 91  ? -10.404 -9.092  14.126  1.00 56.29 ? 258 PHE A CA  1 
ATOM   600  C  C   . PHE A 1 91  ? -11.837 -9.053  13.628  1.00 57.15 ? 258 PHE A C   1 
ATOM   601  O  O   . PHE A 1 91  ? -12.181 -8.228  12.789  1.00 57.23 ? 258 PHE A O   1 
ATOM   602  C  CB  . PHE A 1 91  ? -9.473  -9.756  13.104  1.00 55.81 ? 258 PHE A CB  1 
ATOM   603  C  CG  . PHE A 1 91  ? -8.030  -9.374  13.275  1.00 54.70 ? 258 PHE A CG  1 
ATOM   604  C  CD1 . PHE A 1 91  ? -7.599  -8.094  12.966  1.00 53.90 ? 258 PHE A CD1 1 
ATOM   605  C  CD2 . PHE A 1 91  ? -7.108  -10.288 13.762  1.00 53.04 ? 258 PHE A CD2 1 
ATOM   606  C  CE1 . PHE A 1 91  ? -6.268  -7.730  13.131  1.00 53.97 ? 258 PHE A CE1 1 
ATOM   607  C  CE2 . PHE A 1 91  ? -5.777  -9.934  13.934  1.00 53.31 ? 258 PHE A CE2 1 
ATOM   608  C  CZ  . PHE A 1 91  ? -5.353  -8.659  13.619  1.00 52.96 ? 258 PHE A CZ  1 
ATOM   609  N  N   . SER A 1 92  ? -12.666 -9.941  14.161  1.00 58.39 ? 259 SER A N   1 
ATOM   610  C  CA  . SER A 1 92  ? -14.084 -9.992  13.833  1.00 59.63 ? 259 SER A CA  1 
ATOM   611  C  C   . SER A 1 92  ? -14.803 -8.674  14.143  1.00 60.45 ? 259 SER A C   1 
ATOM   612  O  O   . SER A 1 92  ? -15.848 -8.372  13.554  1.00 60.69 ? 259 SER A O   1 
ATOM   613  C  CB  . SER A 1 92  ? -14.739 -11.128 14.615  1.00 59.67 ? 259 SER A CB  1 
ATOM   614  O  OG  . SER A 1 92  ? -15.978 -11.494 14.039  1.00 61.63 ? 259 SER A OG  1 
ATOM   615  N  N   . ASN A 1 93  ? -14.250 -7.889  15.065  1.00 61.20 ? 260 ASN A N   1 
ATOM   616  C  CA  . ASN A 1 93  ? -14.894 -6.641  15.476  1.00 62.03 ? 260 ASN A CA  1 
ATOM   617  C  C   . ASN A 1 93  ? -14.955 -5.598  14.360  1.00 62.40 ? 260 ASN A C   1 
ATOM   618  O  O   . ASN A 1 93  ? -15.796 -4.697  14.391  1.00 62.52 ? 260 ASN A O   1 
ATOM   619  C  CB  . ASN A 1 93  ? -14.196 -6.039  16.702  1.00 62.03 ? 260 ASN A CB  1 
ATOM   620  C  CG  . ASN A 1 93  ? -14.287 -6.926  17.923  1.00 62.56 ? 260 ASN A CG  1 
ATOM   621  O  OD1 . ASN A 1 93  ? -13.545 -6.738  18.886  1.00 63.53 ? 260 ASN A OD1 1 
ATOM   622  N  ND2 . ASN A 1 93  ? -15.194 -7.900  17.895  1.00 62.43 ? 260 ASN A ND2 1 
ATOM   623  N  N   . TYR A 1 94  ? -14.067 -5.737  13.378  1.00 62.76 ? 261 TYR A N   1 
ATOM   624  C  CA  . TYR A 1 94  ? -13.902 -4.738  12.322  1.00 62.94 ? 261 TYR A CA  1 
ATOM   625  C  C   . TYR A 1 94  ? -14.350 -5.255  10.961  1.00 62.76 ? 261 TYR A C   1 
ATOM   626  O  O   . TYR A 1 94  ? -15.283 -6.051  10.874  1.00 62.67 ? 261 TYR A O   1 
ATOM   627  C  CB  . TYR A 1 94  ? -12.438 -4.282  12.268  1.00 63.18 ? 261 TYR A CB  1 
ATOM   628  C  CG  . TYR A 1 94  ? -11.851 -4.024  13.646  1.00 64.40 ? 261 TYR A CG  1 
ATOM   629  C  CD1 . TYR A 1 94  ? -11.494 -5.081  14.479  1.00 65.03 ? 261 TYR A CD1 1 
ATOM   630  C  CD2 . TYR A 1 94  ? -11.667 -2.727  14.119  1.00 65.32 ? 261 TYR A CD2 1 
ATOM   631  C  CE1 . TYR A 1 94  ? -10.961 -4.860  15.738  1.00 65.19 ? 261 TYR A CE1 1 
ATOM   632  C  CE2 . TYR A 1 94  ? -11.134 -2.493  15.387  1.00 65.69 ? 261 TYR A CE2 1 
ATOM   633  C  CZ  . TYR A 1 94  ? -10.785 -3.570  16.190  1.00 65.82 ? 261 TYR A CZ  1 
ATOM   634  O  OH  . TYR A 1 94  ? -10.260 -3.365  17.446  1.00 65.27 ? 261 TYR A OH  1 
ATOM   635  N  N   . HIS A 1 112 ? -9.008  -6.622  0.138   1.00 61.11 ? 279 HIS A N   1 
ATOM   636  C  CA  . HIS A 1 112 ? -10.221 -6.281  0.881   1.00 60.73 ? 279 HIS A CA  1 
ATOM   637  C  C   . HIS A 1 112 ? -9.963  -6.076  2.388   1.00 59.91 ? 279 HIS A C   1 
ATOM   638  O  O   . HIS A 1 112 ? -9.135  -6.762  2.980   1.00 60.08 ? 279 HIS A O   1 
ATOM   639  C  CB  . HIS A 1 112 ? -11.290 -7.349  0.649   1.00 61.33 ? 279 HIS A CB  1 
ATOM   640  C  CG  . HIS A 1 112 ? -12.694 -6.846  0.807   1.00 62.53 ? 279 HIS A CG  1 
ATOM   641  N  ND1 . HIS A 1 112 ? -13.253 -5.920  -0.047  1.00 63.23 ? 279 HIS A ND1 1 
ATOM   642  C  CD2 . HIS A 1 112 ? -13.655 -7.156  1.709   1.00 63.83 ? 279 HIS A CD2 1 
ATOM   643  C  CE1 . HIS A 1 112 ? -14.497 -5.672  0.327   1.00 64.26 ? 279 HIS A CE1 1 
ATOM   644  N  NE2 . HIS A 1 112 ? -14.767 -6.410  1.391   1.00 64.00 ? 279 HIS A NE2 1 
ATOM   645  N  N   . GLY A 1 113 ? -10.667 -5.121  2.999   1.00 58.83 ? 280 GLY A N   1 
ATOM   646  C  CA  . GLY A 1 113 ? -10.410 -4.736  4.394   1.00 56.97 ? 280 GLY A CA  1 
ATOM   647  C  C   . GLY A 1 113 ? -8.912  -4.625  4.628   1.00 55.84 ? 280 GLY A C   1 
ATOM   648  O  O   . GLY A 1 113 ? -8.351  -5.281  5.517   1.00 55.58 ? 280 GLY A O   1 
ATOM   649  N  N   . ASN A 1 114 ? -8.263  -3.804  3.806   1.00 53.98 ? 281 ASN A N   1 
ATOM   650  C  CA  . ASN A 1 114 ? -6.811  -3.728  3.770   1.00 52.02 ? 281 ASN A CA  1 
ATOM   651  C  C   . ASN A 1 114 ? -6.159  -3.301  5.073   1.00 50.61 ? 281 ASN A C   1 
ATOM   652  O  O   . ASN A 1 114 ? -5.013  -3.670  5.350   1.00 49.55 ? 281 ASN A O   1 
ATOM   653  C  CB  . ASN A 1 114 ? -6.358  -2.807  2.646   1.00 51.98 ? 281 ASN A CB  1 
ATOM   654  C  CG  . ASN A 1 114 ? -5.974  -3.565  1.407   1.00 52.37 ? 281 ASN A CG  1 
ATOM   655  O  OD1 . ASN A 1 114 ? -5.690  -4.766  1.454   1.00 53.67 ? 281 ASN A OD1 1 
ATOM   656  N  ND2 . ASN A 1 114 ? -5.942  -2.868  0.288   1.00 51.53 ? 281 ASN A ND2 1 
ATOM   657  N  N   . HIS A 1 115 ? -6.868  -2.507  5.860   1.00 48.85 ? 282 HIS A N   1 
ATOM   658  C  CA  . HIS A 1 115 ? -6.301  -2.075  7.126   1.00 47.98 ? 282 HIS A CA  1 
ATOM   659  C  C   . HIS A 1 115 ? -6.282  -3.235  8.127   1.00 46.28 ? 282 HIS A C   1 
ATOM   660  O  O   . HIS A 1 115 ? -5.473  -3.238  9.050   1.00 45.50 ? 282 HIS A O   1 
ATOM   661  C  CB  . HIS A 1 115 ? -7.032  -0.848  7.684   1.00 48.53 ? 282 HIS A CB  1 
ATOM   662  C  CG  . HIS A 1 115 ? -8.477  -1.091  7.990   1.00 50.58 ? 282 HIS A CG  1 
ATOM   663  N  ND1 . HIS A 1 115 ? -9.381  -1.496  7.030   1.00 52.52 ? 282 HIS A ND1 1 
ATOM   664  C  CD2 . HIS A 1 115 ? -9.179  -0.971  9.143   1.00 51.23 ? 282 HIS A CD2 1 
ATOM   665  C  CE1 . HIS A 1 115 ? -10.575 -1.631  7.582   1.00 53.22 ? 282 HIS A CE1 1 
ATOM   666  N  NE2 . HIS A 1 115 ? -10.480 -1.320  8.864   1.00 52.67 ? 282 HIS A NE2 1 
ATOM   667  N  N   . ILE A 1 116 ? -7.167  -4.216  7.923   1.00 44.69 ? 283 ILE A N   1 
ATOM   668  C  CA  . ILE A 1 116 ? -7.154  -5.433  8.731   1.00 43.68 ? 283 ILE A CA  1 
ATOM   669  C  C   . ILE A 1 116 ? -5.913  -6.252  8.401   1.00 42.45 ? 283 ILE A C   1 
ATOM   670  O  O   . ILE A 1 116 ? -5.208  -6.705  9.310   1.00 41.82 ? 283 ILE A O   1 
ATOM   671  C  CB  . ILE A 1 116 ? -8.452  -6.289  8.591   1.00 43.87 ? 283 ILE A CB  1 
ATOM   672  C  CG1 . ILE A 1 116 ? -8.573  -6.872  7.171   1.00 45.57 ? 283 ILE A CG1 1 
ATOM   673  C  CG2 . ILE A 1 116 ? -9.682  -5.458  8.985   1.00 43.62 ? 283 ILE A CG2 1 
ATOM   674  C  CD1 . ILE A 1 116 ? -9.719  -7.861  6.962   1.00 46.60 ? 283 ILE A CD1 1 
ATOM   675  N  N   . GLU A 1 117 ? -5.635  -6.417  7.105   1.00 41.00 ? 284 GLU A N   1 
ATOM   676  C  CA  . GLU A 1 117 ? -4.421  -7.095  6.663   1.00 40.34 ? 284 GLU A CA  1 
ATOM   677  C  C   . GLU A 1 117 ? -3.171  -6.392  7.177   1.00 39.31 ? 284 GLU A C   1 
ATOM   678  O  O   . GLU A 1 117 ? -2.226  -7.046  7.641   1.00 38.17 ? 284 GLU A O   1 
ATOM   679  C  CB  . GLU A 1 117 ? -4.366  -7.216  5.133   1.00 40.91 ? 284 GLU A CB  1 
ATOM   680  C  CG  . GLU A 1 117 ? -5.279  -8.299  4.592   1.00 43.74 ? 284 GLU A CG  1 
ATOM   681  C  CD  . GLU A 1 117 ? -5.597  -8.131  3.114   1.00 47.31 ? 284 GLU A CD  1 
ATOM   682  O  OE1 . GLU A 1 117 ? -6.739  -8.459  2.723   1.00 48.13 ? 284 GLU A OE1 1 
ATOM   683  O  OE2 . GLU A 1 117 ? -4.717  -7.670  2.351   1.00 48.41 ? 284 GLU A OE2 1 
HETATM 684  N  N   . MSE A 1 118 ? -3.173  -5.065  7.101   1.00 37.98 ? 285 MSE A N   1 
HETATM 685  C  CA  . MSE A 1 118 ? -2.015  -4.270  7.512   1.00 37.70 ? 285 MSE A CA  1 
HETATM 686  C  C   . MSE A 1 118 ? -1.696  -4.391  9.007   1.00 36.60 ? 285 MSE A C   1 
HETATM 687  O  O   . MSE A 1 118 ? -0.533  -4.477  9.396   1.00 35.43 ? 285 MSE A O   1 
HETATM 688  C  CB  . MSE A 1 118 ? -2.195  -2.796  7.140   1.00 37.55 ? 285 MSE A CB  1 
HETATM 689  C  CG  . MSE A 1 118 ? -2.069  -2.516  5.644   1.00 40.09 ? 285 MSE A CG  1 
HETATM 690  SE SE  . MSE A 1 118 ? -2.384  -0.768  5.221   1.00 41.42 ? 285 MSE A SE  1 
HETATM 691  C  CE  . MSE A 1 118 ? -2.261  -0.897  3.443   1.00 41.44 ? 285 MSE A CE  1 
ATOM   692  N  N   . GLN A 1 119 ? -2.733  -4.367  9.834   1.00 36.05 ? 286 GLN A N   1 
ATOM   693  C  CA  . GLN A 1 119 ? -2.553  -4.543  11.267  1.00 36.25 ? 286 GLN A CA  1 
ATOM   694  C  C   . GLN A 1 119 ? -2.013  -5.945  11.540  1.00 36.15 ? 286 GLN A C   1 
ATOM   695  O  O   . GLN A 1 119 ? -1.054  -6.118  12.300  1.00 36.43 ? 286 GLN A O   1 
ATOM   696  C  CB  . GLN A 1 119 ? -3.863  -4.318  12.020  1.00 36.27 ? 286 GLN A CB  1 
ATOM   697  C  CG  . GLN A 1 119 ? -3.719  -4.291  13.537  1.00 37.91 ? 286 GLN A CG  1 
ATOM   698  C  CD  . GLN A 1 119 ? -2.706  -3.252  14.019  1.00 40.15 ? 286 GLN A CD  1 
ATOM   699  O  OE1 . GLN A 1 119 ? -2.682  -2.117  13.544  1.00 41.00 ? 286 GLN A OE1 1 
ATOM   700  N  NE2 . GLN A 1 119 ? -1.888  -3.634  14.985  1.00 41.98 ? 286 GLN A NE2 1 
ATOM   701  N  N   . ALA A 1 120 ? -2.612  -6.941  10.897  1.00 35.65 ? 287 ALA A N   1 
ATOM   702  C  CA  . ALA A 1 120 ? -2.182  -8.315  11.077  1.00 35.61 ? 287 ALA A CA  1 
ATOM   703  C  C   . ALA A 1 120 ? -0.709  -8.470  10.752  1.00 35.51 ? 287 ALA A C   1 
ATOM   704  O  O   . ALA A 1 120 ? 0.014   -9.142  11.476  1.00 35.92 ? 287 ALA A O   1 
ATOM   705  C  CB  . ALA A 1 120 ? -3.023  -9.268  10.228  1.00 35.76 ? 287 ALA A CB  1 
HETATM 706  N  N   . MSE A 1 121 ? -0.264  -7.836  9.672   1.00 35.17 ? 288 MSE A N   1 
HETATM 707  C  CA  . MSE A 1 121 ? 1.092   -8.027  9.184   1.00 34.99 ? 288 MSE A CA  1 
HETATM 708  C  C   . MSE A 1 121 ? 2.122   -7.277  10.031  1.00 35.05 ? 288 MSE A C   1 
HETATM 709  O  O   . MSE A 1 121 ? 3.247   -7.736  10.193  1.00 35.41 ? 288 MSE A O   1 
HETATM 710  C  CB  . MSE A 1 121 ? 1.201   -7.693  7.679   1.00 34.01 ? 288 MSE A CB  1 
HETATM 711  C  CG  . MSE A 1 121 ? 0.653   -8.802  6.756   1.00 33.55 ? 288 MSE A CG  1 
HETATM 712  SE SE  . MSE A 1 121 ? 0.820   -8.498  4.962   1.00 28.79 ? 288 MSE A SE  1 
HETATM 713  C  CE  . MSE A 1 121 ? 0.199   -6.808  4.926   1.00 30.41 ? 288 MSE A CE  1 
ATOM   714  N  N   . ALA A 1 122 ? 1.727   -6.139  10.584  1.00 35.04 ? 289 ALA A N   1 
ATOM   715  C  CA  . ALA A 1 122 ? 2.552   -5.429  11.554  1.00 35.34 ? 289 ALA A CA  1 
ATOM   716  C  C   . ALA A 1 122 ? 2.761   -6.254  12.835  1.00 36.02 ? 289 ALA A C   1 
ATOM   717  O  O   . ALA A 1 122 ? 3.865   -6.307  13.379  1.00 36.44 ? 289 ALA A O   1 
ATOM   718  C  CB  . ALA A 1 122 ? 1.928   -4.085  11.882  1.00 34.84 ? 289 ALA A CB  1 
ATOM   719  N  N   . GLU A 1 123 ? 1.704   -6.889  13.328  1.00 36.10 ? 290 GLU A N   1 
ATOM   720  C  CA  . GLU A 1 123 ? 1.836   -7.723  14.521  1.00 36.41 ? 290 GLU A CA  1 
ATOM   721  C  C   . GLU A 1 123 ? 2.640   -8.986  14.222  1.00 36.23 ? 290 GLU A C   1 
ATOM   722  O  O   . GLU A 1 123 ? 3.539   -9.340  14.986  1.00 36.07 ? 290 GLU A O   1 
ATOM   723  C  CB  . GLU A 1 123 ? 0.463   -8.074  15.091  1.00 36.37 ? 290 GLU A CB  1 
ATOM   724  C  CG  . GLU A 1 123 ? -0.326  -6.840  15.503  1.00 36.71 ? 290 GLU A CG  1 
ATOM   725  C  CD  . GLU A 1 123 ? -1.740  -7.152  15.925  1.00 38.03 ? 290 GLU A CD  1 
ATOM   726  O  OE1 . GLU A 1 123 ? -2.129  -8.336  15.884  1.00 39.16 ? 290 GLU A OE1 1 
ATOM   727  O  OE2 . GLU A 1 123 ? -2.470  -6.208  16.302  1.00 39.17 ? 290 GLU A OE2 1 
HETATM 728  N  N   . MSE A 1 124 ? 2.355   -9.636  13.091  1.00 35.64 ? 291 MSE A N   1 
HETATM 729  C  CA  . MSE A 1 124 ? 3.015   -10.899 12.773  1.00 35.56 ? 291 MSE A CA  1 
HETATM 730  C  C   . MSE A 1 124 ? 4.499   -10.741 12.485  1.00 35.76 ? 291 MSE A C   1 
HETATM 731  O  O   . MSE A 1 124 ? 5.291   -11.605 12.851  1.00 35.38 ? 291 MSE A O   1 
HETATM 732  C  CB  . MSE A 1 124 ? 2.275   -11.704 11.674  1.00 35.09 ? 291 MSE A CB  1 
HETATM 733  C  CG  . MSE A 1 124 ? 2.532   -11.328 10.207  1.00 35.16 ? 291 MSE A CG  1 
HETATM 734  SE SE  . MSE A 1 124 ? 1.409   -12.232 9.043   1.00 31.71 ? 291 MSE A SE  1 
HETATM 735  C  CE  . MSE A 1 124 ? 2.330   -12.044 7.520   1.00 33.44 ? 291 MSE A CE  1 
ATOM   736  N  N   . TYR A 1 125 ? 4.884   -9.643  11.844  1.00 36.28 ? 292 TYR A N   1 
ATOM   737  C  CA  . TYR A 1 125 ? 6.311   -9.377  11.622  1.00 36.44 ? 292 TYR A CA  1 
ATOM   738  C  C   . TYR A 1 125 ? 6.937   -8.554  12.749  1.00 36.49 ? 292 TYR A C   1 
ATOM   739  O  O   . TYR A 1 125 ? 8.135   -8.284  12.722  1.00 36.30 ? 292 TYR A O   1 
ATOM   740  C  CB  . TYR A 1 125 ? 6.541   -8.656  10.291  1.00 36.03 ? 292 TYR A CB  1 
ATOM   741  C  CG  . TYR A 1 125 ? 6.191   -9.483  9.075   1.00 35.94 ? 292 TYR A CG  1 
ATOM   742  C  CD1 . TYR A 1 125 ? 6.807   -10.717 8.837   1.00 35.62 ? 292 TYR A CD1 1 
ATOM   743  C  CD2 . TYR A 1 125 ? 5.255   -9.030  8.156   1.00 33.02 ? 292 TYR A CD2 1 
ATOM   744  C  CE1 . TYR A 1 125 ? 6.496   -11.458 7.720   1.00 35.80 ? 292 TYR A CE1 1 
ATOM   745  C  CE2 . TYR A 1 125 ? 4.945   -9.759  7.046   1.00 33.26 ? 292 TYR A CE2 1 
ATOM   746  C  CZ  . TYR A 1 125 ? 5.552   -10.967 6.832   1.00 36.00 ? 292 TYR A CZ  1 
ATOM   747  O  OH  . TYR A 1 125 ? 5.217   -11.679 5.715   1.00 38.05 ? 292 TYR A OH  1 
ATOM   748  N  N   . ASN A 1 126 ? 6.114   -8.164  13.712  1.00 37.06 ? 293 ASN A N   1 
ATOM   749  C  CA  . ASN A 1 126 ? 6.489   -7.235  14.789  1.00 38.41 ? 293 ASN A CA  1 
ATOM   750  C  C   . ASN A 1 126 ? 7.218   -5.989  14.291  1.00 38.79 ? 293 ASN A C   1 
ATOM   751  O  O   . ASN A 1 126 ? 8.223   -5.568  14.876  1.00 38.90 ? 293 ASN A O   1 
ATOM   752  C  CB  . ASN A 1 126 ? 7.278   -7.931  15.915  1.00 39.00 ? 293 ASN A CB  1 
ATOM   753  C  CG  . ASN A 1 126 ? 7.379   -7.072  17.167  1.00 40.29 ? 293 ASN A CG  1 
ATOM   754  O  OD1 . ASN A 1 126 ? 6.625   -6.109  17.334  1.00 42.08 ? 293 ASN A OD1 1 
ATOM   755  N  ND2 . ASN A 1 126 ? 8.311   -7.409  18.046  1.00 41.41 ? 293 ASN A ND2 1 
ATOM   756  N  N   . ARG A 1 127 ? 6.692   -5.398  13.219  1.00 38.80 ? 294 ARG A N   1 
ATOM   757  C  CA  . ARG A 1 127 ? 7.256   -4.189  12.626  1.00 38.94 ? 294 ARG A CA  1 
ATOM   758  C  C   . ARG A 1 127 ? 6.094   -3.262  12.310  1.00 38.70 ? 294 ARG A C   1 
ATOM   759  O  O   . ARG A 1 127 ? 5.010   -3.723  11.978  1.00 39.19 ? 294 ARG A O   1 
ATOM   760  C  CB  . ARG A 1 127 ? 7.987   -4.514  11.317  1.00 39.11 ? 294 ARG A CB  1 
ATOM   761  C  CG  . ARG A 1 127 ? 9.230   -5.370  11.483  1.00 40.94 ? 294 ARG A CG  1 
ATOM   762  C  CD  . ARG A 1 127 ? 9.785   -5.874  10.149  1.00 41.17 ? 294 ARG A CD  1 
ATOM   763  N  NE  . ARG A 1 127 ? 10.155  -4.779  9.252   1.00 44.23 ? 294 ARG A NE  1 
ATOM   764  C  CZ  . ARG A 1 127 ? 10.757  -4.954  8.075   1.00 44.68 ? 294 ARG A CZ  1 
ATOM   765  N  NH1 . ARG A 1 127 ? 11.062  -6.180  7.660   1.00 42.50 ? 294 ARG A NH1 1 
ATOM   766  N  NH2 . ARG A 1 127 ? 11.049  -3.906  7.312   1.00 44.36 ? 294 ARG A NH2 1 
ATOM   767  N  N   . PRO A 1 128 ? 6.310   -1.951  12.424  1.00 38.46 ? 295 PRO A N   1 
ATOM   768  C  CA  . PRO A 1 128 ? 5.281   -1.023  12.000  1.00 37.63 ? 295 PRO A CA  1 
ATOM   769  C  C   . PRO A 1 128 ? 5.073   -1.084  10.476  1.00 37.12 ? 295 PRO A C   1 
ATOM   770  O  O   . PRO A 1 128 ? 6.031   -1.295  9.717   1.00 37.21 ? 295 PRO A O   1 
ATOM   771  C  CB  . PRO A 1 128 ? 5.847   0.338   12.428  1.00 38.45 ? 295 PRO A CB  1 
ATOM   772  C  CG  . PRO A 1 128 ? 6.919   0.013   13.474  1.00 38.29 ? 295 PRO A CG  1 
ATOM   773  C  CD  . PRO A 1 128 ? 7.484   -1.274  13.011  1.00 38.21 ? 295 PRO A CD  1 
ATOM   774  N  N   . VAL A 1 129 ? 3.822   -0.950  10.043  1.00 36.15 ? 296 VAL A N   1 
ATOM   775  C  CA  . VAL A 1 129 ? 3.502   -0.831  8.622   1.00 35.09 ? 296 VAL A CA  1 
ATOM   776  C  C   . VAL A 1 129 ? 3.081   0.606   8.366   1.00 34.70 ? 296 VAL A C   1 
ATOM   777  O  O   . VAL A 1 129 ? 2.129   1.091   8.973   1.00 34.25 ? 296 VAL A O   1 
ATOM   778  C  CB  . VAL A 1 129 ? 2.355   -1.794  8.180   1.00 35.27 ? 296 VAL A CB  1 
ATOM   779  C  CG1 . VAL A 1 129 ? 1.948   -1.527  6.722   1.00 34.74 ? 296 VAL A CG1 1 
ATOM   780  C  CG2 . VAL A 1 129 ? 2.763   -3.255  8.346   1.00 34.25 ? 296 VAL A CG2 1 
ATOM   781  N  N   . GLU A 1 130 ? 3.829   1.302   7.516   1.00 34.40 ? 297 GLU A N   1 
ATOM   782  C  CA  . GLU A 1 130 ? 3.508   2.687   7.168   1.00 34.46 ? 297 GLU A CA  1 
ATOM   783  C  C   . GLU A 1 130 ? 2.928   2.746   5.761   1.00 34.00 ? 297 GLU A C   1 
ATOM   784  O  O   . GLU A 1 130 ? 3.520   2.204   4.825   1.00 33.35 ? 297 GLU A O   1 
ATOM   785  C  CB  . GLU A 1 130 ? 4.768   3.561   7.197   1.00 34.62 ? 297 GLU A CB  1 
ATOM   786  C  CG  . GLU A 1 130 ? 5.248   3.938   8.594   1.00 36.75 ? 297 GLU A CG  1 
ATOM   787  C  CD  . GLU A 1 130 ? 6.619   4.604   8.587   1.00 38.94 ? 297 GLU A CD  1 
ATOM   788  O  OE1 . GLU A 1 130 ? 7.282   4.675   7.523   1.00 38.68 ? 297 GLU A OE1 1 
ATOM   789  O  OE2 . GLU A 1 130 ? 7.051   5.045   9.664   1.00 42.24 ? 297 GLU A OE2 1 
ATOM   790  N  N   . VAL A 1 131 ? 1.789   3.421   5.616   1.00 34.18 ? 298 VAL A N   1 
ATOM   791  C  CA  . VAL A 1 131 ? 1.192   3.662   4.296   1.00 34.07 ? 298 VAL A CA  1 
ATOM   792  C  C   . VAL A 1 131 ? 1.419   5.109   3.849   1.00 34.05 ? 298 VAL A C   1 
ATOM   793  O  O   . VAL A 1 131 ? 1.022   6.039   4.556   1.00 33.55 ? 298 VAL A O   1 
ATOM   794  C  CB  . VAL A 1 131 ? -0.334  3.460   4.304   1.00 34.27 ? 298 VAL A CB  1 
ATOM   795  C  CG1 . VAL A 1 131 ? -0.876  3.431   2.849   1.00 33.65 ? 298 VAL A CG1 1 
ATOM   796  C  CG2 . VAL A 1 131 ? -0.714  2.198   5.046   1.00 35.52 ? 298 VAL A CG2 1 
ATOM   797  N  N   . TYR A 1 132 ? 2.015   5.272   2.670   1.00 33.52 ? 299 TYR A N   1 
ATOM   798  C  CA  . TYR A 1 132 ? 2.199   6.574   2.029   1.00 34.43 ? 299 TYR A CA  1 
ATOM   799  C  C   . TYR A 1 132 ? 1.234   6.772   0.838   1.00 34.65 ? 299 TYR A C   1 
ATOM   800  O  O   . TYR A 1 132 ? 0.872   5.807   0.146   1.00 33.56 ? 299 TYR A O   1 
ATOM   801  C  CB  . TYR A 1 132 ? 3.645   6.717   1.554   1.00 34.31 ? 299 TYR A CB  1 
ATOM   802  C  CG  . TYR A 1 132 ? 4.619   6.734   2.703   1.00 35.55 ? 299 TYR A CG  1 
ATOM   803  C  CD1 . TYR A 1 132 ? 5.182   7.933   3.147   1.00 36.90 ? 299 TYR A CD1 1 
ATOM   804  C  CD2 . TYR A 1 132 ? 4.942   5.556   3.382   1.00 35.35 ? 299 TYR A CD2 1 
ATOM   805  C  CE1 . TYR A 1 132 ? 6.063   7.951   4.219   1.00 37.40 ? 299 TYR A CE1 1 
ATOM   806  C  CE2 . TYR A 1 132 ? 5.812   5.558   4.444   1.00 35.45 ? 299 TYR A CE2 1 
ATOM   807  C  CZ  . TYR A 1 132 ? 6.373   6.753   4.863   1.00 36.35 ? 299 TYR A CZ  1 
ATOM   808  O  OH  . TYR A 1 132 ? 7.237   6.757   5.922   1.00 34.83 ? 299 TYR A OH  1 
ATOM   809  N  N   . GLN A 1 133 ? 0.811   8.020   0.634   1.00 34.52 ? 300 GLN A N   1 
ATOM   810  C  CA  . GLN A 1 133 ? -0.104  8.384   -0.451  1.00 35.32 ? 300 GLN A CA  1 
ATOM   811  C  C   . GLN A 1 133 ? 0.111   9.837   -0.889  1.00 35.91 ? 300 GLN A C   1 
ATOM   812  O  O   . GLN A 1 133 ? 0.349   10.724  -0.065  1.00 34.67 ? 300 GLN A O   1 
ATOM   813  C  CB  . GLN A 1 133 ? -1.558  8.210   -0.015  1.00 35.57 ? 300 GLN A CB  1 
ATOM   814  C  CG  . GLN A 1 133 ? -2.554  8.489   -1.112  1.00 36.46 ? 300 GLN A CG  1 
ATOM   815  C  CD  . GLN A 1 133 ? -3.972  8.597   -0.608  1.00 37.77 ? 300 GLN A CD  1 
ATOM   816  O  OE1 . GLN A 1 133 ? -4.213  9.061   0.496   1.00 41.18 ? 300 GLN A OE1 1 
ATOM   817  N  NE2 . GLN A 1 133 ? -4.919  8.186   -1.425  1.00 37.41 ? 300 GLN A NE2 1 
ATOM   818  N  N   . TYR A 1 134 ? 0.027   10.069  -2.193  1.00 36.72 ? 301 TYR A N   1 
ATOM   819  C  CA  . TYR A 1 134 ? -0.007  11.417  -2.709  1.00 38.20 ? 301 TYR A CA  1 
ATOM   820  C  C   . TYR A 1 134 ? -1.138  12.194  -2.042  1.00 39.38 ? 301 TYR A C   1 
ATOM   821  O  O   . TYR A 1 134 ? -2.230  11.673  -1.878  1.00 39.21 ? 301 TYR A O   1 
ATOM   822  C  CB  . TYR A 1 134 ? -0.237  11.414  -4.218  1.00 38.03 ? 301 TYR A CB  1 
ATOM   823  C  CG  . TYR A 1 134 ? -0.730  12.751  -4.718  1.00 39.18 ? 301 TYR A CG  1 
ATOM   824  C  CD1 . TYR A 1 134 ? 0.166   13.757  -5.037  1.00 40.07 ? 301 TYR A CD1 1 
ATOM   825  C  CD2 . TYR A 1 134 ? -2.096  13.020  -4.826  1.00 40.27 ? 301 TYR A CD2 1 
ATOM   826  C  CE1 . TYR A 1 134 ? -0.268  14.994  -5.477  1.00 40.95 ? 301 TYR A CE1 1 
ATOM   827  C  CE2 . TYR A 1 134 ? -2.552  14.255  -5.276  1.00 39.89 ? 301 TYR A CE2 1 
ATOM   828  C  CZ  . TYR A 1 134 ? -1.630  15.244  -5.588  1.00 41.08 ? 301 TYR A CZ  1 
ATOM   829  O  OH  . TYR A 1 134 ? -2.049  16.479  -6.031  1.00 36.95 ? 301 TYR A OH  1 
ATOM   830  N  N   . SER A 1 135 ? -0.860  13.436  -1.653  1.00 41.12 ? 302 SER A N   1 
ATOM   831  C  CA  . SER A 1 135 ? -1.886  14.392  -1.257  1.00 43.61 ? 302 SER A CA  1 
ATOM   832  C  C   . SER A 1 135 ? -1.341  15.793  -1.496  1.00 45.32 ? 302 SER A C   1 
ATOM   833  O  O   . SER A 1 135 ? -0.131  15.979  -1.610  1.00 45.33 ? 302 SER A O   1 
ATOM   834  C  CB  . SER A 1 135 ? -2.234  14.242  0.223   1.00 43.11 ? 302 SER A CB  1 
ATOM   835  O  OG  . SER A 1 135 ? -1.059  14.385  0.999   1.00 44.41 ? 302 SER A OG  1 
ATOM   836  N  N   . THR A 1 136 ? -2.242  16.765  -1.580  1.00 47.90 ? 303 THR A N   1 
ATOM   837  C  CA  . THR A 1 136 ? -1.875  18.167  -1.772  1.00 50.60 ? 303 THR A CA  1 
ATOM   838  C  C   . THR A 1 136 ? -1.888  18.867  -0.428  1.00 52.07 ? 303 THR A C   1 
ATOM   839  O  O   . THR A 1 136 ? -1.670  20.069  -0.351  1.00 52.40 ? 303 THR A O   1 
ATOM   840  C  CB  . THR A 1 136 ? -2.891  18.902  -2.662  1.00 50.37 ? 303 THR A CB  1 
ATOM   841  O  OG1 . THR A 1 136 ? -4.115  19.066  -1.938  1.00 51.54 ? 303 THR A OG1 1 
ATOM   842  C  CG2 . THR A 1 136 ? -3.180  18.117  -3.917  1.00 51.66 ? 303 THR A CG2 1 
ATOM   843  N  N   . GLY A 1 137 ? -2.183  18.109  0.630   1.00 54.00 ? 304 GLY A N   1 
ATOM   844  C  CA  . GLY A 1 137 ? -2.127  18.622  1.999   1.00 55.41 ? 304 GLY A CA  1 
ATOM   845  C  C   . GLY A 1 137 ? -0.677  18.799  2.413   1.00 56.56 ? 304 GLY A C   1 
ATOM   846  O  O   . GLY A 1 137 ? 0.231   18.420  1.663   1.00 56.51 ? 304 GLY A O   1 
ATOM   847  N  N   . THR A 1 138 ? -0.460  19.381  3.595   1.00 57.49 ? 305 THR A N   1 
ATOM   848  C  CA  . THR A 1 138 ? 0.891   19.634  4.109   1.00 58.54 ? 305 THR A CA  1 
ATOM   849  C  C   . THR A 1 138 ? 1.688   18.329  4.239   1.00 58.95 ? 305 THR A C   1 
ATOM   850  O  O   . THR A 1 138 ? 1.167   17.302  4.700   1.00 59.43 ? 305 THR A O   1 
ATOM   851  C  CB  . THR A 1 138 ? 0.882   20.353  5.501   1.00 58.87 ? 305 THR A CB  1 
ATOM   852  O  OG1 . THR A 1 138 ? -0.183  21.322  5.571   1.00 58.86 ? 305 THR A OG1 1 
ATOM   853  C  CG2 . THR A 1 138 ? 2.228   21.033  5.763   1.00 59.02 ? 305 THR A CG2 1 
ATOM   854  N  N   . SER A 1 139 ? 2.953   18.365  3.826   1.00 58.99 ? 306 SER A N   1 
ATOM   855  C  CA  . SER A 1 139 ? 3.822   17.205  3.979   1.00 58.33 ? 306 SER A CA  1 
ATOM   856  C  C   . SER A 1 139 ? 3.028   15.955  3.643   1.00 57.51 ? 306 SER A C   1 
ATOM   857  O  O   . SER A 1 139 ? 2.497   15.271  4.522   1.00 58.03 ? 306 SER A O   1 
ATOM   858  C  CB  . SER A 1 139 ? 4.378   17.136  5.406   1.00 58.52 ? 306 SER A CB  1 
ATOM   859  O  OG  . SER A 1 139 ? 4.881   18.407  5.804   1.00 59.04 ? 306 SER A OG  1 
ATOM   860  N  N   . ALA A 1 140 ? 2.921   15.701  2.345   1.00 56.30 ? 307 ALA A N   1 
ATOM   861  C  CA  . ALA A 1 140 ? 2.348   14.490  1.828   1.00 54.61 ? 307 ALA A CA  1 
ATOM   862  C  C   . ALA A 1 140 ? 3.299   13.370  2.160   1.00 53.83 ? 307 ALA A C   1 
ATOM   863  O  O   . ALA A 1 140 ? 2.902   12.206  2.210   1.00 54.07 ? 307 ALA A O   1 
ATOM   864  C  CB  . ALA A 1 140 ? 2.190   14.599  0.326   1.00 55.10 ? 307 ALA A CB  1 
ATOM   865  N  N   . VAL A 1 141 ? 4.560   13.728  2.396   1.00 52.05 ? 308 VAL A N   1 
ATOM   866  C  CA  . VAL A 1 141 ? 5.617   12.755  2.630   1.00 50.52 ? 308 VAL A CA  1 
ATOM   867  C  C   . VAL A 1 141 ? 5.555   12.084  3.996   1.00 49.63 ? 308 VAL A C   1 
ATOM   868  O  O   . VAL A 1 141 ? 6.438   11.309  4.332   1.00 49.43 ? 308 VAL A O   1 
ATOM   869  C  CB  . VAL A 1 141 ? 7.016   13.396  2.500   1.00 50.56 ? 308 VAL A CB  1 
ATOM   870  C  CG1 . VAL A 1 141 ? 7.277   13.796  1.067   1.00 50.98 ? 308 VAL A CG1 1 
ATOM   871  C  CG2 . VAL A 1 141 ? 7.140   14.594  3.442   1.00 49.27 ? 308 VAL A CG2 1 
ATOM   872  N  N   . GLU A 1 142 ? 4.557   12.409  4.804   1.00 48.64 ? 309 GLU A N   1 
ATOM   873  C  CA  . GLU A 1 142 ? 4.391   11.690  6.060   1.00 47.95 ? 309 GLU A CA  1 
ATOM   874  C  C   . GLU A 1 142 ? 3.401   10.557  5.832   1.00 47.00 ? 309 GLU A C   1 
ATOM   875  O  O   . GLU A 1 142 ? 2.487   10.693  5.027   1.00 46.45 ? 309 GLU A O   1 
ATOM   876  C  CB  . GLU A 1 142 ? 3.913   12.608  7.185   1.00 47.86 ? 309 GLU A CB  1 
ATOM   877  C  CG  . GLU A 1 142 ? 4.793   13.846  7.422   1.00 49.86 ? 309 GLU A CG  1 
ATOM   878  C  CD  . GLU A 1 142 ? 6.240   13.505  7.754   1.00 52.42 ? 309 GLU A CD  1 
ATOM   879  O  OE1 . GLU A 1 142 ? 6.498   12.428  8.335   1.00 52.49 ? 309 GLU A OE1 1 
ATOM   880  O  OE2 . GLU A 1 142 ? 7.130   14.323  7.431   1.00 54.51 ? 309 GLU A OE2 1 
ATOM   881  N  N   . PRO A 1 143 ? 3.599   9.426   6.529   1.00 46.28 ? 310 PRO A N   1 
ATOM   882  C  CA  . PRO A 1 143 ? 2.686   8.300   6.388   1.00 45.80 ? 310 PRO A CA  1 
ATOM   883  C  C   . PRO A 1 143 ? 1.272   8.766   6.700   1.00 45.53 ? 310 PRO A C   1 
ATOM   884  O  O   . PRO A 1 143 ? 1.077   9.494   7.669   1.00 45.11 ? 310 PRO A O   1 
ATOM   885  C  CB  . PRO A 1 143 ? 3.185   7.298   7.445   1.00 45.52 ? 310 PRO A CB  1 
ATOM   886  C  CG  . PRO A 1 143 ? 4.122   8.077   8.334   1.00 45.65 ? 310 PRO A CG  1 
ATOM   887  C  CD  . PRO A 1 143 ? 4.697   9.145   7.473   1.00 46.10 ? 310 PRO A CD  1 
ATOM   888  N  N   . ILE A 1 144 ? 0.300   8.388   5.869   1.00 45.55 ? 311 ILE A N   1 
ATOM   889  C  CA  . ILE A 1 144 ? -1.090  8.772   6.115   1.00 45.43 ? 311 ILE A CA  1 
ATOM   890  C  C   . ILE A 1 144 ? -1.637  7.983   7.279   1.00 45.59 ? 311 ILE A C   1 
ATOM   891  O  O   . ILE A 1 144 ? -2.645  8.354   7.883   1.00 45.46 ? 311 ILE A O   1 
ATOM   892  C  CB  . ILE A 1 144 ? -2.004  8.542   4.891   1.00 45.65 ? 311 ILE A CB  1 
ATOM   893  C  CG1 . ILE A 1 144 ? -1.905  7.096   4.416   1.00 45.16 ? 311 ILE A CG1 1 
ATOM   894  C  CG2 . ILE A 1 144 ? -1.662  9.512   3.780   1.00 45.72 ? 311 ILE A CG2 1 
ATOM   895  C  CD1 . ILE A 1 144 ? -2.884  6.737   3.345   1.00 46.55 ? 311 ILE A CD1 1 
ATOM   896  N  N   . ASN A 1 145 ? -0.976  6.869   7.571   1.00 46.10 ? 312 ASN A N   1 
ATOM   897  C  CA  . ASN A 1 145 ? -1.294  6.063   8.747   1.00 46.41 ? 312 ASN A CA  1 
ATOM   898  C  C   . ASN A 1 145 ? -0.189  5.068   9.046   1.00 45.99 ? 312 ASN A C   1 
ATOM   899  O  O   . ASN A 1 145 ? 0.497   4.611   8.133   1.00 45.35 ? 312 ASN A O   1 
ATOM   900  C  CB  . ASN A 1 145 ? -2.614  5.314   8.572   1.00 47.43 ? 312 ASN A CB  1 
ATOM   901  C  CG  . ASN A 1 145 ? -3.077  4.647   9.859   1.00 49.89 ? 312 ASN A CG  1 
ATOM   902  O  OD1 . ASN A 1 145 ? -3.054  5.251   10.941  1.00 53.15 ? 312 ASN A OD1 1 
ATOM   903  N  ND2 . ASN A 1 145 ? -3.486  3.389   9.752   1.00 53.72 ? 312 ASN A ND2 1 
ATOM   904  N  N   . THR A 1 146 ? -0.021  4.757   10.330  1.00 45.56 ? 313 THR A N   1 
ATOM   905  C  CA  . THR A 1 146 ? 0.978   3.784   10.781  1.00 45.19 ? 313 THR A CA  1 
ATOM   906  C  C   . THR A 1 146 ? 0.310   2.710   11.638  1.00 44.69 ? 313 THR A C   1 
ATOM   907  O  O   . THR A 1 146 ? -0.327  3.012   12.656  1.00 44.08 ? 313 THR A O   1 
ATOM   908  C  CB  . THR A 1 146 ? 2.085   4.459   11.608  1.00 45.44 ? 313 THR A CB  1 
ATOM   909  O  OG1 . THR A 1 146 ? 2.665   5.533   10.855  1.00 46.72 ? 313 THR A OG1 1 
ATOM   910  C  CG2 . THR A 1 146 ? 3.182   3.460   11.974  1.00 45.79 ? 313 THR A CG2 1 
ATOM   911  N  N   . PHE A 1 147 ? 0.437   1.458   11.216  1.00 43.68 ? 314 PHE A N   1 
ATOM   912  C  CA  . PHE A 1 147 ? -0.012  0.345   12.044  1.00 43.47 ? 314 PHE A CA  1 
ATOM   913  C  C   . PHE A 1 147 ? 1.148   -0.192  12.896  1.00 43.49 ? 314 PHE A C   1 
ATOM   914  O  O   . PHE A 1 147 ? 2.244   -0.428  12.400  1.00 42.99 ? 314 PHE A O   1 
ATOM   915  C  CB  . PHE A 1 147 ? -0.630  -0.753  11.179  1.00 42.89 ? 314 PHE A CB  1 
ATOM   916  C  CG  . PHE A 1 147 ? -1.736  -0.261  10.301  1.00 42.81 ? 314 PHE A CG  1 
ATOM   917  C  CD1 . PHE A 1 147 ? -3.063  -0.394  10.695  1.00 43.31 ? 314 PHE A CD1 1 
ATOM   918  C  CD2 . PHE A 1 147 ? -1.452  0.371   9.099   1.00 41.85 ? 314 PHE A CD2 1 
ATOM   919  C  CE1 . PHE A 1 147 ? -4.094  0.068   9.895   1.00 44.17 ? 314 PHE A CE1 1 
ATOM   920  C  CE2 . PHE A 1 147 ? -2.472  0.843   8.292   1.00 44.19 ? 314 PHE A CE2 1 
ATOM   921  C  CZ  . PHE A 1 147 ? -3.803  0.688   8.689   1.00 44.07 ? 314 PHE A CZ  1 
ATOM   922  N  N   . HIS A 1 148 ? 0.900   -0.383  14.181  1.00 44.01 ? 315 HIS A N   1 
ATOM   923  C  CA  . HIS A 1 148 ? 1.972   -0.832  15.066  1.00 45.19 ? 315 HIS A CA  1 
ATOM   924  C  C   . HIS A 1 148 ? 1.944   -2.317  15.320  1.00 45.37 ? 315 HIS A C   1 
ATOM   925  O  O   . HIS A 1 148 ? 0.872   -2.926  15.392  1.00 44.77 ? 315 HIS A O   1 
ATOM   926  C  CB  . HIS A 1 148 ? 1.937   -0.070  16.383  1.00 45.35 ? 315 HIS A CB  1 
ATOM   927  C  CG  . HIS A 1 148 ? 2.372   1.354   16.247  1.00 47.07 ? 315 HIS A CG  1 
ATOM   928  N  ND1 . HIS A 1 148 ? 3.680   1.707   15.990  1.00 48.46 ? 315 HIS A ND1 1 
ATOM   929  C  CD2 . HIS A 1 148 ? 1.674   2.512   16.314  1.00 48.83 ? 315 HIS A CD2 1 
ATOM   930  C  CE1 . HIS A 1 148 ? 3.772   3.023   15.915  1.00 50.46 ? 315 HIS A CE1 1 
ATOM   931  N  NE2 . HIS A 1 148 ? 2.569   3.537   16.107  1.00 50.33 ? 315 HIS A NE2 1 
ATOM   932  N  N   . GLY A 1 149 ? 3.140   -2.890  15.418  1.00 46.25 ? 316 GLY A N   1 
ATOM   933  C  CA  . GLY A 1 149 ? 3.318   -4.290  15.814  1.00 47.10 ? 316 GLY A CA  1 
ATOM   934  C  C   . GLY A 1 149 ? 3.069   -4.439  17.302  1.00 47.91 ? 316 GLY A C   1 
ATOM   935  O  O   . GLY A 1 149 ? 2.370   -3.614  17.894  1.00 47.92 ? 316 GLY A O   1 
ATOM   936  N  N   . ILE A 1 150 ? 3.652   -5.467  17.925  1.00 48.66 ? 317 ILE A N   1 
ATOM   937  C  CA  . ILE A 1 150 ? 3.395   -5.710  19.354  1.00 49.36 ? 317 ILE A CA  1 
ATOM   938  C  C   . ILE A 1 150 ? 4.139   -4.728  20.269  1.00 49.83 ? 317 ILE A C   1 
ATOM   939  O  O   . ILE A 1 150 ? 3.532   -4.053  21.096  1.00 49.61 ? 317 ILE A O   1 
ATOM   940  C  CB  . ILE A 1 150 ? 3.676   -7.186  19.772  1.00 49.47 ? 317 ILE A CB  1 
ATOM   941  C  CG1 . ILE A 1 150 ? 2.924   -8.158  18.849  1.00 50.03 ? 317 ILE A CG1 1 
ATOM   942  C  CG2 . ILE A 1 150 ? 3.250   -7.426  21.210  1.00 49.03 ? 317 ILE A CG2 1 
ATOM   943  C  CD1 . ILE A 1 150 ? 3.814   -8.829  17.825  1.00 49.12 ? 317 ILE A CD1 1 
ATOM   944  N  N   . HIS A 1 151 ? 5.454   -4.658  20.124  1.00 50.92 ? 318 HIS A N   1 
ATOM   945  C  CA  . HIS A 1 151 ? 6.240   -3.687  20.870  1.00 52.03 ? 318 HIS A CA  1 
ATOM   946  C  C   . HIS A 1 151 ? 7.140   -2.914  19.922  1.00 52.80 ? 318 HIS A C   1 
ATOM   947  O  O   . HIS A 1 151 ? 7.396   -3.351  18.794  1.00 53.15 ? 318 HIS A O   1 
ATOM   948  C  CB  . HIS A 1 151 ? 7.098   -4.372  21.936  1.00 51.73 ? 318 HIS A CB  1 
ATOM   949  C  CG  . HIS A 1 151 ? 6.324   -5.266  22.849  1.00 52.62 ? 318 HIS A CG  1 
ATOM   950  N  ND1 . HIS A 1 151 ? 6.401   -6.641  22.782  1.00 51.35 ? 318 HIS A ND1 1 
ATOM   951  C  CD2 . HIS A 1 151 ? 5.436   -4.983  23.832  1.00 52.59 ? 318 HIS A CD2 1 
ATOM   952  C  CE1 . HIS A 1 151 ? 5.602   -7.165  23.693  1.00 53.86 ? 318 HIS A CE1 1 
ATOM   953  N  NE2 . HIS A 1 151 ? 5.004   -6.181  24.344  1.00 54.07 ? 318 HIS A NE2 1 
ATOM   954  N  N   . GLN A 1 152 ? 7.631   -1.774  20.400  1.00 53.59 ? 319 GLN A N   1 
ATOM   955  C  CA  . GLN A 1 152 ? 8.629   -1.003  19.686  1.00 54.22 ? 319 GLN A CA  1 
ATOM   956  C  C   . GLN A 1 152 ? 9.990   -1.695  19.694  1.00 54.36 ? 319 GLN A C   1 
ATOM   957  O  O   . GLN A 1 152 ? 10.385  -2.333  20.682  1.00 54.78 ? 319 GLN A O   1 
ATOM   958  C  CB  . GLN A 1 152 ? 8.759   0.383   20.310  1.00 54.75 ? 319 GLN A CB  1 
ATOM   959  C  CG  . GLN A 1 152 ? 7.683   1.358   19.882  1.00 56.67 ? 319 GLN A CG  1 
ATOM   960  C  CD  . GLN A 1 152 ? 8.239   2.758   19.710  1.00 59.67 ? 319 GLN A CD  1 
ATOM   961  O  OE1 . GLN A 1 152 ? 7.627   3.743   20.134  1.00 60.79 ? 319 GLN A OE1 1 
ATOM   962  N  NE2 . GLN A 1 152 ? 9.421   2.852   19.095  1.00 60.49 ? 319 GLN A NE2 1 
ATOM   963  N  N   . ASN A 1 153 ? 10.701  -1.560  18.580  1.00 54.06 ? 320 ASN A N   1 
ATOM   964  C  CA  . ASN A 1 153 ? 12.044  -2.103  18.430  1.00 53.41 ? 320 ASN A CA  1 
ATOM   965  C  C   . ASN A 1 153 ? 12.767  -1.302  17.360  1.00 53.25 ? 320 ASN A C   1 
ATOM   966  O  O   . ASN A 1 153 ? 12.204  -0.348  16.823  1.00 53.13 ? 320 ASN A O   1 
ATOM   967  C  CB  . ASN A 1 153 ? 12.000  -3.596  18.079  1.00 53.20 ? 320 ASN A CB  1 
ATOM   968  C  CG  . ASN A 1 153 ? 11.107  -3.897  16.876  1.00 52.87 ? 320 ASN A CG  1 
ATOM   969  O  OD1 . ASN A 1 153 ? 11.550  -3.828  15.731  1.00 51.39 ? 320 ASN A OD1 1 
ATOM   970  N  ND2 . ASN A 1 153 ? 9.850   -4.258  17.140  1.00 52.18 ? 320 ASN A ND2 1 
ATOM   971  N  N   . GLU A 1 154 ? 14.006  -1.688  17.056  1.00 53.07 ? 321 GLU A N   1 
ATOM   972  C  CA  . GLU A 1 154 ? 14.843  -0.964  16.095  1.00 52.97 ? 321 GLU A CA  1 
ATOM   973  C  C   . GLU A 1 154 ? 14.683  -1.464  14.650  1.00 51.87 ? 321 GLU A C   1 
ATOM   974  O  O   . GLU A 1 154 ? 15.412  -1.039  13.751  1.00 51.73 ? 321 GLU A O   1 
ATOM   975  C  CB  . GLU A 1 154 ? 16.322  -1.066  16.506  1.00 53.76 ? 321 GLU A CB  1 
ATOM   976  C  CG  . GLU A 1 154 ? 16.612  -0.755  17.984  1.00 56.47 ? 321 GLU A CG  1 
ATOM   977  C  CD  . GLU A 1 154 ? 16.503  0.736   18.339  1.00 60.02 ? 321 GLU A CD  1 
ATOM   978  O  OE1 . GLU A 1 154 ? 16.607  1.597   17.435  1.00 60.86 ? 321 GLU A OE1 1 
ATOM   979  O  OE2 . GLU A 1 154 ? 16.315  1.046   19.542  1.00 61.97 ? 321 GLU A OE2 1 
ATOM   980  N  N   . ASP A 1 155 ? 13.746  -2.380  14.428  1.00 50.67 ? 322 ASP A N   1 
ATOM   981  C  CA  . ASP A 1 155 ? 13.541  -2.941  13.094  1.00 49.33 ? 322 ASP A CA  1 
ATOM   982  C  C   . ASP A 1 155 ? 12.984  -1.874  12.160  1.00 47.62 ? 322 ASP A C   1 
ATOM   983  O  O   . ASP A 1 155 ? 12.117  -1.093  12.549  1.00 47.02 ? 322 ASP A O   1 
ATOM   984  C  CB  . ASP A 1 155 ? 12.576  -4.129  13.145  1.00 50.22 ? 322 ASP A CB  1 
ATOM   985  C  CG  . ASP A 1 155 ? 13.273  -5.445  13.439  1.00 52.70 ? 322 ASP A CG  1 
ATOM   986  O  OD1 . ASP A 1 155 ? 14.499  -5.519  13.248  1.00 55.16 ? 322 ASP A OD1 1 
ATOM   987  O  OD2 . ASP A 1 155 ? 12.591  -6.414  13.853  1.00 55.97 ? 322 ASP A OD2 1 
ATOM   988  N  N   . GLU A 1 156 ? 13.485  -1.841  10.928  1.00 45.64 ? 323 GLU A N   1 
ATOM   989  C  CA  . GLU A 1 156 ? 12.967  -0.906  9.937   1.00 43.84 ? 323 GLU A CA  1 
ATOM   990  C  C   . GLU A 1 156 ? 11.466  -1.161  9.734   1.00 41.69 ? 323 GLU A C   1 
ATOM   991  O  O   . GLU A 1 156 ? 11.033  -2.292  9.614   1.00 40.89 ? 323 GLU A O   1 
ATOM   992  C  CB  . GLU A 1 156 ? 13.721  -1.048  8.613   1.00 44.48 ? 323 GLU A CB  1 
ATOM   993  C  CG  . GLU A 1 156 ? 13.577  0.153   7.675   1.00 46.04 ? 323 GLU A CG  1 
ATOM   994  C  CD  . GLU A 1 156 ? 14.271  1.405   8.204   1.00 48.76 ? 323 GLU A CD  1 
ATOM   995  O  OE1 . GLU A 1 156 ? 14.822  1.361   9.325   1.00 49.80 ? 323 GLU A OE1 1 
ATOM   996  O  OE2 . GLU A 1 156 ? 14.262  2.438   7.500   1.00 49.75 ? 323 GLU A OE2 1 
ATOM   997  N  N   . PRO A 1 157 ? 10.665  -0.093  9.725   1.00 39.93 ? 324 PRO A N   1 
ATOM   998  C  CA  . PRO A 1 157 ? 9.233   -0.241  9.453   1.00 38.60 ? 324 PRO A CA  1 
ATOM   999  C  C   . PRO A 1 157 ? 9.008   -0.820  8.069   1.00 36.99 ? 324 PRO A C   1 
ATOM   1000 O  O   . PRO A 1 157 ? 9.841   -0.655  7.201   1.00 36.49 ? 324 PRO A O   1 
ATOM   1001 C  CB  . PRO A 1 157 ? 8.713   1.198   9.511   1.00 38.67 ? 324 PRO A CB  1 
ATOM   1002 C  CG  . PRO A 1 157 ? 9.753   1.943   10.343  1.00 39.63 ? 324 PRO A CG  1 
ATOM   1003 C  CD  . PRO A 1 157 ? 11.055  1.299   9.995   1.00 39.59 ? 324 PRO A CD  1 
ATOM   1004 N  N   . ILE A 1 158 ? 7.893   -1.507  7.876   1.00 35.86 ? 325 ILE A N   1 
ATOM   1005 C  CA  . ILE A 1 158 ? 7.458   -1.893  6.536   1.00 34.45 ? 325 ILE A CA  1 
ATOM   1006 C  C   . ILE A 1 158 ? 6.736   -0.695  5.883   1.00 33.82 ? 325 ILE A C   1 
ATOM   1007 O  O   . ILE A 1 158 ? 5.777   -0.164  6.435   1.00 33.70 ? 325 ILE A O   1 
ATOM   1008 C  CB  . ILE A 1 158 ? 6.500   -3.096  6.617   1.00 34.60 ? 325 ILE A CB  1 
ATOM   1009 C  CG1 . ILE A 1 158 ? 7.274   -4.350  7.067   1.00 33.88 ? 325 ILE A CG1 1 
ATOM   1010 C  CG2 . ILE A 1 158 ? 5.745   -3.309  5.283   1.00 32.82 ? 325 ILE A CG2 1 
ATOM   1011 C  CD1 . ILE A 1 158 ? 6.413   -5.419  7.730   1.00 31.29 ? 325 ILE A CD1 1 
ATOM   1012 N  N   . ARG A 1 159 ? 7.206   -0.261  4.719   1.00 32.71 ? 326 ARG A N   1 
ATOM   1013 C  CA  . ARG A 1 159 ? 6.615   0.918   4.085   1.00 31.78 ? 326 ARG A CA  1 
ATOM   1014 C  C   . ARG A 1 159 ? 6.017   0.603   2.720   1.00 30.64 ? 326 ARG A C   1 
ATOM   1015 O  O   . ARG A 1 159 ? 6.691   0.072   1.830   1.00 29.57 ? 326 ARG A O   1 
ATOM   1016 C  CB  . ARG A 1 159 ? 7.660   2.026   3.958   1.00 31.88 ? 326 ARG A CB  1 
ATOM   1017 C  CG  . ARG A 1 159 ? 8.347   2.367   5.268   1.00 32.89 ? 326 ARG A CG  1 
ATOM   1018 C  CD  . ARG A 1 159 ? 9.319   3.508   5.077   1.00 35.13 ? 326 ARG A CD  1 
ATOM   1019 N  NE  . ARG A 1 159 ? 9.822   4.030   6.342   1.00 37.22 ? 326 ARG A NE  1 
ATOM   1020 C  CZ  . ARG A 1 159 ? 11.036  3.778   6.834   1.00 36.99 ? 326 ARG A CZ  1 
ATOM   1021 N  NH1 . ARG A 1 159 ? 11.890  3.011   6.166   1.00 35.74 ? 326 ARG A NH1 1 
ATOM   1022 N  NH2 . ARG A 1 159 ? 11.401  4.328   7.985   1.00 36.13 ? 326 ARG A NH2 1 
ATOM   1023 N  N   . VAL A 1 160 ? 4.743   0.935   2.558   1.00 29.90 ? 327 VAL A N   1 
ATOM   1024 C  CA  . VAL A 1 160 ? 4.113   0.747   1.258   1.00 29.24 ? 327 VAL A CA  1 
ATOM   1025 C  C   . VAL A 1 160 ? 3.505   2.050   0.741   1.00 29.79 ? 327 VAL A C   1 
ATOM   1026 O  O   . VAL A 1 160 ? 3.293   3.022   1.499   1.00 28.72 ? 327 VAL A O   1 
ATOM   1027 C  CB  . VAL A 1 160 ? 3.051   -0.378  1.255   1.00 29.20 ? 327 VAL A CB  1 
ATOM   1028 C  CG1 . VAL A 1 160 ? 3.673   -1.717  1.767   1.00 28.85 ? 327 VAL A CG1 1 
ATOM   1029 C  CG2 . VAL A 1 160 ? 1.827   0.019   2.096   1.00 28.08 ? 327 VAL A CG2 1 
ATOM   1030 N  N   . SER A 1 161 ? 3.205   2.009   -0.554  1.00 28.70 ? 328 SER A N   1 
ATOM   1031 C  CA  . SER A 1 161 ? 2.773   3.141   -1.326  1.00 29.48 ? 328 SER A CA  1 
ATOM   1032 C  C   . SER A 1 161 ? 1.369   2.842   -1.843  1.00 28.16 ? 328 SER A C   1 
ATOM   1033 O  O   . SER A 1 161 ? 1.187   1.844   -2.534  1.00 28.14 ? 328 SER A O   1 
ATOM   1034 C  CB  . SER A 1 161 ? 3.722   3.260   -2.524  1.00 28.62 ? 328 SER A CB  1 
ATOM   1035 O  OG  . SER A 1 161 ? 3.814   4.585   -2.869  1.00 33.06 ? 328 SER A OG  1 
ATOM   1036 N  N   . TYR A 1 162 ? 0.393   3.672   -1.493  1.00 27.29 ? 329 TYR A N   1 
ATOM   1037 C  CA  . TYR A 1 162 ? -0.986  3.537   -1.996  1.00 27.14 ? 329 TYR A CA  1 
ATOM   1038 C  C   . TYR A 1 162 ? -1.178  4.387   -3.258  1.00 27.31 ? 329 TYR A C   1 
ATOM   1039 O  O   . TYR A 1 162 ? -0.852  5.574   -3.262  1.00 26.78 ? 329 TYR A O   1 
ATOM   1040 C  CB  . TYR A 1 162 ? -1.964  4.000   -0.922  1.00 27.24 ? 329 TYR A CB  1 
ATOM   1041 C  CG  . TYR A 1 162 ? -3.456  3.966   -1.260  1.00 27.10 ? 329 TYR A CG  1 
ATOM   1042 C  CD1 . TYR A 1 162 ? -4.257  2.931   -0.809  1.00 27.39 ? 329 TYR A CD1 1 
ATOM   1043 C  CD2 . TYR A 1 162 ? -4.067  5.009   -1.955  1.00 28.34 ? 329 TYR A CD2 1 
ATOM   1044 C  CE1 . TYR A 1 162 ? -5.619  2.901   -1.055  1.00 29.38 ? 329 TYR A CE1 1 
ATOM   1045 C  CE2 . TYR A 1 162 ? -5.456  4.993   -2.228  1.00 26.45 ? 329 TYR A CE2 1 
ATOM   1046 C  CZ  . TYR A 1 162 ? -6.220  3.927   -1.765  1.00 29.00 ? 329 TYR A CZ  1 
ATOM   1047 O  OH  . TYR A 1 162 ? -7.589  3.868   -1.987  1.00 29.60 ? 329 TYR A OH  1 
ATOM   1048 N  N   . HIS A 1 163 ? -1.691  3.771   -4.320  1.00 27.46 ? 330 HIS A N   1 
ATOM   1049 C  CA  . HIS A 1 163 ? -1.922  4.453   -5.604  1.00 28.07 ? 330 HIS A CA  1 
ATOM   1050 C  C   . HIS A 1 163 ? -3.271  4.022   -6.180  1.00 28.36 ? 330 HIS A C   1 
ATOM   1051 O  O   . HIS A 1 163 ? -3.797  2.979   -5.840  1.00 28.07 ? 330 HIS A O   1 
ATOM   1052 C  CB  . HIS A 1 163 ? -0.835  4.117   -6.643  1.00 27.58 ? 330 HIS A CB  1 
ATOM   1053 C  CG  . HIS A 1 163 ? 0.568   4.227   -6.130  1.00 29.22 ? 330 HIS A CG  1 
ATOM   1054 N  ND1 . HIS A 1 163 ? 1.305   5.394   -6.201  1.00 29.16 ? 330 HIS A ND1 1 
ATOM   1055 C  CD2 . HIS A 1 163 ? 1.366   3.311   -5.530  1.00 27.80 ? 330 HIS A CD2 1 
ATOM   1056 C  CE1 . HIS A 1 163 ? 2.495   5.190   -5.659  1.00 30.07 ? 330 HIS A CE1 1 
ATOM   1057 N  NE2 . HIS A 1 163 ? 2.560   3.930   -5.257  1.00 28.50 ? 330 HIS A NE2 1 
ATOM   1058 N  N   . ARG A 1 164 ? -3.832  4.828   -7.075  1.00 28.91 ? 331 ARG A N   1 
ATOM   1059 C  CA  . ARG A 1 164 ? -4.992  4.366   -7.819  1.00 29.45 ? 331 ARG A CA  1 
ATOM   1060 C  C   . ARG A 1 164 ? -4.764  4.573   -9.311  1.00 29.85 ? 331 ARG A C   1 
ATOM   1061 O  O   . ARG A 1 164 ? -4.814  5.703   -9.809  1.00 29.02 ? 331 ARG A O   1 
ATOM   1062 C  CB  . ARG A 1 164 ? -6.264  5.026   -7.318  1.00 29.68 ? 331 ARG A CB  1 
ATOM   1063 C  CG  . ARG A 1 164 ? -6.612  4.627   -5.869  1.00 30.96 ? 331 ARG A CG  1 
ATOM   1064 C  CD  . ARG A 1 164 ? -7.966  5.185   -5.445  1.00 31.60 ? 331 ARG A CD  1 
ATOM   1065 N  NE  . ARG A 1 164 ? -9.035  4.715   -6.327  1.00 32.73 ? 331 ARG A NE  1 
ATOM   1066 C  CZ  . ARG A 1 164 ? -10.304 5.121   -6.257  1.00 33.94 ? 331 ARG A CZ  1 
ATOM   1067 N  NH1 . ARG A 1 164 ? -10.672 5.992   -5.333  1.00 33.16 ? 331 ARG A NH1 1 
ATOM   1068 N  NH2 . ARG A 1 164 ? -11.212 4.646   -7.102  1.00 35.91 ? 331 ARG A NH2 1 
ATOM   1069 N  N   . ASN A 1 165 ? -4.467  3.470   -10.005 1.00 29.56 ? 332 ASN A N   1 
ATOM   1070 C  CA  . ASN A 1 165 ? -4.049  3.538   -11.403 1.00 30.20 ? 332 ASN A CA  1 
ATOM   1071 C  C   . ASN A 1 165 ? -5.228  3.526   -12.380 1.00 30.13 ? 332 ASN A C   1 
ATOM   1072 O  O   . ASN A 1 165 ? -6.103  2.665   -12.309 1.00 29.90 ? 332 ASN A O   1 
ATOM   1073 C  CB  . ASN A 1 165 ? -3.094  2.387   -11.756 1.00 29.96 ? 332 ASN A CB  1 
ATOM   1074 C  CG  . ASN A 1 165 ? -1.824  2.377   -10.898 1.00 31.27 ? 332 ASN A CG  1 
ATOM   1075 O  OD1 . ASN A 1 165 ? -1.383  3.400   -10.403 1.00 32.56 ? 332 ASN A OD1 1 
ATOM   1076 N  ND2 . ASN A 1 165 ? -1.244  1.196   -10.725 1.00 32.71 ? 332 ASN A ND2 1 
ATOM   1077 N  N   . ILE A 1 166 ? -5.212  4.478   -13.304 1.00 30.36 ? 333 ILE A N   1 
ATOM   1078 C  CA  . ILE A 1 166 ? -6.194  4.559   -14.367 1.00 30.09 ? 333 ILE A CA  1 
ATOM   1079 C  C   . ILE A 1 166 ? -6.350  3.198   -15.052 1.00 29.60 ? 333 ILE A C   1 
ATOM   1080 O  O   . ILE A 1 166 ? -5.353  2.546   -15.407 1.00 29.14 ? 333 ILE A O   1 
ATOM   1081 C  CB  . ILE A 1 166 ? -5.764  5.602   -15.407 1.00 30.16 ? 333 ILE A CB  1 
ATOM   1082 C  CG1 . ILE A 1 166 ? -5.560  6.972   -14.752 1.00 31.97 ? 333 ILE A CG1 1 
ATOM   1083 C  CG2 . ILE A 1 166 ? -6.773  5.699   -16.562 1.00 29.27 ? 333 ILE A CG2 1 
ATOM   1084 C  CD1 . ILE A 1 166 ? -6.781  7.577   -14.224 1.00 33.52 ? 333 ILE A CD1 1 
ATOM   1085 N  N   . HIS A 1 167 ? -7.604  2.788   -15.231 1.00 28.96 ? 334 HIS A N   1 
ATOM   1086 C  CA  . HIS A 1 167 ? -7.948  1.544   -15.918 1.00 29.30 ? 334 HIS A CA  1 
ATOM   1087 C  C   . HIS A 1 167 ? -9.259  1.730   -16.692 1.00 29.08 ? 334 HIS A C   1 
ATOM   1088 O  O   . HIS A 1 167 ? -10.210 2.322   -16.165 1.00 28.53 ? 334 HIS A O   1 
ATOM   1089 C  CB  . HIS A 1 167 ? -8.112  0.408   -14.906 1.00 30.01 ? 334 HIS A CB  1 
ATOM   1090 C  CG  . HIS A 1 167 ? -8.547  -0.895  -15.517 1.00 31.27 ? 334 HIS A CG  1 
ATOM   1091 N  ND1 . HIS A 1 167 ? -7.702  -1.687  -16.271 1.00 32.89 ? 334 HIS A ND1 1 
ATOM   1092 C  CD2 . HIS A 1 167 ? -9.744  -1.528  -15.507 1.00 30.48 ? 334 HIS A CD2 1 
ATOM   1093 C  CE1 . HIS A 1 167 ? -8.357  -2.761  -16.677 1.00 31.59 ? 334 HIS A CE1 1 
ATOM   1094 N  NE2 . HIS A 1 167 ? -9.600  -2.686  -16.229 1.00 29.21 ? 334 HIS A NE2 1 
ATOM   1095 N  N   . TYR A 1 168 ? -9.312  1.254   -17.932 1.00 28.25 ? 335 TYR A N   1 
ATOM   1096 C  CA  . TYR A 1 168 ? -10.557 1.351   -18.715 1.00 28.95 ? 335 TYR A CA  1 
ATOM   1097 C  C   . TYR A 1 168 ? -11.233 0.010   -18.903 1.00 28.41 ? 335 TYR A C   1 
ATOM   1098 O  O   . TYR A 1 168 ? -10.578 -0.950  -19.279 1.00 28.31 ? 335 TYR A O   1 
ATOM   1099 C  CB  . TYR A 1 168 ? -10.290 1.931   -20.101 1.00 28.50 ? 335 TYR A CB  1 
ATOM   1100 C  CG  . TYR A 1 168 ? -9.959  3.379   -20.052 1.00 29.33 ? 335 TYR A CG  1 
ATOM   1101 C  CD1 . TYR A 1 168 ? -10.962 4.339   -20.167 1.00 27.88 ? 335 TYR A CD1 1 
ATOM   1102 C  CD2 . TYR A 1 168 ? -8.659  3.796   -19.875 1.00 28.21 ? 335 TYR A CD2 1 
ATOM   1103 C  CE1 . TYR A 1 168 ? -10.663 5.679   -20.094 1.00 29.14 ? 335 TYR A CE1 1 
ATOM   1104 C  CE2 . TYR A 1 168 ? -8.351  5.137   -19.812 1.00 31.10 ? 335 TYR A CE2 1 
ATOM   1105 C  CZ  . TYR A 1 168 ? -9.352  6.074   -19.925 1.00 31.09 ? 335 TYR A CZ  1 
ATOM   1106 O  OH  . TYR A 1 168 ? -9.028  7.420   -19.872 1.00 33.63 ? 335 TYR A OH  1 
ATOM   1107 N  N   . ASN A 1 169 ? -12.543 -0.064  -18.656 1.00 28.50 ? 336 ASN A N   1 
ATOM   1108 C  CA  . ASN A 1 169 ? -13.294 -1.269  -19.066 1.00 28.82 ? 336 ASN A CA  1 
ATOM   1109 C  C   . ASN A 1 169 ? -14.173 -1.046  -20.287 1.00 29.34 ? 336 ASN A C   1 
ATOM   1110 O  O   . ASN A 1 169 ? -14.355 0.089   -20.740 1.00 28.28 ? 336 ASN A O   1 
ATOM   1111 C  CB  . ASN A 1 169 ? -14.121 -1.861  -17.930 1.00 28.29 ? 336 ASN A CB  1 
ATOM   1112 C  CG  . ASN A 1 169 ? -13.264 -2.502  -16.876 1.00 29.79 ? 336 ASN A CG  1 
ATOM   1113 O  OD1 . ASN A 1 169 ? -12.327 -3.239  -17.189 1.00 31.99 ? 336 ASN A OD1 1 
ATOM   1114 N  ND2 . ASN A 1 169 ? -13.550 -2.196  -15.613 1.00 29.31 ? 336 ASN A ND2 1 
ATOM   1115 N  N   . SER A 1 170 ? -14.737 -2.134  -20.808 1.00 30.23 ? 337 SER A N   1 
ATOM   1116 C  CA  . SER A 1 170 ? -15.616 -2.030  -21.957 1.00 31.80 ? 337 SER A CA  1 
ATOM   1117 C  C   . SER A 1 170 ? -17.084 -1.950  -21.540 1.00 32.52 ? 337 SER A C   1 
ATOM   1118 O  O   . SER A 1 170 ? -17.572 -2.803  -20.823 1.00 33.11 ? 337 SER A O   1 
ATOM   1119 C  CB  . SER A 1 170 ? -15.387 -3.209  -22.899 1.00 31.53 ? 337 SER A CB  1 
ATOM   1120 O  OG  . SER A 1 170 ? -16.291 -3.150  -23.980 1.00 32.00 ? 337 SER A OG  1 
ATOM   1121 N  N   . VAL A 1 171 ? -17.788 -0.929  -22.011 1.00 34.01 ? 338 VAL A N   1 
ATOM   1122 C  CA  . VAL A 1 171 ? -19.189 -0.749  -21.648 1.00 35.33 ? 338 VAL A CA  1 
ATOM   1123 C  C   . VAL A 1 171 ? -20.131 -1.284  -22.736 1.00 36.48 ? 338 VAL A C   1 
ATOM   1124 O  O   . VAL A 1 171 ? -20.377 -0.620  -23.723 1.00 36.63 ? 338 VAL A O   1 
ATOM   1125 C  CB  . VAL A 1 171 ? -19.473 0.724   -21.331 1.00 35.32 ? 338 VAL A CB  1 
ATOM   1126 C  CG1 . VAL A 1 171 ? -20.972 0.980   -21.231 1.00 35.28 ? 338 VAL A CG1 1 
ATOM   1127 C  CG2 . VAL A 1 171 ? -18.765 1.126   -20.027 1.00 34.90 ? 338 VAL A CG2 1 
ATOM   1128 N  N   . VAL A 1 172 ? -20.630 -2.497  -22.548 1.00 38.63 ? 339 VAL A N   1 
ATOM   1129 C  CA  . VAL A 1 172 ? -21.411 -3.208  -23.573 1.00 41.05 ? 339 VAL A CA  1 
ATOM   1130 C  C   . VAL A 1 172 ? -22.924 -2.934  -23.519 1.00 42.98 ? 339 VAL A C   1 
ATOM   1131 O  O   . VAL A 1 172 ? -23.509 -2.820  -22.441 1.00 42.85 ? 339 VAL A O   1 
ATOM   1132 C  CB  . VAL A 1 172 ? -21.177 -4.737  -23.475 1.00 40.92 ? 339 VAL A CB  1 
ATOM   1133 C  CG1 . VAL A 1 172 ? -22.022 -5.500  -24.520 1.00 40.92 ? 339 VAL A CG1 1 
ATOM   1134 C  CG2 . VAL A 1 172 ? -19.684 -5.060  -23.642 1.00 40.64 ? 339 VAL A CG2 1 
ATOM   1135 N  N   . ASN A 1 173 ? -23.540 -2.831  -24.694 1.00 45.31 ? 340 ASN A N   1 
ATOM   1136 C  CA  . ASN A 1 173 ? -24.989 -2.720  -24.813 1.00 47.65 ? 340 ASN A CA  1 
ATOM   1137 C  C   . ASN A 1 173 ? -25.587 -3.910  -25.559 1.00 49.53 ? 340 ASN A C   1 
ATOM   1138 O  O   . ASN A 1 173 ? -25.650 -3.906  -26.791 1.00 49.82 ? 340 ASN A O   1 
ATOM   1139 C  CB  . ASN A 1 173 ? -25.370 -1.426  -25.533 1.00 47.66 ? 340 ASN A CB  1 
ATOM   1140 C  CG  . ASN A 1 173 ? -26.876 -1.311  -25.767 1.00 48.93 ? 340 ASN A CG  1 
ATOM   1141 O  OD1 . ASN A 1 173 ? -27.674 -1.929  -25.057 1.00 50.24 ? 340 ASN A OD1 1 
ATOM   1142 N  ND2 . ASN A 1 173 ? -27.267 -0.523  -26.765 1.00 48.36 ? 340 ASN A ND2 1 
ATOM   1143 N  N   . PRO A 1 174 ? -26.022 -4.946  -24.824 1.00 51.33 ? 341 PRO A N   1 
ATOM   1144 C  CA  . PRO A 1 174 ? -26.660 -6.085  -25.487 1.00 52.79 ? 341 PRO A CA  1 
ATOM   1145 C  C   . PRO A 1 174 ? -27.968 -5.709  -26.193 1.00 54.02 ? 341 PRO A C   1 
ATOM   1146 O  O   . PRO A 1 174 ? -28.243 -6.205  -27.292 1.00 54.84 ? 341 PRO A O   1 
ATOM   1147 C  CB  . PRO A 1 174 ? -26.933 -7.065  -24.330 1.00 52.65 ? 341 PRO A CB  1 
ATOM   1148 C  CG  . PRO A 1 174 ? -25.995 -6.648  -23.247 1.00 52.44 ? 341 PRO A CG  1 
ATOM   1149 C  CD  . PRO A 1 174 ? -25.906 -5.153  -23.370 1.00 51.56 ? 341 PRO A CD  1 
ATOM   1150 N  N   . ASN A 1 175 ? -28.747 -4.822  -25.579 1.00 55.16 ? 342 ASN A N   1 
ATOM   1151 C  CA  . ASN A 1 175 ? -30.072 -4.447  -26.082 1.00 56.32 ? 342 ASN A CA  1 
ATOM   1152 C  C   . ASN A 1 175 ? -30.081 -3.908  -27.519 1.00 56.67 ? 342 ASN A C   1 
ATOM   1153 O  O   . ASN A 1 175 ? -29.034 -3.708  -28.145 1.00 57.13 ? 342 ASN A O   1 
ATOM   1154 C  CB  . ASN A 1 175 ? -30.730 -3.425  -25.140 1.00 56.86 ? 342 ASN A CB  1 
ATOM   1155 C  CG  . ASN A 1 175 ? -30.803 -3.914  -23.694 1.00 58.20 ? 342 ASN A CG  1 
ATOM   1156 O  OD1 . ASN A 1 175 ? -30.942 -5.116  -23.436 1.00 60.28 ? 342 ASN A OD1 1 
ATOM   1157 N  ND2 . ASN A 1 175 ? -30.706 -2.980  -22.744 1.00 58.82 ? 342 ASN A ND2 1 
HETATM 1158 O  O   . HOH B 2 .   ? 1.348   -5.301  -3.734  1.00 30.66 ? 1   HOH A O   1 
HETATM 1159 O  O   . HOH B 2 .   ? 1.325   18.601  -0.521  1.00 51.10 ? 2   HOH A O   1 
HETATM 1160 O  O   . HOH B 2 .   ? -1.806  0.018   15.148  1.00 48.34 ? 3   HOH A O   1 
HETATM 1161 O  O   . HOH B 2 .   ? -0.790  8.012   -4.359  1.00 29.09 ? 4   HOH A O   1 
HETATM 1162 O  O   . HOH B 2 .   ? -3.030  6.029   -13.370 1.00 35.46 ? 5   HOH A O   1 
HETATM 1163 O  O   . HOH B 2 .   ? 11.185  -10.358 -7.563  1.00 66.56 ? 6   HOH A O   1 
HETATM 1164 O  O   . HOH B 2 .   ? -2.683  10.940  -8.143  1.00 51.08 ? 7   HOH A O   1 
HETATM 1165 O  O   . HOH B 2 .   ? -3.901  7.932   -4.426  1.00 51.60 ? 8   HOH A O   1 
HETATM 1166 O  O   . HOH B 2 .   ? 7.351   -5.300  -10.908 1.00 53.50 ? 9   HOH A O   1 
HETATM 1167 O  O   . HOH B 2 .   ? -1.439  -3.894  -5.283  1.00 31.58 ? 10  HOH A O   1 
HETATM 1168 O  O   . HOH B 2 .   ? 14.285  -6.823  -6.626  1.00 49.17 ? 11  HOH A O   1 
HETATM 1169 O  O   . HOH B 2 .   ? 14.461  -5.957  2.671   1.00 57.94 ? 12  HOH A O   1 
HETATM 1170 O  O   . HOH B 2 .   ? 15.183  -6.111  -3.277  1.00 49.26 ? 13  HOH A O   1 
HETATM 1171 O  O   . HOH B 2 .   ? -9.068  6.050   -2.584  1.00 41.48 ? 14  HOH A O   1 
HETATM 1172 O  O   . HOH B 2 .   ? 2.154   10.044  2.432   1.00 25.02 ? 15  HOH A O   1 
HETATM 1173 O  O   . HOH B 2 .   ? 15.992  -9.755  -4.263  1.00 50.46 ? 16  HOH A O   1 
HETATM 1174 O  O   . HOH B 2 .   ? 0.743   -5.029  -6.212  1.00 60.50 ? 17  HOH A O   1 
HETATM 1175 O  O   . HOH B 2 .   ? -18.292 -8.434  14.138  1.00 74.38 ? 18  HOH A O   1 
HETATM 1176 O  O   . HOH B 2 .   ? 10.241  -3.506  -9.429  1.00 41.71 ? 19  HOH A O   1 
HETATM 1177 O  O   . HOH B 2 .   ? -14.922 -14.670 14.634  1.00 61.73 ? 20  HOH A O   1 
HETATM 1178 O  O   . HOH B 2 .   ? 5.881   -14.225 5.803   1.00 33.83 ? 21  HOH A O   1 
HETATM 1179 O  O   . HOH B 2 .   ? 3.599   -1.133  -11.403 1.00 58.93 ? 22  HOH A O   1 
HETATM 1180 O  O   . HOH B 2 .   ? -3.323  -13.664 -6.718  1.00 57.05 ? 23  HOH A O   1 
HETATM 1181 O  O   . HOH B 2 .   ? -18.918 -9.134  7.753   1.00 65.22 ? 24  HOH A O   1 
HETATM 1182 O  O   . HOH B 2 .   ? -4.071  15.403  3.061   1.00 71.46 ? 25  HOH A O   1 
HETATM 1183 O  O   . HOH B 2 .   ? -2.331  -3.903  -7.900  1.00 46.16 ? 26  HOH A O   1 
HETATM 1184 O  O   . HOH B 2 .   ? 0.712   12.860  4.385   1.00 53.57 ? 27  HOH A O   1 
HETATM 1185 O  O   . HOH B 2 .   ? 2.250   4.590   -9.669  1.00 59.64 ? 28  HOH A O   1 
HETATM 1186 O  O   . HOH B 2 .   ? -6.034  15.172  -7.201  1.00 44.71 ? 29  HOH A O   1 
HETATM 1187 O  O   . HOH B 2 .   ? -5.515  5.620   13.098  1.00 61.59 ? 30  HOH A O   1 
HETATM 1188 O  O   . HOH B 2 .   ? 12.152  -3.543  4.585   1.00 68.42 ? 31  HOH A O   1 
HETATM 1189 O  O   . HOH B 2 .   ? -15.758 -7.302  9.471   1.00 71.45 ? 32  HOH A O   1 
HETATM 1190 O  O   . HOH B 2 .   ? -13.125 -9.597  5.343   1.00 43.44 ? 33  HOH A O   1 
HETATM 1191 O  O   . HOH B 2 .   ? -18.055 -9.976  1.014   1.00 61.78 ? 34  HOH A O   1 
HETATM 1192 O  O   . HOH B 2 .   ? 3.598   -20.775 7.976   1.00 66.81 ? 35  HOH A O   1 
HETATM 1193 O  O   . HOH B 2 .   ? -6.325  -9.105  -0.352  1.00 42.05 ? 36  HOH A O   1 
HETATM 1194 O  O   . HOH B 2 .   ? 12.994  -3.532  -1.545  1.00 55.07 ? 37  HOH A O   1 
HETATM 1195 O  O   . HOH B 2 .   ? -6.021  8.399   -4.838  1.00 46.29 ? 38  HOH A O   1 
HETATM 1196 O  O   . HOH B 2 .   ? 13.409  -4.605  0.946   1.00 70.77 ? 39  HOH A O   1 
HETATM 1197 O  O   . HOH B 2 .   ? 17.271  -1.156  10.985  1.00 77.19 ? 40  HOH A O   1 
HETATM 1198 O  O   . HOH B 2 .   ? 9.084   -0.540  16.020  1.00 51.03 ? 41  HOH A O   1 
HETATM 1199 O  O   . HOH B 2 .   ? -19.742 -7.376  8.544   1.00 55.30 ? 42  HOH A O   1 
HETATM 1200 O  O   . HOH B 2 .   ? 1.449   6.826   14.485  1.00 60.43 ? 43  HOH A O   1 
HETATM 1201 O  O   . HOH B 2 .   ? -2.446  6.915   -8.128  1.00 33.14 ? 44  HOH A O   1 
HETATM 1202 O  O   . HOH B 2 .   ? -8.279  1.934   10.576  1.00 64.40 ? 45  HOH A O   1 
HETATM 1203 O  O   . HOH B 2 .   ? 7.243   5.170   16.510  1.00 76.21 ? 46  HOH A O   1 
HETATM 1204 O  O   . HOH B 2 .   ? 10.714  -7.257  -5.718  1.00 35.93 ? 47  HOH A O   1 
HETATM 1205 O  O   . HOH B 2 .   ? 15.234  3.362   16.385  1.00 85.21 ? 48  HOH A O   1 
HETATM 1206 O  O   . HOH B 2 .   ? 12.335  1.272   19.721  1.00 87.06 ? 49  HOH A O   1 
HETATM 1207 O  O   . HOH B 2 .   ? 11.394  2.575   17.213  1.00 65.36 ? 50  HOH A O   1 
HETATM 1208 O  O   . HOH B 2 .   ? -5.454  -19.843 17.588  1.00 90.15 ? 51  HOH A O   1 
HETATM 1209 O  O   . HOH B 2 .   ? 19.716  -1.074  18.743  1.00 73.21 ? 52  HOH A O   1 
HETATM 1210 O  O   . HOH B 2 .   ? -0.996  -16.901 -3.643  1.00 68.41 ? 53  HOH A O   1 
HETATM 1211 O  O   . HOH B 2 .   ? 10.110  4.979   17.403  1.00 62.42 ? 54  HOH A O   1 
HETATM 1212 O  O   . HOH B 2 .   ? -0.870  -13.122 -8.789  1.00 64.03 ? 57  HOH A O   1 
HETATM 1213 O  O   . HOH B 2 .   ? -1.007  -9.335  -5.582  1.00 61.16 ? 58  HOH A O   1 
# 
